data_4ZV9
#
_entry.id   4ZV9
#
_cell.length_a   70.615
_cell.length_b   96.341
_cell.length_c   129.617
_cell.angle_alpha   90.00
_cell.angle_beta   98.22
_cell.angle_gamma   90.00
#
_symmetry.space_group_name_H-M   'P 1 21 1'
#
loop_
_entity.id
_entity.type
_entity.pdbx_description
1 polymer 'Uncharacterized protein'
2 non-polymer GLYCEROL
3 non-polymer 'PHOSPHATE ION'
4 non-polymer 'TRIETHYLENE GLYCOL'
5 non-polymer DI(HYDROXYETHYL)ETHER
6 water water
#
_entity_poly.entity_id   1
_entity_poly.type   'polypeptide(L)'
_entity_poly.pdbx_seq_one_letter_code
;SNAQVEFTDPEIFAEYITYPSPNGHGEVRGYLVKPAK(MSE)SGKTPAVVVVHENRGLNPYIEDVARRVAKAGYIALAPD
GLNSVGGYPGNDDKGRELQQQVDPTKL(MSE)NDFFAAIEF(MSE)QRYPQATGKVGITGF(CME)YGGGVSNAAAVAYP
ELACAVPFYGRQAPTADVAKIEAPLLLHFAELDTRINEGWPAYEAALKANNKVYEAYIYPGVNHGFHNDSTPRYDKSAAD
LAWQRTLKWFDKYL
;
_entity_poly.pdbx_strand_id   A,B,C,D,E,F
#
loop_
_chem_comp.id
_chem_comp.type
_chem_comp.name
_chem_comp.formula
GOL non-polymer GLYCEROL 'C3 H8 O3'
PEG non-polymer DI(HYDROXYETHYL)ETHER 'C4 H10 O3'
PGE non-polymer 'TRIETHYLENE GLYCOL' 'C6 H14 O4'
PO4 non-polymer 'PHOSPHATE ION' 'O4 P -3'
#
# COMPACT_ATOMS: atom_id res chain seq x y z
N SER A 1 30.60 4.72 37.92
CA SER A 1 29.18 5.09 38.18
C SER A 1 28.29 4.54 37.08
N ASN A 2 27.12 4.04 37.47
CA ASN A 2 26.13 3.53 36.52
C ASN A 2 24.97 4.53 36.32
N ALA A 3 25.17 5.76 36.78
CA ALA A 3 24.15 6.78 36.67
C ALA A 3 23.86 7.07 35.22
N GLN A 4 22.62 7.49 34.94
N GLN A 4 22.63 7.50 34.94
CA GLN A 4 22.29 7.98 33.61
CA GLN A 4 22.29 7.97 33.63
C GLN A 4 23.14 9.21 33.35
C GLN A 4 23.13 9.21 33.35
N VAL A 5 23.48 9.39 32.08
CA VAL A 5 24.31 10.49 31.65
C VAL A 5 23.49 11.36 30.73
N GLU A 6 23.34 12.62 31.10
CA GLU A 6 22.61 13.59 30.30
C GLU A 6 23.27 13.71 28.90
N PHE A 7 22.47 13.79 27.83
CA PHE A 7 23.03 13.91 26.50
C PHE A 7 23.92 15.15 26.36
N THR A 8 23.68 16.16 27.21
CA THR A 8 24.43 17.41 27.22
C THR A 8 25.61 17.45 28.19
N ASP A 9 25.88 16.33 28.85
CA ASP A 9 26.98 16.26 29.83
C ASP A 9 28.28 16.78 29.21
N PRO A 10 28.86 17.84 29.79
CA PRO A 10 30.06 18.43 29.16
C PRO A 10 31.30 17.53 29.12
N GLU A 11 31.28 16.42 29.85
CA GLU A 11 32.44 15.52 29.87
C GLU A 11 32.41 14.52 28.73
N ILE A 12 31.37 14.54 27.90
CA ILE A 12 31.30 13.63 26.76
C ILE A 12 30.98 14.39 25.49
N PHE A 13 31.35 13.81 24.35
CA PHE A 13 31.04 14.37 23.06
C PHE A 13 30.38 13.27 22.23
N ALA A 14 29.12 13.46 21.88
CA ALA A 14 28.34 12.47 21.14
C ALA A 14 27.91 12.93 19.75
N GLU A 15 27.99 12.03 18.78
CA GLU A 15 27.56 12.33 17.42
C GLU A 15 27.19 11.06 16.70
N TYR A 16 26.28 11.16 15.73
CA TYR A 16 25.95 10.02 14.88
C TYR A 16 26.94 10.01 13.75
N ILE A 17 27.38 8.83 13.37
CA ILE A 17 28.32 8.66 12.27
C ILE A 17 27.83 7.54 11.40
N THR A 18 28.52 7.32 10.30
CA THR A 18 28.27 6.14 9.49
C THR A 18 29.62 5.44 9.34
N TYR A 19 29.61 4.11 9.21
CA TYR A 19 30.85 3.37 8.99
C TYR A 19 30.55 2.22 8.02
N PRO A 20 31.58 1.71 7.34
CA PRO A 20 31.33 0.65 6.38
C PRO A 20 31.18 -0.75 6.96
N SER A 21 30.22 -1.50 6.41
CA SER A 21 29.99 -2.90 6.76
C SER A 21 29.76 -3.63 5.45
N PRO A 22 30.85 -3.95 4.73
CA PRO A 22 30.76 -4.57 3.40
C PRO A 22 30.05 -5.93 3.36
N ASN A 23 30.06 -6.66 4.47
CA ASN A 23 29.40 -7.96 4.55
C ASN A 23 28.10 -7.89 5.34
N GLY A 24 27.68 -6.68 5.65
CA GLY A 24 26.44 -6.44 6.37
C GLY A 24 25.55 -5.54 5.55
N HIS A 25 25.17 -4.40 6.10
CA HIS A 25 24.24 -3.51 5.40
C HIS A 25 24.88 -2.30 4.72
N GLY A 26 26.17 -2.40 4.39
CA GLY A 26 26.86 -1.32 3.70
C GLY A 26 27.28 -0.17 4.61
N GLU A 27 26.71 1.02 4.42
CA GLU A 27 27.05 2.16 5.26
C GLU A 27 26.10 2.17 6.44
N VAL A 28 26.62 1.85 7.62
CA VAL A 28 25.80 1.70 8.82
C VAL A 28 25.93 2.90 9.76
N ARG A 29 24.79 3.36 10.26
CA ARG A 29 24.73 4.48 11.20
C ARG A 29 25.03 3.98 12.61
N GLY A 30 25.77 4.78 13.37
CA GLY A 30 26.09 4.46 14.75
C GLY A 30 26.20 5.71 15.61
N TYR A 31 25.96 5.55 16.90
CA TYR A 31 26.09 6.61 17.89
C TYR A 31 27.48 6.51 18.50
N LEU A 32 28.34 7.48 18.20
CA LEU A 32 29.71 7.49 18.68
C LEU A 32 29.85 8.50 19.83
N VAL A 33 30.34 8.05 20.99
CA VAL A 33 30.54 8.95 22.12
C VAL A 33 31.99 8.88 22.61
N LYS A 34 32.63 10.03 22.77
CA LYS A 34 34.02 10.13 23.23
C LYS A 34 34.11 10.94 24.51
N PRO A 35 35.17 10.71 25.30
CA PRO A 35 35.43 11.61 26.41
C PRO A 35 35.72 12.99 25.80
N ALA A 36 35.16 14.06 26.37
CA ALA A 36 35.32 15.40 25.81
C ALA A 36 36.77 15.88 25.87
N LYS A 37 37.47 15.52 26.92
CA LYS A 37 38.86 15.91 27.09
C LYS A 37 39.76 14.71 26.87
N MSE A 38 40.33 14.62 25.67
CA MSE A 38 41.23 13.52 25.33
C MSE A 38 42.47 14.09 24.70
O MSE A 38 42.41 14.79 23.69
CB MSE A 38 40.54 12.52 24.41
CG MSE A 38 40.45 12.97 22.96
SE MSE A 38 38.87 12.24 22.04
CE MSE A 38 38.82 10.38 22.68
N SER A 39 43.62 13.84 25.31
CA SER A 39 44.88 14.31 24.77
C SER A 39 45.33 13.27 23.74
N GLY A 40 45.64 12.06 24.20
CA GLY A 40 46.17 11.02 23.33
C GLY A 40 45.12 10.05 22.81
N LYS A 41 45.59 8.96 22.21
CA LYS A 41 44.72 7.92 21.72
C LYS A 41 44.01 7.24 22.90
N THR A 42 42.77 6.83 22.68
CA THR A 42 41.92 6.26 23.71
C THR A 42 41.42 4.86 23.27
N PRO A 43 41.30 3.91 24.22
CA PRO A 43 40.73 2.60 23.85
C PRO A 43 39.24 2.72 23.50
N ALA A 44 38.72 1.73 22.79
CA ALA A 44 37.34 1.76 22.33
C ALA A 44 36.51 0.56 22.82
N VAL A 45 35.19 0.78 22.88
CA VAL A 45 34.24 -0.26 23.25
C VAL A 45 33.08 -0.20 22.30
N VAL A 46 32.74 -1.34 21.70
CA VAL A 46 31.55 -1.43 20.88
C VAL A 46 30.42 -1.85 21.84
N VAL A 47 29.29 -1.15 21.76
CA VAL A 47 28.14 -1.43 22.60
C VAL A 47 27.02 -1.97 21.71
N VAL A 48 26.57 -3.18 21.98
CA VAL A 48 25.56 -3.83 21.17
C VAL A 48 24.21 -3.80 21.86
N HIS A 49 23.20 -3.32 21.14
CA HIS A 49 21.85 -3.21 21.71
C HIS A 49 21.13 -4.55 21.89
N GLU A 50 19.89 -4.48 22.37
CA GLU A 50 19.06 -5.65 22.62
C GLU A 50 18.32 -6.07 21.33
N ASN A 51 17.12 -6.62 21.46
CA ASN A 51 16.34 -7.08 20.31
C ASN A 51 15.39 -6.05 19.70
N ARG A 52 15.63 -4.77 19.95
CA ARG A 52 14.74 -3.74 19.45
C ARG A 52 15.44 -2.48 18.96
N GLY A 53 16.66 -2.64 18.45
CA GLY A 53 17.43 -1.54 17.88
C GLY A 53 18.06 -0.57 18.87
N LEU A 54 18.54 0.54 18.34
CA LEU A 54 19.28 1.51 19.10
C LEU A 54 18.34 2.48 19.77
N ASN A 55 17.88 2.14 20.97
CA ASN A 55 16.89 2.94 21.68
C ASN A 55 17.59 3.85 22.70
N PRO A 56 16.84 4.74 23.35
CA PRO A 56 17.52 5.68 24.27
C PRO A 56 18.33 5.04 25.42
N TYR A 57 17.93 3.88 25.90
CA TYR A 57 18.68 3.19 26.96
C TYR A 57 20.07 2.84 26.50
N ILE A 58 20.19 2.26 25.32
CA ILE A 58 21.51 1.90 24.79
C ILE A 58 22.36 3.13 24.51
N GLU A 59 21.75 4.19 23.99
CA GLU A 59 22.48 5.43 23.77
C GLU A 59 23.03 5.98 25.10
N ASP A 60 22.23 5.88 26.15
CA ASP A 60 22.69 6.30 27.47
C ASP A 60 23.88 5.43 27.91
N VAL A 61 23.80 4.12 27.68
CA VAL A 61 24.89 3.23 28.07
C VAL A 61 26.18 3.65 27.36
N ALA A 62 26.07 4.02 26.08
CA ALA A 62 27.23 4.48 25.33
C ALA A 62 27.83 5.71 26.01
N ARG A 63 27.00 6.62 26.46
CA ARG A 63 27.48 7.79 27.18
C ARG A 63 28.14 7.41 28.52
N ARG A 64 27.61 6.41 29.21
CA ARG A 64 28.23 5.93 30.46
C ARG A 64 29.64 5.37 30.20
N VAL A 65 29.80 4.68 29.09
CA VAL A 65 31.11 4.17 28.69
C VAL A 65 32.09 5.32 28.45
N ALA A 66 31.65 6.35 27.75
CA ALA A 66 32.50 7.51 27.50
C ALA A 66 32.83 8.25 28.80
N LYS A 67 31.88 8.33 29.72
CA LYS A 67 32.15 8.96 31.04
C LYS A 67 33.23 8.20 31.78
N ALA A 68 33.30 6.89 31.56
CA ALA A 68 34.32 6.06 32.20
C ALA A 68 35.69 6.20 31.52
N GLY A 69 35.76 6.91 30.40
CA GLY A 69 37.03 7.19 29.71
C GLY A 69 37.33 6.43 28.41
N TYR A 70 36.32 5.84 27.78
CA TYR A 70 36.53 5.10 26.52
C TYR A 70 35.73 5.67 25.37
N ILE A 71 36.18 5.42 24.13
CA ILE A 71 35.38 5.81 22.96
C ILE A 71 34.37 4.70 22.77
N ALA A 72 33.08 5.05 22.76
CA ALA A 72 32.03 4.06 22.62
C ALA A 72 31.32 4.22 21.28
N LEU A 73 31.08 3.09 20.61
CA LEU A 73 30.32 3.09 19.36
C LEU A 73 29.18 2.09 19.50
N ALA A 74 27.96 2.57 19.35
CA ALA A 74 26.75 1.76 19.42
C ALA A 74 26.06 1.79 18.06
N PRO A 75 26.25 0.73 17.24
CA PRO A 75 25.62 0.72 15.93
C PRO A 75 24.10 0.62 15.99
N ASP A 76 23.45 1.05 14.91
CA ASP A 76 22.01 0.91 14.78
C ASP A 76 21.66 -0.27 13.86
N GLY A 77 21.21 -1.36 14.47
CA GLY A 77 20.87 -2.57 13.74
C GLY A 77 19.61 -2.46 12.91
N LEU A 78 18.84 -1.39 13.13
CA LEU A 78 17.65 -1.15 12.33
C LEU A 78 17.89 -0.14 11.22
N ASN A 79 19.15 0.19 10.94
CA ASN A 79 19.44 1.22 9.96
C ASN A 79 18.92 0.90 8.56
N SER A 80 18.83 -0.38 8.22
CA SER A 80 18.37 -0.78 6.90
C SER A 80 16.85 -0.71 6.74
N VAL A 81 16.11 -0.55 7.85
CA VAL A 81 14.66 -0.50 7.81
C VAL A 81 14.11 0.77 8.49
N GLY A 82 14.87 1.87 8.36
CA GLY A 82 14.47 3.18 8.87
C GLY A 82 14.95 3.63 10.24
N GLY A 83 15.68 2.79 10.96
CA GLY A 83 16.16 3.14 12.29
C GLY A 83 15.18 2.82 13.40
N TYR A 84 15.61 3.03 14.65
CA TYR A 84 14.71 2.88 15.77
C TYR A 84 13.40 3.65 15.47
N PRO A 85 12.25 2.95 15.47
CA PRO A 85 10.98 3.58 15.10
C PRO A 85 10.28 4.40 16.18
N GLY A 86 10.85 4.48 17.38
CA GLY A 86 10.31 5.30 18.45
C GLY A 86 9.70 4.53 19.61
N ASN A 87 9.41 3.26 19.38
CA ASN A 87 8.90 2.38 20.43
C ASN A 87 9.48 0.98 20.31
N ASP A 88 9.61 0.33 21.46
CA ASP A 88 10.24 -0.98 21.53
C ASP A 88 9.46 -2.10 20.83
N ASP A 89 8.13 -2.05 20.85
CA ASP A 89 7.33 -3.09 20.16
C ASP A 89 7.61 -3.11 18.66
N LYS A 90 7.60 -1.93 18.03
CA LYS A 90 7.86 -1.86 16.60
C LYS A 90 9.34 -2.19 16.35
N GLY A 91 10.20 -1.78 17.28
CA GLY A 91 11.63 -2.08 17.17
C GLY A 91 11.85 -3.58 17.12
N ARG A 92 11.16 -4.31 17.99
CA ARG A 92 11.28 -5.78 18.05
C ARG A 92 10.82 -6.44 16.76
N GLU A 93 9.68 -6.00 16.26
N GLU A 93 9.67 -5.99 16.26
CA GLU A 93 9.13 -6.50 15.01
CA GLU A 93 9.11 -6.50 14.98
C GLU A 93 10.07 -6.24 13.83
C GLU A 93 10.07 -6.24 13.83
N LEU A 94 10.62 -5.04 13.76
CA LEU A 94 11.54 -4.70 12.68
C LEU A 94 12.84 -5.51 12.75
N GLN A 95 13.39 -5.69 13.95
CA GLN A 95 14.68 -6.38 14.07
C GLN A 95 14.55 -7.83 13.59
N GLN A 96 13.39 -8.43 13.79
CA GLN A 96 13.12 -9.78 13.30
C GLN A 96 13.17 -9.92 11.78
N GLN A 97 12.89 -8.83 11.06
CA GLN A 97 12.89 -8.82 9.61
C GLN A 97 14.30 -8.63 9.04
N VAL A 98 15.25 -8.22 9.84
CA VAL A 98 16.61 -7.97 9.36
C VAL A 98 17.36 -9.31 9.26
N ASP A 99 18.10 -9.48 8.18
CA ASP A 99 18.88 -10.72 7.99
C ASP A 99 19.85 -10.88 9.18
N PRO A 100 19.76 -12.00 9.92
CA PRO A 100 20.61 -12.18 11.10
C PRO A 100 22.12 -12.11 10.85
N THR A 101 22.59 -12.72 9.78
CA THR A 101 24.03 -12.72 9.47
C THR A 101 24.53 -11.32 9.17
N LYS A 102 23.78 -10.56 8.37
CA LYS A 102 24.19 -9.21 8.01
C LYS A 102 24.16 -8.30 9.21
N LEU A 103 23.17 -8.49 10.08
CA LEU A 103 23.06 -7.71 11.31
C LEU A 103 24.28 -7.96 12.21
N MSE A 104 24.62 -9.22 12.44
N MSE A 104 24.62 -9.22 12.43
CA MSE A 104 25.78 -9.56 13.25
CA MSE A 104 25.78 -9.56 13.25
C MSE A 104 27.02 -8.99 12.64
C MSE A 104 27.02 -8.99 12.64
O MSE A 104 27.86 -8.43 13.34
O MSE A 104 27.86 -8.43 13.34
CB MSE A 104 25.91 -11.08 13.39
CB MSE A 104 25.91 -11.07 13.37
CG MSE A 104 27.13 -11.45 14.22
CG MSE A 104 27.13 -11.42 14.22
SE MSE A 104 27.34 -13.41 14.18
SE MSE A 104 27.30 -13.36 14.24
CE MSE A 104 27.89 -13.59 12.28
CE MSE A 104 26.50 -13.42 16.03
N ASN A 105 27.15 -9.09 11.31
CA ASN A 105 28.29 -8.53 10.61
C ASN A 105 28.47 -7.02 10.80
N ASP A 106 27.37 -6.30 10.94
CA ASP A 106 27.43 -4.88 11.19
C ASP A 106 28.16 -4.62 12.49
N PHE A 107 27.90 -5.43 13.51
CA PHE A 107 28.58 -5.25 14.80
C PHE A 107 30.05 -5.66 14.72
N PHE A 108 30.34 -6.70 13.97
CA PHE A 108 31.72 -7.12 13.73
C PHE A 108 32.47 -6.02 12.99
N ALA A 109 31.81 -5.39 12.00
CA ALA A 109 32.41 -4.30 11.24
C ALA A 109 32.69 -3.08 12.14
N ALA A 110 31.84 -2.88 13.15
CA ALA A 110 32.05 -1.79 14.10
C ALA A 110 33.34 -2.03 14.92
N ILE A 111 33.59 -3.28 15.28
CA ILE A 111 34.83 -3.63 15.97
C ILE A 111 36.03 -3.24 15.08
N GLU A 112 35.97 -3.62 13.83
CA GLU A 112 37.07 -3.36 12.90
C GLU A 112 37.28 -1.86 12.68
N PHE A 113 36.17 -1.12 12.56
CA PHE A 113 36.22 0.31 12.38
C PHE A 113 36.86 0.98 13.59
N MSE A 114 36.52 0.54 14.79
N MSE A 114 36.52 0.54 14.79
CA MSE A 114 37.09 1.13 16.00
CA MSE A 114 37.08 1.14 16.00
C MSE A 114 38.55 0.74 16.17
C MSE A 114 38.54 0.75 16.17
O MSE A 114 39.31 1.45 16.81
O MSE A 114 39.31 1.45 16.81
CB MSE A 114 36.25 0.76 17.24
CB MSE A 114 36.24 0.78 17.23
CG MSE A 114 34.90 1.46 17.24
CG MSE A 114 34.87 1.49 17.20
SE MSE A 114 35.23 3.38 17.64
SE MSE A 114 35.02 3.45 16.94
CE MSE A 114 35.32 4.13 15.84
CE MSE A 114 36.10 3.80 18.54
N GLN A 115 38.95 -0.40 15.60
N GLN A 115 38.93 -0.38 15.60
CA GLN A 115 40.36 -0.83 15.64
CA GLN A 115 40.32 -0.82 15.66
C GLN A 115 41.25 0.15 14.88
C GLN A 115 41.23 0.13 14.87
N ARG A 116 40.72 0.67 13.77
CA ARG A 116 41.47 1.55 12.90
C ARG A 116 41.17 3.04 13.09
N TYR A 117 40.29 3.37 14.03
CA TYR A 117 39.87 4.75 14.26
C TYR A 117 41.09 5.57 14.69
N PRO A 118 41.39 6.66 13.97
CA PRO A 118 42.59 7.47 14.28
C PRO A 118 42.76 7.92 15.73
N GLN A 119 41.66 8.29 16.40
CA GLN A 119 41.74 8.74 17.78
C GLN A 119 41.71 7.61 18.78
N ALA A 120 41.57 6.37 18.31
CA ALA A 120 41.62 5.21 19.18
C ALA A 120 43.02 4.55 19.21
N THR A 121 43.27 3.73 20.23
CA THR A 121 44.58 3.07 20.41
C THR A 121 44.75 1.87 19.53
N GLY A 122 43.65 1.30 19.06
CA GLY A 122 43.70 0.03 18.34
C GLY A 122 43.09 -1.10 19.13
N LYS A 123 43.02 -0.99 20.45
CA LYS A 123 42.38 -2.01 21.29
C LYS A 123 40.87 -1.76 21.35
N VAL A 124 40.08 -2.81 21.19
CA VAL A 124 38.65 -2.72 21.20
C VAL A 124 38.03 -3.80 22.07
N GLY A 125 37.12 -3.40 22.94
CA GLY A 125 36.35 -4.32 23.76
C GLY A 125 34.91 -4.27 23.29
N ILE A 126 34.08 -5.18 23.79
CA ILE A 126 32.69 -5.21 23.40
C ILE A 126 31.80 -5.58 24.59
N THR A 127 30.61 -4.99 24.63
CA THR A 127 29.63 -5.32 25.65
C THR A 127 28.27 -5.19 25.01
N GLY A 128 27.33 -5.96 25.52
CA GLY A 128 25.99 -5.94 24.98
C GLY A 128 25.01 -6.62 25.91
N PHE A 129 23.74 -6.40 25.65
CA PHE A 129 22.68 -6.90 26.50
C PHE A 129 21.70 -7.73 25.69
N CME A 130 21.27 -8.86 26.25
CA CME A 130 20.29 -9.73 25.62
CB CME A 130 19.01 -8.83 25.61
SG CME A 130 17.48 -9.70 25.49
SD CME A 130 17.13 -9.51 23.55
CE CME A 130 17.46 -11.21 23.15
CZ CME A 130 17.08 -11.48 21.70
OH CME A 130 17.92 -12.45 21.09
C CME A 130 20.87 -10.18 24.29
O CME A 130 21.93 -10.80 24.26
N TYR A 131 20.22 -9.85 23.17
CA TYR A 131 20.78 -10.09 21.85
C TYR A 131 22.25 -9.69 21.82
N GLY A 132 22.54 -8.51 22.37
CA GLY A 132 23.89 -7.99 22.38
C GLY A 132 24.89 -8.80 23.17
N GLY A 133 24.43 -9.51 24.19
CA GLY A 133 25.30 -10.41 24.95
C GLY A 133 25.70 -11.57 24.05
N GLY A 134 24.75 -12.06 23.27
CA GLY A 134 24.98 -13.10 22.26
C GLY A 134 26.03 -12.67 21.24
N VAL A 135 25.89 -11.44 20.75
CA VAL A 135 26.87 -10.90 19.79
C VAL A 135 28.26 -10.75 20.42
N SER A 136 28.30 -10.34 21.69
CA SER A 136 29.56 -10.22 22.41
C SER A 136 30.31 -11.54 22.47
N ASN A 137 29.61 -12.63 22.80
CA ASN A 137 30.21 -13.94 22.78
C ASN A 137 30.67 -14.35 21.37
N ALA A 138 29.85 -14.10 20.36
CA ALA A 138 30.20 -14.42 18.99
C ALA A 138 31.43 -13.64 18.54
N ALA A 139 31.53 -12.38 18.99
CA ALA A 139 32.70 -11.57 18.67
C ALA A 139 33.96 -12.15 19.33
N ALA A 140 33.83 -12.65 20.56
CA ALA A 140 34.95 -13.27 21.24
C ALA A 140 35.46 -14.49 20.45
N VAL A 141 34.53 -15.24 19.85
CA VAL A 141 34.88 -16.37 19.02
C VAL A 141 35.60 -15.91 17.75
N ALA A 142 35.08 -14.88 17.11
CA ALA A 142 35.62 -14.43 15.82
C ALA A 142 36.91 -13.59 15.82
N TYR A 143 37.18 -12.83 16.88
CA TYR A 143 38.31 -11.88 16.89
C TYR A 143 39.32 -12.21 17.97
N PRO A 144 40.41 -12.92 17.60
CA PRO A 144 41.39 -13.29 18.61
C PRO A 144 42.08 -12.09 19.29
N GLU A 145 42.09 -10.93 18.63
CA GLU A 145 42.67 -9.72 19.21
C GLU A 145 41.71 -8.85 20.05
N LEU A 146 40.46 -9.22 20.13
CA LEU A 146 39.48 -8.49 20.90
C LEU A 146 40.01 -8.36 22.33
N ALA A 147 40.04 -7.14 22.85
CA ALA A 147 40.63 -6.90 24.17
C ALA A 147 39.85 -7.52 25.34
N CYS A 148 38.52 -7.53 25.24
CA CYS A 148 37.67 -8.13 26.25
C CYS A 148 36.23 -8.17 25.74
N ALA A 149 35.41 -9.00 26.37
CA ALA A 149 33.99 -9.10 26.02
C ALA A 149 33.17 -9.24 27.29
N VAL A 150 32.05 -8.53 27.33
CA VAL A 150 31.20 -8.49 28.52
C VAL A 150 29.73 -8.71 28.15
N PRO A 151 29.31 -9.98 28.00
CA PRO A 151 27.91 -10.24 27.69
C PRO A 151 26.99 -10.17 28.91
N PHE A 152 25.92 -9.37 28.79
CA PHE A 152 24.88 -9.35 29.81
C PHE A 152 23.74 -10.25 29.34
N TYR A 153 23.42 -11.27 30.15
CA TYR A 153 22.30 -12.19 29.91
C TYR A 153 22.02 -12.43 28.44
N GLY A 154 23.02 -12.99 27.77
CA GLY A 154 22.93 -13.30 26.34
C GLY A 154 23.31 -14.72 25.98
N ARG A 155 22.96 -15.10 24.77
CA ARG A 155 23.26 -16.46 24.27
C ARG A 155 24.75 -16.79 24.36
N GLN A 156 25.01 -18.02 24.76
CA GLN A 156 26.37 -18.51 24.95
C GLN A 156 27.05 -18.69 23.59
N ALA A 157 28.38 -18.78 23.59
CA ALA A 157 29.13 -19.09 22.37
C ALA A 157 28.88 -20.57 22.07
N PRO A 158 28.92 -20.97 20.79
CA PRO A 158 28.79 -22.39 20.47
C PRO A 158 29.94 -23.20 21.11
N THR A 159 29.63 -24.32 21.76
CA THR A 159 30.62 -25.09 22.48
C THR A 159 31.84 -25.47 21.63
N ALA A 160 31.62 -25.90 20.39
CA ALA A 160 32.73 -26.30 19.51
C ALA A 160 33.68 -25.16 19.12
N ASP A 161 33.28 -23.91 19.34
CA ASP A 161 34.11 -22.75 18.98
C ASP A 161 34.84 -22.12 20.16
N VAL A 162 34.62 -22.64 21.36
CA VAL A 162 35.18 -22.03 22.57
C VAL A 162 36.72 -21.97 22.55
N ALA A 163 37.37 -22.97 21.97
CA ALA A 163 38.84 -22.98 21.90
C ALA A 163 39.40 -21.77 21.16
N LYS A 164 38.63 -21.19 20.24
CA LYS A 164 39.08 -20.02 19.48
C LYS A 164 39.11 -18.71 20.29
N ILE A 165 38.37 -18.67 21.39
CA ILE A 165 38.25 -17.43 22.20
C ILE A 165 39.55 -17.02 22.88
N GLU A 166 39.94 -15.75 22.71
CA GLU A 166 41.12 -15.20 23.39
C GLU A 166 40.78 -14.01 24.30
N ALA A 167 39.70 -13.29 23.99
CA ALA A 167 39.29 -12.16 24.81
C ALA A 167 38.82 -12.62 26.19
N PRO A 168 39.35 -12.00 27.26
CA PRO A 168 38.86 -12.26 28.61
C PRO A 168 37.38 -11.93 28.71
N LEU A 169 36.61 -12.88 29.25
CA LEU A 169 35.14 -12.77 29.31
C LEU A 169 34.61 -12.47 30.69
N LEU A 170 33.74 -11.48 30.77
CA LEU A 170 33.04 -11.17 32.01
C LEU A 170 31.58 -11.40 31.70
N LEU A 171 30.99 -12.43 32.30
CA LEU A 171 29.59 -12.75 32.00
C LEU A 171 28.65 -12.45 33.17
N HIS A 172 27.57 -11.73 32.87
CA HIS A 172 26.55 -11.41 33.87
C HIS A 172 25.27 -12.18 33.55
N PHE A 173 24.81 -12.97 34.51
CA PHE A 173 23.58 -13.76 34.34
C PHE A 173 22.57 -13.40 35.44
N ALA A 174 21.29 -13.45 35.09
CA ALA A 174 20.22 -13.23 36.05
C ALA A 174 19.72 -14.59 36.52
N GLU A 175 19.57 -14.76 37.84
CA GLU A 175 19.13 -16.05 38.40
C GLU A 175 17.84 -16.59 37.79
N LEU A 176 16.85 -15.73 37.60
CA LEU A 176 15.56 -16.16 37.08
C LEU A 176 15.50 -16.38 35.55
N ASP A 177 16.56 -16.01 34.84
CA ASP A 177 16.63 -16.12 33.38
C ASP A 177 17.01 -17.55 32.94
N THR A 178 16.06 -18.46 33.13
CA THR A 178 16.30 -19.88 32.89
C THR A 178 16.65 -20.25 31.45
N ARG A 179 16.08 -19.57 30.45
CA ARG A 179 16.39 -19.88 29.04
C ARG A 179 17.87 -19.68 28.72
N ILE A 180 18.46 -18.60 29.21
CA ILE A 180 19.90 -18.34 28.98
C ILE A 180 20.76 -19.20 29.87
N ASN A 181 20.40 -19.25 31.15
CA ASN A 181 21.16 -20.04 32.13
C ASN A 181 21.29 -21.52 31.77
N GLU A 182 20.30 -22.06 31.06
CA GLU A 182 20.32 -23.48 30.64
C GLU A 182 21.59 -23.84 29.91
N GLY A 183 22.07 -22.92 29.09
CA GLY A 183 23.28 -23.16 28.30
C GLY A 183 24.60 -22.81 28.97
N TRP A 184 24.54 -22.16 30.12
CA TRP A 184 25.76 -21.75 30.82
C TRP A 184 26.69 -22.90 31.23
N PRO A 185 26.15 -23.96 31.88
CA PRO A 185 27.07 -25.01 32.30
C PRO A 185 27.93 -25.60 31.18
N ALA A 186 27.37 -25.82 29.99
CA ALA A 186 28.16 -26.35 28.88
C ALA A 186 29.23 -25.34 28.45
N TYR A 187 28.88 -24.05 28.46
CA TYR A 187 29.82 -23.00 28.09
C TYR A 187 30.94 -22.92 29.11
N GLU A 188 30.58 -22.93 30.39
CA GLU A 188 31.58 -22.87 31.45
C GLU A 188 32.53 -24.05 31.38
N ALA A 189 31.99 -25.25 31.16
CA ALA A 189 32.82 -26.45 31.11
C ALA A 189 33.83 -26.36 29.98
N ALA A 190 33.41 -25.80 28.83
CA ALA A 190 34.31 -25.64 27.69
C ALA A 190 35.37 -24.57 27.96
N LEU A 191 34.98 -23.50 28.64
CA LEU A 191 35.93 -22.44 29.00
C LEU A 191 37.01 -23.01 29.91
N LYS A 192 36.61 -23.77 30.92
CA LYS A 192 37.54 -24.38 31.85
C LYS A 192 38.42 -25.42 31.16
N ALA A 193 37.80 -26.27 30.35
CA ALA A 193 38.55 -27.31 29.63
C ALA A 193 39.62 -26.72 28.70
N ASN A 194 39.39 -25.50 28.22
CA ASN A 194 40.34 -24.82 27.34
C ASN A 194 41.14 -23.71 28.02
N ASN A 195 41.15 -23.71 29.35
CA ASN A 195 41.93 -22.75 30.14
C ASN A 195 41.72 -21.30 29.76
N LYS A 196 40.47 -20.93 29.51
CA LYS A 196 40.15 -19.56 29.11
C LYS A 196 39.95 -18.65 30.32
N VAL A 197 40.28 -17.37 30.13
CA VAL A 197 40.16 -16.37 31.18
C VAL A 197 38.73 -15.88 31.19
N TYR A 198 38.04 -16.06 32.31
CA TYR A 198 36.68 -15.56 32.44
C TYR A 198 36.29 -15.39 33.89
N GLU A 199 35.26 -14.57 34.12
CA GLU A 199 34.61 -14.47 35.42
C GLU A 199 33.12 -14.40 35.11
N ALA A 200 32.32 -15.14 35.88
CA ALA A 200 30.88 -15.16 35.65
C ALA A 200 30.17 -14.92 36.94
N TYR A 201 29.11 -14.14 36.88
CA TYR A 201 28.32 -13.80 38.06
C TYR A 201 26.86 -14.02 37.81
N ILE A 202 26.21 -14.68 38.76
CA ILE A 202 24.78 -14.91 38.70
C ILE A 202 24.18 -14.01 39.78
N TYR A 203 23.31 -13.08 39.36
CA TYR A 203 22.71 -12.11 40.27
C TYR A 203 21.43 -12.69 40.83
N PRO A 204 21.36 -12.88 42.18
CA PRO A 204 20.17 -13.51 42.75
C PRO A 204 18.90 -12.68 42.72
N GLY A 205 17.77 -13.36 42.58
CA GLY A 205 16.46 -12.74 42.65
C GLY A 205 16.07 -11.77 41.55
N VAL A 206 16.82 -11.73 40.45
CA VAL A 206 16.50 -10.83 39.34
C VAL A 206 16.38 -11.62 38.06
N ASN A 207 15.81 -10.97 37.05
CA ASN A 207 15.60 -11.58 35.77
C ASN A 207 16.38 -10.87 34.68
N HIS A 208 16.35 -11.45 33.49
CA HIS A 208 16.94 -10.86 32.30
C HIS A 208 16.48 -9.43 32.18
N GLY A 209 17.38 -8.56 31.70
CA GLY A 209 17.07 -7.15 31.53
C GLY A 209 17.23 -6.30 32.78
N PHE A 210 17.88 -6.85 33.82
CA PHE A 210 17.98 -6.12 35.11
C PHE A 210 18.79 -4.82 35.04
N HIS A 211 19.64 -4.68 34.05
CA HIS A 211 20.40 -3.45 33.86
C HIS A 211 19.59 -2.39 33.10
N ASN A 212 18.51 -2.79 32.44
CA ASN A 212 17.72 -1.86 31.64
C ASN A 212 16.75 -1.07 32.52
N ASP A 213 17.15 0.15 32.85
CA ASP A 213 16.39 1.03 33.72
C ASP A 213 15.11 1.62 33.07
N SER A 214 14.86 1.31 31.79
CA SER A 214 13.62 1.74 31.15
C SER A 214 12.53 0.65 31.21
N THR A 215 12.81 -0.47 31.87
CA THR A 215 11.84 -1.58 31.95
C THR A 215 11.55 -1.97 33.41
N PRO A 216 10.41 -2.65 33.64
CA PRO A 216 10.09 -3.11 34.99
C PRO A 216 11.03 -4.19 35.57
N ARG A 217 11.85 -4.81 34.72
N ARG A 217 11.86 -4.80 34.72
CA ARG A 217 12.80 -5.82 35.16
CA ARG A 217 12.82 -5.81 35.19
C ARG A 217 14.06 -5.18 35.77
C ARG A 217 14.07 -5.18 35.78
N TYR A 218 14.16 -3.85 35.70
CA TYR A 218 15.30 -3.14 36.26
C TYR A 218 15.49 -3.45 37.73
N ASP A 219 16.73 -3.71 38.13
CA ASP A 219 17.07 -3.86 39.54
C ASP A 219 18.33 -3.03 39.78
N LYS A 220 18.19 -1.92 40.50
CA LYS A 220 19.29 -1.00 40.71
C LYS A 220 20.54 -1.64 41.33
N SER A 221 20.34 -2.43 42.38
CA SER A 221 21.45 -3.06 43.08
C SER A 221 22.27 -3.98 42.15
N ALA A 222 21.59 -4.85 41.41
CA ALA A 222 22.28 -5.76 40.50
C ALA A 222 22.90 -4.98 39.34
N ALA A 223 22.16 -4.00 38.81
CA ALA A 223 22.63 -3.19 37.68
C ALA A 223 23.92 -2.47 38.03
N ASP A 224 23.93 -1.79 39.17
CA ASP A 224 25.10 -1.03 39.62
C ASP A 224 26.29 -1.93 39.88
N LEU A 225 26.06 -3.08 40.53
CA LEU A 225 27.15 -4.02 40.82
C LEU A 225 27.73 -4.59 39.54
N ALA A 226 26.88 -5.01 38.62
CA ALA A 226 27.34 -5.51 37.32
C ALA A 226 28.13 -4.44 36.56
N TRP A 227 27.68 -3.19 36.63
CA TRP A 227 28.36 -2.14 35.91
C TRP A 227 29.74 -1.86 36.53
N GLN A 228 29.82 -1.86 37.85
CA GLN A 228 31.10 -1.63 38.52
C GLN A 228 32.09 -2.69 38.11
N ARG A 229 31.64 -3.94 38.08
CA ARG A 229 32.49 -5.04 37.64
C ARG A 229 32.92 -4.87 36.18
N THR A 230 32.01 -4.40 35.35
CA THR A 230 32.29 -4.14 33.93
C THR A 230 33.38 -3.05 33.75
N LEU A 231 33.27 -1.95 34.48
CA LEU A 231 34.29 -0.90 34.43
C LEU A 231 35.68 -1.37 34.91
N LYS A 232 35.70 -2.21 35.94
CA LYS A 232 36.98 -2.78 36.40
C LYS A 232 37.59 -3.68 35.33
N TRP A 233 36.74 -4.42 34.62
CA TRP A 233 37.19 -5.32 33.57
C TRP A 233 37.80 -4.47 32.45
N PHE A 234 37.10 -3.41 32.05
CA PHE A 234 37.60 -2.51 31.02
C PHE A 234 38.94 -1.91 31.42
N ASP A 235 39.03 -1.46 32.66
CA ASP A 235 40.24 -0.84 33.17
C ASP A 235 41.40 -1.83 33.14
N LYS A 236 41.12 -3.09 33.44
CA LYS A 236 42.14 -4.11 33.45
C LYS A 236 42.60 -4.52 32.05
N TYR A 237 41.68 -4.61 31.09
CA TYR A 237 42.02 -5.17 29.79
C TYR A 237 42.07 -4.24 28.59
N LEU A 238 41.62 -2.99 28.72
CA LEU A 238 41.67 -2.05 27.60
C LEU A 238 42.89 -1.13 27.69
N SER B 1 -23.55 31.17 -4.96
CA SER B 1 -22.11 30.97 -4.67
C SER B 1 -21.30 31.14 -5.94
N ASN B 2 -20.16 31.80 -5.84
CA ASN B 2 -19.23 31.97 -6.96
C ASN B 2 -18.04 31.03 -6.85
N ALA B 3 -18.16 30.03 -5.98
CA ALA B 3 -17.10 29.03 -5.83
C ALA B 3 -16.85 28.28 -7.13
N GLN B 4 -15.61 27.85 -7.34
CA GLN B 4 -15.30 26.94 -8.43
C GLN B 4 -16.06 25.63 -8.19
N VAL B 5 -16.47 25.01 -9.29
CA VAL B 5 -17.25 23.79 -9.26
C VAL B 5 -16.43 22.66 -9.86
N GLU B 6 -16.21 21.61 -9.08
CA GLU B 6 -15.49 20.44 -9.55
C GLU B 6 -16.19 19.87 -10.76
N PHE B 7 -15.42 19.43 -11.77
CA PHE B 7 -16.03 18.81 -12.95
C PHE B 7 -16.83 17.55 -12.60
N THR B 8 -16.49 16.93 -11.47
CA THR B 8 -17.18 15.73 -10.98
C THR B 8 -18.33 16.01 -9.98
N ASP B 9 -18.66 17.28 -9.75
CA ASP B 9 -19.68 17.63 -8.76
C ASP B 9 -20.98 16.85 -9.08
N PRO B 10 -21.46 16.02 -8.14
CA PRO B 10 -22.66 15.22 -8.41
C PRO B 10 -23.95 16.01 -8.65
N GLU B 11 -23.96 17.31 -8.38
CA GLU B 11 -25.16 18.12 -8.60
C GLU B 11 -25.27 18.64 -10.02
N ILE B 12 -24.25 18.38 -10.85
CA ILE B 12 -24.31 18.85 -12.25
C ILE B 12 -24.02 17.68 -13.19
N PHE B 13 -24.46 17.82 -14.43
CA PHE B 13 -24.18 16.85 -15.47
C PHE B 13 -23.65 17.59 -16.69
N ALA B 14 -22.38 17.32 -17.05
CA ALA B 14 -21.70 18.04 -18.12
C ALA B 14 -21.34 17.14 -19.27
N GLU B 15 -21.51 17.65 -20.49
CA GLU B 15 -21.13 16.91 -21.69
C GLU B 15 -20.90 17.86 -22.84
N TYR B 16 -20.06 17.45 -23.79
CA TYR B 16 -19.84 18.27 -24.99
C TYR B 16 -20.89 17.84 -25.96
N ILE B 17 -21.42 18.82 -26.69
CA ILE B 17 -22.42 18.56 -27.70
C ILE B 17 -22.06 19.35 -28.94
N THR B 18 -22.83 19.14 -30.00
CA THR B 18 -22.67 19.97 -31.20
C THR B 18 -24.06 20.52 -31.51
N TYR B 19 -24.13 21.70 -32.12
CA TYR B 19 -25.41 22.30 -32.48
C TYR B 19 -25.22 23.04 -33.79
N PRO B 20 -26.31 23.29 -34.53
CA PRO B 20 -26.17 23.91 -35.84
C PRO B 20 -26.08 25.43 -35.83
N SER B 21 -25.19 25.96 -36.67
CA SER B 21 -24.99 27.39 -36.82
C SER B 21 -24.84 27.63 -38.32
N PRO B 22 -25.99 27.65 -39.03
CA PRO B 22 -25.97 27.77 -40.50
C PRO B 22 -25.35 29.04 -41.05
N ASN B 23 -25.35 30.12 -40.29
CA ASN B 23 -24.75 31.37 -40.72
C ASN B 23 -23.40 31.60 -40.02
N GLY B 24 -22.92 30.59 -39.31
CA GLY B 24 -21.65 30.67 -38.63
C GLY B 24 -20.75 29.57 -39.14
N HIS B 25 -20.27 28.72 -38.23
CA HIS B 25 -19.33 27.68 -38.61
C HIS B 25 -19.95 26.28 -38.79
N GLY B 26 -21.25 26.22 -39.05
CA GLY B 26 -21.93 24.95 -39.30
C GLY B 26 -22.25 24.18 -38.03
N GLU B 27 -21.64 23.03 -37.84
CA GLU B 27 -21.92 22.20 -36.68
C GLU B 27 -20.89 22.58 -35.58
N VAL B 28 -21.34 23.31 -34.57
CA VAL B 28 -20.47 23.92 -33.55
C VAL B 28 -20.48 23.13 -32.24
N ARG B 29 -19.30 22.89 -31.70
CA ARG B 29 -19.14 22.21 -30.43
C ARG B 29 -19.38 23.17 -29.27
N GLY B 30 -20.04 22.67 -28.22
CA GLY B 30 -20.27 23.43 -27.02
C GLY B 30 -20.25 22.57 -25.78
N TYR B 31 -19.97 23.19 -24.64
CA TYR B 31 -19.99 22.52 -23.35
C TYR B 31 -21.35 22.78 -22.72
N LEU B 32 -22.16 21.73 -22.59
CA LEU B 32 -23.49 21.83 -22.03
C LEU B 32 -23.50 21.28 -20.61
N VAL B 33 -23.97 22.08 -19.64
CA VAL B 33 -24.03 21.63 -18.24
C VAL B 33 -25.45 21.83 -17.70
N LYS B 34 -26.03 20.77 -17.12
CA LYS B 34 -27.38 20.79 -16.57
C LYS B 34 -27.36 20.48 -15.09
N PRO B 35 -28.39 20.92 -14.36
CA PRO B 35 -28.53 20.47 -12.98
C PRO B 35 -28.78 18.94 -13.05
N ALA B 36 -28.12 18.16 -12.20
CA ALA B 36 -28.25 16.71 -12.24
C ALA B 36 -29.67 16.22 -11.89
N LYS B 37 -30.33 16.90 -10.97
CA LYS B 37 -31.69 16.52 -10.56
C LYS B 37 -32.66 17.57 -11.10
N MSE B 38 -33.31 17.24 -12.22
CA MSE B 38 -34.26 18.15 -12.84
C MSE B 38 -35.54 17.39 -13.08
O MSE B 38 -35.53 16.40 -13.81
CB MSE B 38 -33.68 18.78 -14.12
CG MSE B 38 -33.70 17.86 -15.34
SE MSE B 38 -32.18 18.25 -16.57
CE MSE B 38 -32.19 20.20 -16.62
N SER B 39 -36.63 17.85 -12.47
CA SER B 39 -37.92 17.21 -12.68
C SER B 39 -38.54 17.79 -13.96
N GLY B 40 -38.86 19.08 -13.91
CA GLY B 40 -39.50 19.75 -15.04
C GLY B 40 -38.53 20.48 -15.95
N LYS B 41 -39.08 21.25 -16.88
CA LYS B 41 -38.28 22.01 -17.83
C LYS B 41 -37.51 23.08 -17.04
N THR B 42 -36.32 23.40 -17.51
CA THR B 42 -35.44 24.33 -16.83
C THR B 42 -35.05 25.47 -17.78
N PRO B 43 -34.92 26.70 -17.26
CA PRO B 43 -34.48 27.81 -18.12
C PRO B 43 -33.01 27.64 -18.53
N ALA B 44 -32.60 28.33 -19.59
CA ALA B 44 -31.25 28.20 -20.11
C ALA B 44 -30.47 29.50 -20.16
N VAL B 45 -29.15 29.37 -20.14
CA VAL B 45 -28.25 30.50 -20.21
C VAL B 45 -27.11 30.14 -21.16
N VAL B 46 -26.86 31.02 -22.12
CA VAL B 46 -25.72 30.89 -22.99
C VAL B 46 -24.59 31.67 -22.34
N VAL B 47 -23.44 31.03 -22.22
CA VAL B 47 -22.25 31.64 -21.61
C VAL B 47 -21.21 31.88 -22.68
N VAL B 48 -20.82 33.13 -22.88
CA VAL B 48 -19.89 33.49 -23.98
C VAL B 48 -18.51 33.80 -23.44
N HIS B 49 -17.52 33.13 -24.01
CA HIS B 49 -16.14 33.26 -23.53
C HIS B 49 -15.49 34.62 -23.86
N GLU B 50 -14.22 34.74 -23.48
CA GLU B 50 -13.46 35.95 -23.69
C GLU B 50 -12.79 35.91 -25.08
N ASN B 51 -11.63 36.52 -25.22
CA ASN B 51 -10.93 36.55 -26.51
C ASN B 51 -9.93 35.40 -26.77
N ARG B 52 -10.05 34.30 -26.05
CA ARG B 52 -9.14 33.18 -26.22
C ARG B 52 -9.80 31.80 -26.18
N GLY B 53 -11.03 31.73 -26.64
CA GLY B 53 -11.74 30.46 -26.77
C GLY B 53 -12.29 29.90 -25.48
N LEU B 54 -12.75 28.65 -25.57
CA LEU B 54 -13.39 27.98 -24.48
C LEU B 54 -12.35 27.36 -23.58
N ASN B 55 -11.86 28.15 -22.61
CA ASN B 55 -10.78 27.71 -21.73
C ASN B 55 -11.36 27.18 -20.40
N PRO B 56 -10.54 26.61 -19.53
CA PRO B 56 -11.13 26.01 -18.32
C PRO B 56 -11.91 26.95 -17.39
N TYR B 57 -11.57 28.24 -17.38
CA TYR B 57 -12.31 29.22 -16.59
C TYR B 57 -13.75 29.30 -17.05
N ILE B 58 -13.97 29.44 -18.36
CA ILE B 58 -15.33 29.54 -18.89
C ILE B 58 -16.12 28.23 -18.68
N GLU B 59 -15.45 27.08 -18.81
CA GLU B 59 -16.11 25.80 -18.52
C GLU B 59 -16.54 25.75 -17.04
N ASP B 60 -15.70 26.27 -16.15
CA ASP B 60 -16.08 26.33 -14.74
C ASP B 60 -17.29 27.26 -14.53
N VAL B 61 -17.30 28.40 -15.20
CA VAL B 61 -18.44 29.32 -15.09
C VAL B 61 -19.74 28.63 -15.52
N ALA B 62 -19.68 27.84 -16.59
CA ALA B 62 -20.84 27.11 -17.06
C ALA B 62 -21.33 26.15 -15.96
N ARG B 63 -20.40 25.48 -15.28
CA ARG B 63 -20.78 24.62 -14.16
C ARG B 63 -21.40 25.43 -12.99
N ARG B 64 -20.89 26.64 -12.74
CA ARG B 64 -21.48 27.51 -11.70
C ARG B 64 -22.93 27.85 -12.05
N VAL B 65 -23.20 28.09 -13.33
CA VAL B 65 -24.56 28.41 -13.79
C VAL B 65 -25.48 27.22 -13.58
N ALA B 66 -25.00 26.01 -13.88
CA ALA B 66 -25.79 24.80 -13.62
C ALA B 66 -26.01 24.57 -12.12
N LYS B 67 -25.01 24.87 -11.29
CA LYS B 67 -25.19 24.73 -9.83
C LYS B 67 -26.29 25.66 -9.33
N ALA B 68 -26.44 26.81 -9.99
CA ALA B 68 -27.47 27.79 -9.62
C ALA B 68 -28.85 27.39 -10.12
N GLY B 69 -28.92 26.31 -10.90
CA GLY B 69 -30.21 25.75 -11.34
C GLY B 69 -30.61 25.97 -12.79
N TYR B 70 -29.68 26.31 -13.67
CA TYR B 70 -30.01 26.57 -15.07
C TYR B 70 -29.23 25.65 -16.01
N ILE B 71 -29.76 25.43 -17.21
CA ILE B 71 -29.01 24.69 -18.23
C ILE B 71 -28.08 25.70 -18.88
N ALA B 72 -26.77 25.42 -18.83
CA ALA B 72 -25.80 26.33 -19.39
C ALA B 72 -25.15 25.74 -20.64
N LEU B 73 -25.02 26.56 -21.66
CA LEU B 73 -24.31 26.18 -22.88
C LEU B 73 -23.23 27.21 -23.17
N ALA B 74 -21.98 26.73 -23.22
CA ALA B 74 -20.82 27.56 -23.56
C ALA B 74 -20.23 27.08 -24.87
N PRO B 75 -20.52 27.80 -25.98
CA PRO B 75 -19.97 27.37 -27.26
C PRO B 75 -18.47 27.57 -27.38
N ASP B 76 -17.86 26.80 -28.26
CA ASP B 76 -16.44 26.92 -28.53
C ASP B 76 -16.23 27.71 -29.82
N GLY B 77 -15.79 28.94 -29.65
CA GLY B 77 -15.52 29.83 -30.77
C GLY B 77 -14.28 29.46 -31.56
N LEU B 78 -13.46 28.55 -31.04
CA LEU B 78 -12.27 28.07 -31.77
C LEU B 78 -12.51 26.74 -32.43
N ASN B 79 -13.77 26.30 -32.50
CA ASN B 79 -14.06 24.97 -33.04
C ASN B 79 -13.63 24.81 -34.49
N SER B 80 -13.63 25.90 -35.27
CA SER B 80 -13.23 25.84 -36.68
C SER B 80 -11.72 25.77 -36.89
N VAL B 81 -10.93 26.02 -35.84
CA VAL B 81 -9.47 26.02 -35.95
C VAL B 81 -8.81 25.10 -34.92
N GLY B 82 -9.51 24.03 -34.57
CA GLY B 82 -8.94 22.98 -33.69
C GLY B 82 -9.27 23.04 -32.21
N GLY B 83 -10.06 24.00 -31.77
CA GLY B 83 -10.45 24.10 -30.38
C GLY B 83 -9.38 24.76 -29.50
N TYR B 84 -9.68 24.92 -28.22
CA TYR B 84 -8.74 25.60 -27.31
C TYR B 84 -7.39 24.90 -27.36
N PRO B 85 -6.32 25.63 -27.67
CA PRO B 85 -5.03 24.96 -27.90
C PRO B 85 -4.21 24.63 -26.68
N GLY B 86 -4.71 24.98 -25.51
CA GLY B 86 -4.06 24.62 -24.23
C GLY B 86 -3.45 25.79 -23.50
N ASN B 87 -3.22 26.89 -24.20
CA ASN B 87 -2.73 28.12 -23.58
C ASN B 87 -3.41 29.34 -24.15
N ASP B 88 -3.56 30.35 -23.31
CA ASP B 88 -4.29 31.54 -23.66
C ASP B 88 -3.65 32.38 -24.77
N ASP B 89 -2.32 32.42 -24.85
CA ASP B 89 -1.64 33.17 -25.91
C ASP B 89 -2.00 32.62 -27.29
N LYS B 90 -1.93 31.31 -27.46
CA LYS B 90 -2.28 30.71 -28.74
C LYS B 90 -3.78 30.86 -28.96
N GLY B 91 -4.57 30.75 -27.88
CA GLY B 91 -6.02 30.93 -27.97
C GLY B 91 -6.37 32.31 -28.55
N ARG B 92 -5.71 33.35 -28.04
N ARG B 92 -5.70 33.34 -28.04
CA ARG B 92 -5.92 34.74 -28.45
CA ARG B 92 -5.93 34.71 -28.47
C ARG B 92 -5.54 34.90 -29.93
C ARG B 92 -5.56 34.88 -29.94
N GLU B 93 -4.41 34.34 -30.33
CA GLU B 93 -3.97 34.37 -31.71
C GLU B 93 -4.97 33.68 -32.64
N LEU B 94 -5.45 32.50 -32.26
CA LEU B 94 -6.39 31.77 -33.09
C LEU B 94 -7.74 32.49 -33.20
N GLN B 95 -8.24 33.05 -32.09
CA GLN B 95 -9.55 33.68 -32.14
C GLN B 95 -9.58 34.91 -33.08
N GLN B 96 -8.47 35.63 -33.14
CA GLN B 96 -8.36 36.77 -34.03
C GLN B 96 -8.41 36.33 -35.53
N GLN B 97 -8.08 35.08 -35.86
CA GLN B 97 -8.13 34.58 -37.24
C GLN B 97 -9.53 34.13 -37.65
N VAL B 98 -10.43 33.94 -36.68
CA VAL B 98 -11.80 33.49 -36.98
C VAL B 98 -12.61 34.69 -37.50
N ASP B 99 -13.43 34.45 -38.50
CA ASP B 99 -14.27 35.52 -39.06
C ASP B 99 -15.18 36.06 -37.97
N PRO B 100 -15.14 37.38 -37.72
CA PRO B 100 -15.93 37.91 -36.60
C PRO B 100 -17.43 37.71 -36.69
N THR B 101 -17.99 37.90 -37.89
CA THR B 101 -19.43 37.75 -38.07
C THR B 101 -19.87 36.31 -37.83
N LYS B 102 -19.14 35.35 -38.39
CA LYS B 102 -19.49 33.95 -38.22
C LYS B 102 -19.37 33.53 -36.76
N LEU B 103 -18.34 34.05 -36.08
CA LEU B 103 -18.12 33.74 -34.67
C LEU B 103 -19.31 34.24 -33.83
N MSE B 104 -19.70 35.49 -34.04
N MSE B 104 -19.70 35.49 -34.04
CA MSE B 104 -20.85 36.05 -33.32
CA MSE B 104 -20.85 36.05 -33.32
C MSE B 104 -22.08 35.24 -33.61
C MSE B 104 -22.08 35.23 -33.61
O MSE B 104 -22.86 34.92 -32.70
O MSE B 104 -22.86 34.92 -32.70
CB MSE B 104 -21.07 37.51 -33.72
CB MSE B 104 -21.07 37.50 -33.72
CG MSE B 104 -22.27 38.11 -33.00
CG MSE B 104 -22.28 38.09 -32.99
SE MSE B 104 -22.59 39.93 -33.68
SE MSE B 104 -22.57 39.95 -33.62
CE MSE B 104 -23.22 39.41 -35.49
CE MSE B 104 -21.70 40.64 -32.00
N ASN B 105 -22.28 34.88 -34.88
CA ASN B 105 -23.43 34.06 -35.28
C ASN B 105 -23.50 32.70 -34.58
N ASP B 106 -22.35 32.11 -34.26
CA ASP B 106 -22.30 30.87 -33.50
C ASP B 106 -22.95 31.05 -32.14
N PHE B 107 -22.70 32.17 -31.48
CA PHE B 107 -23.32 32.45 -30.18
C PHE B 107 -24.82 32.74 -30.31
N PHE B 108 -25.21 33.44 -31.38
CA PHE B 108 -26.61 33.71 -31.64
C PHE B 108 -27.34 32.37 -31.89
N ALA B 109 -26.71 31.48 -32.66
CA ALA B 109 -27.26 30.16 -32.93
C ALA B 109 -27.42 29.32 -31.65
N ALA B 110 -26.54 29.52 -30.68
CA ALA B 110 -26.64 28.83 -29.40
C ALA B 110 -27.89 29.28 -28.66
N ILE B 111 -28.22 30.57 -28.75
CA ILE B 111 -29.44 31.08 -28.13
C ILE B 111 -30.64 30.37 -28.73
N GLU B 112 -30.68 30.31 -30.06
CA GLU B 112 -31.81 29.69 -30.76
C GLU B 112 -31.91 28.19 -30.45
N PHE B 113 -30.77 27.51 -30.37
CA PHE B 113 -30.74 26.11 -30.00
C PHE B 113 -31.28 25.88 -28.58
N MSE B 114 -30.89 26.71 -27.62
CA MSE B 114 -31.38 26.57 -26.25
C MSE B 114 -32.86 26.93 -26.12
O MSE B 114 -33.54 26.45 -25.21
CB MSE B 114 -30.48 27.36 -25.30
CG MSE B 114 -29.08 26.75 -25.17
SE MSE B 114 -29.10 24.83 -24.66
CE MSE B 114 -30.12 24.99 -23.02
N GLN B 115 -33.36 27.77 -27.03
CA GLN B 115 -34.78 28.12 -27.03
C GLN B 115 -35.64 26.90 -27.34
N ARG B 116 -35.14 26.04 -28.21
N ARG B 116 -35.15 26.04 -28.22
CA ARG B 116 -35.88 24.86 -28.65
CA ARG B 116 -35.92 24.86 -28.65
C ARG B 116 -35.48 23.56 -27.97
C ARG B 116 -35.48 23.56 -27.97
N TYR B 117 -34.55 23.63 -27.03
CA TYR B 117 -34.05 22.44 -26.34
C TYR B 117 -35.18 21.77 -25.54
N PRO B 118 -35.43 20.46 -25.76
CA PRO B 118 -36.59 19.78 -25.14
C PRO B 118 -36.68 19.85 -23.62
N GLN B 119 -35.55 19.79 -22.94
CA GLN B 119 -35.54 19.88 -21.49
C GLN B 119 -35.60 21.33 -20.97
N ALA B 120 -35.56 22.32 -21.86
CA ALA B 120 -35.57 23.72 -21.46
C ALA B 120 -36.98 24.29 -21.53
N THR B 121 -37.20 25.41 -20.86
CA THR B 121 -38.50 26.05 -20.83
C THR B 121 -38.80 26.86 -22.07
N GLY B 122 -37.77 27.20 -22.82
CA GLY B 122 -37.94 28.12 -23.95
C GLY B 122 -37.36 29.50 -23.68
N LYS B 123 -37.19 29.86 -22.42
N LYS B 123 -37.18 29.86 -22.42
CA LYS B 123 -36.56 31.15 -22.07
CA LYS B 123 -36.55 31.13 -22.08
C LYS B 123 -35.04 30.97 -22.04
C LYS B 123 -35.04 30.97 -22.05
N VAL B 124 -34.33 31.94 -22.63
CA VAL B 124 -32.88 31.91 -22.68
C VAL B 124 -32.29 33.25 -22.28
N GLY B 125 -31.31 33.22 -21.39
CA GLY B 125 -30.58 34.41 -20.99
C GLY B 125 -29.17 34.27 -21.53
N ILE B 126 -28.39 35.33 -21.43
CA ILE B 126 -27.01 35.29 -21.89
C ILE B 126 -26.09 36.09 -20.97
N THR B 127 -24.86 35.58 -20.79
CA THR B 127 -23.86 36.31 -20.02
C THR B 127 -22.52 36.03 -20.69
N GLY B 128 -21.59 36.97 -20.55
CA GLY B 128 -20.27 36.82 -21.11
C GLY B 128 -19.31 37.84 -20.58
N PHE B 129 -18.04 37.61 -20.86
CA PHE B 129 -16.97 38.39 -20.30
C PHE B 129 -16.06 38.92 -21.39
N CME B 130 -15.68 40.20 -21.29
CA CME B 130 -14.89 40.94 -22.32
CB CME B 130 -13.42 40.79 -22.63
SG CME B 130 -12.99 39.55 -21.61
SD CME B 130 -12.09 40.75 -20.37
CE CME B 130 -10.60 39.80 -20.28
CZ CME B 130 -10.27 39.42 -18.85
OH CME B 130 -9.79 38.09 -18.71
C CME B 130 -15.54 40.79 -23.64
O CME B 130 -16.61 41.30 -23.79
N TYR B 131 -14.89 40.09 -24.58
CA TYR B 131 -15.51 39.76 -25.87
C TYR B 131 -16.95 39.32 -25.65
N GLY B 132 -17.16 38.43 -24.69
CA GLY B 132 -18.46 37.91 -24.40
C GLY B 132 -19.47 38.90 -23.90
N GLY B 133 -19.01 39.96 -23.23
CA GLY B 133 -19.92 41.01 -22.77
C GLY B 133 -20.44 41.77 -23.98
N GLY B 134 -19.54 42.00 -24.94
CA GLY B 134 -19.91 42.62 -26.23
C GLY B 134 -20.96 41.81 -26.97
N VAL B 135 -20.76 40.49 -26.99
CA VAL B 135 -21.73 39.60 -27.64
C VAL B 135 -23.07 39.64 -26.90
N SER B 136 -23.01 39.68 -25.56
CA SER B 136 -24.25 39.76 -24.75
C SER B 136 -25.11 40.99 -25.13
N ASN B 137 -24.48 42.15 -25.25
CA ASN B 137 -25.17 43.37 -25.65
C ASN B 137 -25.71 43.23 -27.08
N ALA B 138 -24.90 42.70 -27.98
CA ALA B 138 -25.33 42.50 -29.36
C ALA B 138 -26.55 41.55 -29.42
N ALA B 139 -26.57 40.53 -28.56
CA ALA B 139 -27.69 39.61 -28.50
C ALA B 139 -28.94 40.32 -28.01
N ALA B 140 -28.79 41.25 -27.06
CA ALA B 140 -29.94 42.00 -26.55
C ALA B 140 -30.55 42.85 -27.66
N VAL B 141 -29.70 43.37 -28.54
CA VAL B 141 -30.16 44.13 -29.69
C VAL B 141 -30.90 43.22 -30.67
N ALA B 142 -30.33 42.03 -30.92
CA ALA B 142 -30.87 41.15 -31.96
C ALA B 142 -32.08 40.29 -31.60
N TYR B 143 -32.25 39.91 -30.35
CA TYR B 143 -33.33 39.00 -29.92
C TYR B 143 -34.33 39.65 -28.95
N PRO B 144 -35.47 40.15 -29.47
CA PRO B 144 -36.42 40.82 -28.57
C PRO B 144 -37.01 39.90 -27.50
N GLU B 145 -36.98 38.60 -27.72
CA GLU B 145 -37.50 37.62 -26.75
C GLU B 145 -36.43 37.11 -25.75
N LEU B 146 -35.18 37.57 -25.86
CA LEU B 146 -34.11 37.18 -24.93
C LEU B 146 -34.56 37.52 -23.50
N ALA B 147 -34.46 36.57 -22.58
CA ALA B 147 -34.98 36.78 -21.22
C ALA B 147 -34.20 37.82 -20.41
N CYS B 148 -32.88 37.83 -20.58
CA CYS B 148 -32.02 38.79 -19.89
C CYS B 148 -30.61 38.70 -20.46
N ALA B 149 -29.81 39.73 -20.21
CA ALA B 149 -28.44 39.78 -20.68
C ALA B 149 -27.57 40.37 -19.57
N VAL B 150 -26.40 39.77 -19.37
CA VAL B 150 -25.47 40.20 -18.33
C VAL B 150 -24.05 40.35 -18.86
N PRO B 151 -23.73 41.52 -19.44
CA PRO B 151 -22.38 41.72 -19.95
C PRO B 151 -21.39 42.12 -18.86
N PHE B 152 -20.28 41.40 -18.78
CA PHE B 152 -19.18 41.77 -17.88
C PHE B 152 -18.12 42.51 -18.73
N TYR B 153 -17.84 43.74 -18.36
CA TYR B 153 -16.81 44.59 -18.95
C TYR B 153 -16.60 44.36 -20.44
N GLY B 154 -17.66 44.59 -21.19
CA GLY B 154 -17.69 44.37 -22.62
C GLY B 154 -18.21 45.55 -23.39
N ARG B 155 -17.97 45.52 -24.69
N ARG B 155 -17.98 45.51 -24.70
CA ARG B 155 -18.41 46.58 -25.59
CA ARG B 155 -18.40 46.57 -25.61
C ARG B 155 -19.91 46.86 -25.49
C ARG B 155 -19.90 46.85 -25.51
N GLN B 156 -20.24 48.13 -25.50
CA GLN B 156 -21.61 48.59 -25.40
C GLN B 156 -22.38 48.24 -26.69
N ALA B 157 -23.70 48.26 -26.63
CA ALA B 157 -24.52 48.12 -27.82
C ALA B 157 -24.40 49.42 -28.61
N PRO B 158 -24.53 49.35 -29.94
CA PRO B 158 -24.54 50.58 -30.74
C PRO B 158 -25.69 51.49 -30.35
N THR B 159 -25.42 52.78 -30.14
CA THR B 159 -26.44 53.71 -29.66
C THR B 159 -27.72 53.73 -30.51
N ALA B 160 -27.59 53.71 -31.85
CA ALA B 160 -28.77 53.74 -32.71
C ALA B 160 -29.65 52.48 -32.64
N ASP B 161 -29.15 51.40 -32.01
CA ASP B 161 -29.91 50.15 -31.90
C ASP B 161 -30.55 49.93 -30.54
N VAL B 162 -30.28 50.82 -29.60
CA VAL B 162 -30.75 50.64 -28.22
C VAL B 162 -32.27 50.50 -28.10
N ALA B 163 -33.03 51.23 -28.93
CA ALA B 163 -34.48 51.14 -28.90
C ALA B 163 -35.01 49.72 -29.15
N LYS B 164 -34.25 48.90 -29.88
CA LYS B 164 -34.64 47.53 -30.17
C LYS B 164 -34.53 46.59 -28.97
N ILE B 165 -33.73 46.95 -27.97
CA ILE B 165 -33.50 46.08 -26.83
C ILE B 165 -34.74 45.85 -25.96
N GLU B 166 -35.04 44.58 -25.65
CA GLU B 166 -36.13 44.25 -24.73
C GLU B 166 -35.63 43.47 -23.50
N ALA B 167 -34.52 42.75 -23.62
CA ALA B 167 -33.98 41.98 -22.50
C ALA B 167 -33.46 42.88 -21.39
N PRO B 168 -33.88 42.63 -20.15
CA PRO B 168 -33.36 43.40 -19.01
C PRO B 168 -31.85 43.19 -18.91
N LEU B 169 -31.13 44.29 -18.77
CA LEU B 169 -29.68 44.29 -18.77
C LEU B 169 -29.06 44.52 -17.40
N LEU B 170 -28.10 43.67 -17.05
CA LEU B 170 -27.32 43.85 -15.83
C LEU B 170 -25.89 44.01 -16.29
N LEU B 171 -25.34 45.21 -16.12
CA LEU B 171 -24.01 45.48 -16.64
C LEU B 171 -22.99 45.65 -15.53
N HIS B 172 -21.87 44.94 -15.66
CA HIS B 172 -20.78 45.02 -14.70
C HIS B 172 -19.59 45.70 -15.35
N PHE B 173 -19.14 46.81 -14.77
CA PHE B 173 -17.97 47.52 -15.27
C PHE B 173 -16.88 47.60 -14.20
N ALA B 174 -15.62 47.58 -14.64
CA ALA B 174 -14.47 47.74 -13.74
C ALA B 174 -14.01 49.19 -13.81
N GLU B 175 -13.77 49.81 -12.67
CA GLU B 175 -13.41 51.22 -12.62
C GLU B 175 -12.21 51.57 -13.52
N LEU B 176 -11.17 50.75 -13.45
CA LEU B 176 -9.95 51.01 -14.19
C LEU B 176 -10.01 50.70 -15.69
N ASP B 177 -11.10 50.06 -16.15
CA ASP B 177 -11.26 49.65 -17.55
C ASP B 177 -11.76 50.83 -18.41
N THR B 178 -10.89 51.81 -18.59
CA THR B 178 -11.26 53.07 -19.23
C THR B 178 -11.74 52.94 -20.67
N ARG B 179 -11.18 52.02 -21.44
CA ARG B 179 -11.61 51.85 -22.82
C ARG B 179 -13.09 51.49 -22.93
N ILE B 180 -13.55 50.57 -22.09
CA ILE B 180 -14.97 50.17 -22.11
C ILE B 180 -15.82 51.25 -21.47
N ASN B 181 -15.38 51.75 -20.32
CA ASN B 181 -16.15 52.77 -19.61
C ASN B 181 -16.41 54.05 -20.42
N GLU B 182 -15.51 54.38 -21.35
CA GLU B 182 -15.65 55.57 -22.22
C GLU B 182 -16.99 55.59 -22.94
N GLY B 183 -17.44 54.43 -23.38
CA GLY B 183 -18.69 54.32 -24.10
C GLY B 183 -19.94 54.17 -23.23
N TRP B 184 -19.77 53.98 -21.93
CA TRP B 184 -20.94 53.76 -21.05
C TRP B 184 -21.93 54.92 -20.98
N PRO B 185 -21.45 56.15 -20.73
CA PRO B 185 -22.42 57.24 -20.63
C PRO B 185 -23.37 57.36 -21.84
N ALA B 186 -22.88 57.15 -23.06
CA ALA B 186 -23.75 57.25 -24.24
C ALA B 186 -24.76 56.09 -24.23
N TYR B 187 -24.32 54.91 -23.83
CA TYR B 187 -25.20 53.74 -23.75
C TYR B 187 -26.27 53.98 -22.69
N GLU B 188 -25.85 54.43 -21.52
CA GLU B 188 -26.80 54.69 -20.44
C GLU B 188 -27.84 55.74 -20.83
N ALA B 189 -27.40 56.82 -21.45
CA ALA B 189 -28.32 57.88 -21.88
C ALA B 189 -29.37 57.33 -22.84
N ALA B 190 -28.96 56.45 -23.74
CA ALA B 190 -29.91 55.84 -24.70
C ALA B 190 -30.86 54.85 -24.02
N LEU B 191 -30.36 54.12 -23.02
CA LEU B 191 -31.19 53.21 -22.28
C LEU B 191 -32.28 54.01 -21.54
N LYS B 192 -31.88 55.08 -20.88
CA LYS B 192 -32.84 55.92 -20.15
C LYS B 192 -33.82 56.61 -21.11
N ALA B 193 -33.32 57.18 -22.20
CA ALA B 193 -34.16 57.86 -23.17
C ALA B 193 -35.22 56.94 -23.77
N ASN B 194 -34.94 55.65 -23.79
CA ASN B 194 -35.88 54.66 -24.32
C ASN B 194 -36.56 53.79 -23.25
N ASN B 195 -36.51 54.25 -22.00
CA ASN B 195 -37.15 53.55 -20.88
C ASN B 195 -36.86 52.08 -20.78
N LYS B 196 -35.58 51.72 -20.97
CA LYS B 196 -35.19 50.34 -20.90
C LYS B 196 -34.89 49.93 -19.47
N VAL B 197 -35.14 48.65 -19.19
CA VAL B 197 -34.87 48.07 -17.86
C VAL B 197 -33.40 47.68 -17.80
N TYR B 198 -32.66 48.26 -16.85
CA TYR B 198 -31.26 47.91 -16.66
C TYR B 198 -30.77 48.27 -15.27
N GLU B 199 -29.66 47.65 -14.86
CA GLU B 199 -28.93 48.03 -13.65
C GLU B 199 -27.49 47.94 -14.04
N ALA B 200 -26.69 48.92 -13.64
CA ALA B 200 -25.28 48.93 -13.97
C ALA B 200 -24.49 49.20 -12.72
N TYR B 201 -23.35 48.54 -12.60
CA TYR B 201 -22.49 48.66 -11.44
C TYR B 201 -21.05 48.84 -11.85
N ILE B 202 -20.39 49.83 -11.23
CA ILE B 202 -18.97 50.08 -11.46
C ILE B 202 -18.23 49.66 -10.21
N TYR B 203 -17.35 48.68 -10.34
CA TYR B 203 -16.63 48.10 -9.21
C TYR B 203 -15.33 48.87 -8.99
N PRO B 204 -15.18 49.51 -7.81
CA PRO B 204 -14.00 50.36 -7.59
C PRO B 204 -12.69 49.61 -7.45
N GLY B 205 -11.62 50.25 -7.91
CA GLY B 205 -10.26 49.74 -7.73
C GLY B 205 -9.89 48.46 -8.44
N VAL B 206 -10.71 48.00 -9.38
CA VAL B 206 -10.41 46.78 -10.13
C VAL B 206 -10.43 47.08 -11.63
N ASN B 207 -9.89 46.13 -12.39
CA ASN B 207 -9.80 46.26 -13.82
C ASN B 207 -10.60 45.17 -14.53
N HIS B 208 -10.68 45.28 -15.86
CA HIS B 208 -11.35 44.29 -16.68
C HIS B 208 -10.75 42.91 -16.30
N GLY B 209 -11.59 41.90 -16.37
CA GLY B 209 -11.21 40.52 -16.04
C GLY B 209 -11.27 40.18 -14.57
N PHE B 210 -11.85 41.05 -13.73
CA PHE B 210 -11.83 40.82 -12.28
C PHE B 210 -12.54 39.55 -11.83
N HIS B 211 -13.40 39.00 -12.66
CA HIS B 211 -14.11 37.75 -12.33
C HIS B 211 -13.27 36.53 -12.71
N ASN B 212 -12.27 36.71 -13.56
CA ASN B 212 -11.46 35.60 -14.04
C ASN B 212 -10.37 35.22 -13.02
N ASP B 213 -10.66 34.18 -12.26
CA ASP B 213 -9.80 33.73 -11.17
C ASP B 213 -8.53 33.03 -11.66
N SER B 214 -8.35 32.88 -12.97
CA SER B 214 -7.13 32.32 -13.51
C SER B 214 -6.12 33.42 -13.93
N THR B 215 -6.44 34.69 -13.67
CA THR B 215 -5.57 35.80 -14.07
C THR B 215 -5.21 36.70 -12.90
N PRO B 216 -4.14 37.50 -13.04
CA PRO B 216 -3.74 38.44 -11.98
C PRO B 216 -4.72 39.59 -11.75
N ARG B 217 -5.66 39.80 -12.67
N ARG B 217 -5.66 39.80 -12.67
CA ARG B 217 -6.67 40.84 -12.53
CA ARG B 217 -6.67 40.84 -12.51
C ARG B 217 -7.84 40.39 -11.65
C ARG B 217 -7.84 40.39 -11.63
N TYR B 218 -7.83 39.12 -11.24
CA TYR B 218 -8.87 38.59 -10.37
C TYR B 218 -8.99 39.40 -9.09
N ASP B 219 -10.23 39.71 -8.70
CA ASP B 219 -10.50 40.34 -7.41
C ASP B 219 -11.68 39.62 -6.79
N LYS B 220 -11.41 38.85 -5.74
CA LYS B 220 -12.46 38.02 -5.13
C LYS B 220 -13.70 38.80 -4.68
N SER B 221 -13.52 39.93 -4.01
CA SER B 221 -14.66 40.70 -3.53
C SER B 221 -15.56 41.18 -4.65
N ALA B 222 -14.96 41.76 -5.68
CA ALA B 222 -15.75 42.23 -6.81
C ALA B 222 -16.39 41.05 -7.59
N ALA B 223 -15.63 39.99 -7.78
CA ALA B 223 -16.10 38.80 -8.51
C ALA B 223 -17.33 38.20 -7.84
N ASP B 224 -17.22 37.98 -6.55
CA ASP B 224 -18.30 37.38 -5.77
C ASP B 224 -19.55 38.26 -5.75
N LEU B 225 -19.36 39.56 -5.52
CA LEU B 225 -20.48 40.49 -5.52
C LEU B 225 -21.16 40.52 -6.91
N ALA B 226 -20.37 40.64 -7.97
CA ALA B 226 -20.95 40.66 -9.34
C ALA B 226 -21.70 39.35 -9.63
N TRP B 227 -21.17 38.24 -9.14
CA TRP B 227 -21.83 36.96 -9.40
C TRP B 227 -23.13 36.87 -8.64
N GLN B 228 -23.16 37.34 -7.40
CA GLN B 228 -24.40 37.30 -6.62
C GLN B 228 -25.47 38.11 -7.31
N ARG B 229 -25.11 39.29 -7.78
CA ARG B 229 -26.05 40.14 -8.51
C ARG B 229 -26.54 39.45 -9.79
N THR B 230 -25.63 38.76 -10.46
CA THR B 230 -25.96 38.00 -11.67
C THR B 230 -26.98 36.89 -11.38
N LEU B 231 -26.78 36.13 -10.32
CA LEU B 231 -27.73 35.07 -9.95
C LEU B 231 -29.12 35.65 -9.60
N LYS B 232 -29.14 36.79 -8.92
N LYS B 232 -29.14 36.78 -8.91
CA LYS B 232 -30.42 37.42 -8.58
CA LYS B 232 -30.41 37.42 -8.56
C LYS B 232 -31.14 37.88 -9.84
C LYS B 232 -31.14 37.90 -9.83
N TRP B 233 -30.37 38.32 -10.83
CA TRP B 233 -30.93 38.77 -12.12
C TRP B 233 -31.54 37.57 -12.85
N PHE B 234 -30.78 36.46 -12.89
CA PHE B 234 -31.29 35.24 -13.49
C PHE B 234 -32.57 34.76 -12.81
N ASP B 235 -32.57 34.76 -11.49
CA ASP B 235 -33.73 34.33 -10.72
C ASP B 235 -34.95 35.19 -11.04
N LYS B 236 -34.73 36.49 -11.19
CA LYS B 236 -35.81 37.41 -11.46
C LYS B 236 -36.38 37.31 -12.88
N TYR B 237 -35.51 37.10 -13.86
CA TYR B 237 -35.96 37.13 -15.26
C TYR B 237 -35.98 35.83 -16.05
N LEU B 238 -35.45 34.75 -15.51
CA LEU B 238 -35.50 33.46 -16.22
C LEU B 238 -36.66 32.59 -15.74
N SER C 1 0.83 -31.99 16.42
CA SER C 1 -0.62 -31.95 16.10
C SER C 1 -0.91 -32.82 14.90
N ASN C 2 -2.03 -33.54 14.95
CA ASN C 2 -2.48 -34.39 13.85
C ASN C 2 -3.65 -33.73 13.11
N ALA C 3 -3.88 -32.46 13.36
CA ALA C 3 -4.94 -31.70 12.69
C ALA C 3 -4.69 -31.68 11.18
N GLN C 4 -5.78 -31.60 10.42
CA GLN C 4 -5.66 -31.36 8.99
C GLN C 4 -5.00 -29.98 8.79
N VAL C 5 -4.23 -29.86 7.73
CA VAL C 5 -3.50 -28.64 7.41
C VAL C 5 -4.02 -28.07 6.10
N GLU C 6 -4.52 -26.85 6.15
CA GLU C 6 -5.07 -26.17 4.99
C GLU C 6 -3.96 -26.06 3.93
N PHE C 7 -4.29 -26.30 2.66
CA PHE C 7 -3.29 -26.21 1.59
C PHE C 7 -2.65 -24.81 1.53
N THR C 8 -3.38 -23.80 2.01
CA THR C 8 -2.92 -22.40 2.04
C THR C 8 -2.23 -21.98 3.35
N ASP C 9 -2.03 -22.92 4.26
CA ASP C 9 -1.41 -22.61 5.56
C ASP C 9 -0.08 -21.86 5.34
N PRO C 10 0.03 -20.63 5.88
CA PRO C 10 1.25 -19.85 5.63
C PRO C 10 2.55 -20.41 6.22
N GLU C 11 2.45 -21.39 7.11
CA GLU C 11 3.65 -22.01 7.68
C GLU C 11 4.26 -23.10 6.81
N ILE C 12 3.62 -23.44 5.69
CA ILE C 12 4.17 -24.45 4.80
C ILE C 12 4.22 -23.94 3.37
N PHE C 13 5.09 -24.55 2.56
CA PHE C 13 5.20 -24.22 1.15
C PHE C 13 5.14 -25.52 0.37
N ALA C 14 4.08 -25.69 -0.42
CA ALA C 14 3.84 -26.92 -1.17
C ALA C 14 3.91 -26.71 -2.68
N GLU C 15 4.52 -27.67 -3.37
CA GLU C 15 4.57 -27.63 -4.83
C GLU C 15 4.76 -29.04 -5.37
N TYR C 16 4.28 -29.27 -6.59
CA TYR C 16 4.50 -30.55 -7.26
C TYR C 16 5.85 -30.44 -7.95
N ILE C 17 6.61 -31.51 -7.91
CA ILE C 17 7.91 -31.58 -8.56
C ILE C 17 8.00 -32.89 -9.30
N THR C 18 9.08 -33.06 -10.05
CA THR C 18 9.38 -34.34 -10.67
C THR C 18 10.79 -34.71 -10.22
N TYR C 19 11.05 -35.99 -10.08
CA TYR C 19 12.39 -36.45 -9.68
C TYR C 19 12.69 -37.72 -10.47
N PRO C 20 13.98 -38.05 -10.63
CA PRO C 20 14.31 -39.24 -11.40
C PRO C 20 14.21 -40.58 -10.65
N SER C 21 13.70 -41.59 -11.34
CA SER C 21 13.59 -42.95 -10.84
C SER C 21 14.01 -43.86 -11.99
N PRO C 22 15.33 -43.99 -12.21
CA PRO C 22 15.85 -44.77 -13.34
C PRO C 22 15.46 -46.24 -13.37
N ASN C 23 15.19 -46.83 -12.21
CA ASN C 23 14.78 -48.23 -12.14
C ASN C 23 13.30 -48.37 -11.88
N GLY C 24 12.58 -47.26 -11.96
CA GLY C 24 11.14 -47.24 -11.76
C GLY C 24 10.47 -46.67 -13.00
N HIS C 25 9.69 -45.61 -12.82
CA HIS C 25 8.96 -45.02 -13.95
C HIS C 25 9.61 -43.77 -14.57
N GLY C 26 10.93 -43.61 -14.40
CA GLY C 26 11.64 -42.49 -15.02
C GLY C 26 11.48 -41.18 -14.26
N GLU C 27 10.85 -40.18 -14.88
CA GLU C 27 10.63 -38.91 -14.17
C GLU C 27 9.30 -38.97 -13.45
N VAL C 28 9.36 -39.05 -12.13
CA VAL C 28 8.18 -39.25 -11.29
C VAL C 28 7.73 -37.98 -10.61
N ARG C 29 6.42 -37.75 -10.64
CA ARG C 29 5.80 -36.59 -10.01
C ARG C 29 5.62 -36.84 -8.52
N GLY C 30 5.86 -35.81 -7.72
CA GLY C 30 5.67 -35.90 -6.28
C GLY C 30 5.23 -34.57 -5.68
N TYR C 31 4.57 -34.64 -4.53
CA TYR C 31 4.10 -33.48 -3.80
C TYR C 31 5.14 -33.17 -2.73
N LEU C 32 5.85 -32.07 -2.89
CA LEU C 32 6.90 -31.66 -1.97
C LEU C 32 6.41 -30.53 -1.08
N VAL C 33 6.50 -30.70 0.24
CA VAL C 33 6.08 -29.67 1.18
C VAL C 33 7.20 -29.35 2.15
N LYS C 34 7.51 -28.06 2.31
CA LYS C 34 8.59 -27.58 3.18
C LYS C 34 8.05 -26.63 4.23
N PRO C 35 8.76 -26.50 5.37
CA PRO C 35 8.39 -25.45 6.31
C PRO C 35 8.64 -24.12 5.59
N ALA C 36 7.72 -23.17 5.70
CA ALA C 36 7.84 -21.90 4.98
C ALA C 36 9.05 -21.07 5.44
N LYS C 37 9.34 -21.14 6.73
CA LYS C 37 10.46 -20.40 7.28
C LYS C 37 11.57 -21.36 7.65
N MSE C 38 12.58 -21.46 6.79
CA MSE C 38 13.71 -22.36 7.04
C MSE C 38 14.98 -21.59 6.85
O MSE C 38 15.23 -21.06 5.78
CB MSE C 38 13.61 -23.59 6.12
CG MSE C 38 14.04 -23.35 4.68
SE MSE C 38 13.07 -24.51 3.41
CE MSE C 38 13.11 -26.24 4.33
N SER C 39 15.79 -21.51 7.90
CA SER C 39 17.06 -20.82 7.82
C SER C 39 18.11 -21.80 7.26
N GLY C 40 18.40 -22.85 8.01
CA GLY C 40 19.40 -23.84 7.60
C GLY C 40 18.82 -25.05 6.91
N LYS C 41 19.66 -26.05 6.70
CA LYS C 41 19.23 -27.30 6.07
C LYS C 41 18.26 -28.01 7.00
N THR C 42 17.30 -28.71 6.42
CA THR C 42 16.22 -29.36 7.16
C THR C 42 16.17 -30.85 6.85
N PRO C 43 15.86 -31.70 7.85
CA PRO C 43 15.76 -33.14 7.56
C PRO C 43 14.54 -33.44 6.68
N ALA C 44 14.54 -34.60 6.03
CA ALA C 44 13.47 -34.97 5.12
C ALA C 44 12.75 -36.26 5.49
N VAL C 45 11.50 -36.36 5.04
CA VAL C 45 10.69 -37.54 5.25
C VAL C 45 9.95 -37.88 3.96
N VAL C 46 10.06 -39.13 3.53
CA VAL C 46 9.32 -39.61 2.38
C VAL C 46 8.02 -40.18 2.93
N VAL C 47 6.91 -39.77 2.34
CA VAL C 47 5.59 -40.24 2.77
C VAL C 47 5.02 -41.13 1.66
N VAL C 48 4.72 -42.38 1.99
CA VAL C 48 4.24 -43.34 1.01
C VAL C 48 2.74 -43.58 1.17
N HIS C 49 2.01 -43.42 0.06
CA HIS C 49 0.56 -43.58 0.07
C HIS C 49 0.09 -45.03 0.26
N GLU C 50 -1.24 -45.19 0.24
CA GLU C 50 -1.88 -46.48 0.42
C GLU C 50 -2.00 -47.18 -0.96
N ASN C 51 -3.06 -47.97 -1.14
CA ASN C 51 -3.24 -48.73 -2.38
C ASN C 51 -4.07 -48.02 -3.47
N ARG C 52 -4.17 -46.70 -3.39
CA ARG C 52 -4.97 -45.97 -4.37
C ARG C 52 -4.36 -44.65 -4.81
N GLY C 53 -3.04 -44.59 -4.83
CA GLY C 53 -2.33 -43.40 -5.30
C GLY C 53 -2.30 -42.23 -4.34
N LEU C 54 -1.83 -41.11 -4.87
CA LEU C 54 -1.62 -39.90 -4.11
C LEU C 54 -2.93 -39.12 -4.01
N ASN C 55 -3.74 -39.46 -3.02
CA ASN C 55 -5.05 -38.82 -2.83
C ASN C 55 -4.96 -37.65 -1.84
N PRO C 56 -6.06 -36.90 -1.65
CA PRO C 56 -5.95 -35.74 -0.77
C PRO C 56 -5.54 -36.03 0.68
N TYR C 57 -5.87 -37.20 1.20
CA TYR C 57 -5.48 -37.57 2.56
C TYR C 57 -3.97 -37.60 2.69
N ILE C 58 -3.29 -38.25 1.76
CA ILE C 58 -1.83 -38.34 1.81
C ILE C 58 -1.18 -36.99 1.61
N GLU C 59 -1.75 -36.16 0.74
CA GLU C 59 -1.23 -34.81 0.54
C GLU C 59 -1.34 -34.02 1.84
N ASP C 60 -2.44 -34.18 2.54
CA ASP C 60 -2.61 -33.53 3.84
C ASP C 60 -1.55 -34.03 4.82
N VAL C 61 -1.30 -35.34 4.83
CA VAL C 61 -0.29 -35.90 5.74
C VAL C 61 1.08 -35.28 5.45
N ALA C 62 1.41 -35.10 4.18
CA ALA C 62 2.66 -34.45 3.81
C ALA C 62 2.73 -33.04 4.41
N ARG C 63 1.62 -32.30 4.35
CA ARG C 63 1.58 -30.97 4.94
C ARG C 63 1.74 -31.04 6.47
N ARG C 64 1.17 -32.06 7.11
CA ARG C 64 1.33 -32.23 8.57
C ARG C 64 2.80 -32.45 8.93
N VAL C 65 3.51 -33.20 8.09
CA VAL C 65 4.93 -33.43 8.29
C VAL C 65 5.72 -32.12 8.18
N ALA C 66 5.37 -31.29 7.20
CA ALA C 66 6.03 -30.00 7.05
C ALA C 66 5.70 -29.07 8.21
N LYS C 67 4.47 -29.11 8.71
CA LYS C 67 4.10 -28.30 9.89
C LYS C 67 4.94 -28.70 11.10
N ALA C 68 5.32 -29.97 11.18
CA ALA C 68 6.16 -30.46 12.28
C ALA C 68 7.63 -30.08 12.11
N GLY C 69 7.99 -29.49 10.98
CA GLY C 69 9.35 -28.99 10.74
C GLY C 69 10.24 -29.78 9.79
N TYR C 70 9.68 -30.65 8.96
CA TYR C 70 10.50 -31.46 8.04
C TYR C 70 10.11 -31.23 6.59
N ILE C 71 11.04 -31.51 5.66
CA ILE C 71 10.71 -31.45 4.25
C ILE C 71 10.05 -32.78 3.92
N ALA C 72 8.83 -32.76 3.41
CA ALA C 72 8.11 -33.98 3.10
C ALA C 72 7.95 -34.15 1.58
N LEU C 73 8.18 -35.37 1.11
CA LEU C 73 7.98 -35.70 -0.29
C LEU C 73 7.08 -36.92 -0.37
N ALA C 74 5.94 -36.76 -1.04
CA ALA C 74 4.96 -37.83 -1.25
C ALA C 74 4.86 -38.12 -2.75
N PRO C 75 5.54 -39.19 -3.22
CA PRO C 75 5.47 -39.50 -4.65
C PRO C 75 4.11 -39.99 -5.12
N ASP C 76 3.85 -39.83 -6.41
CA ASP C 76 2.61 -40.31 -7.01
C ASP C 76 2.85 -41.62 -7.76
N GLY C 77 2.41 -42.70 -7.13
CA GLY C 77 2.58 -44.03 -7.68
C GLY C 77 1.73 -44.30 -8.90
N LEU C 78 0.77 -43.43 -9.18
CA LEU C 78 -0.06 -43.56 -10.37
C LEU C 78 0.40 -42.65 -11.49
N ASN C 79 1.59 -42.07 -11.37
CA ASN C 79 2.04 -41.11 -12.38
C ASN C 79 2.16 -41.72 -13.77
N SER C 80 2.44 -43.01 -13.86
CA SER C 80 2.60 -43.67 -15.15
C SER C 80 1.27 -43.99 -15.84
N VAL C 81 0.17 -43.85 -15.11
CA VAL C 81 -1.16 -44.15 -15.66
C VAL C 81 -2.14 -42.98 -15.48
N GLY C 82 -1.61 -41.75 -15.52
CA GLY C 82 -2.43 -40.53 -15.47
C GLY C 82 -2.63 -39.84 -14.14
N GLY C 83 -2.06 -40.38 -13.06
CA GLY C 83 -2.19 -39.76 -11.74
C GLY C 83 -3.48 -40.12 -11.03
N TYR C 84 -3.64 -39.65 -9.79
CA TYR C 84 -4.83 -39.94 -9.02
C TYR C 84 -6.06 -39.54 -9.85
N PRO C 85 -6.95 -40.51 -10.14
CA PRO C 85 -8.08 -40.23 -11.04
C PRO C 85 -9.26 -39.48 -10.44
N GLY C 86 -9.20 -39.14 -9.15
CA GLY C 86 -10.25 -38.36 -8.52
C GLY C 86 -11.10 -39.13 -7.55
N ASN C 87 -11.08 -40.46 -7.64
CA ASN C 87 -11.79 -41.30 -6.68
C ASN C 87 -10.95 -42.52 -6.32
N ASP C 88 -11.14 -42.98 -5.09
CA ASP C 88 -10.36 -44.10 -4.56
C ASP C 88 -10.58 -45.43 -5.27
N ASP C 89 -11.81 -45.70 -5.72
CA ASP C 89 -12.09 -46.97 -6.42
C ASP C 89 -11.27 -47.10 -7.71
N LYS C 90 -11.25 -46.04 -8.50
CA LYS C 90 -10.47 -46.07 -9.73
C LYS C 90 -8.98 -46.07 -9.39
N GLY C 91 -8.62 -45.36 -8.33
CA GLY C 91 -7.23 -45.33 -7.87
C GLY C 91 -6.74 -46.73 -7.55
N ARG C 92 -7.56 -47.50 -6.83
CA ARG C 92 -7.22 -48.88 -6.48
C ARG C 92 -7.03 -49.76 -7.70
N GLU C 93 -7.95 -49.65 -8.63
CA GLU C 93 -7.88 -50.40 -9.88
C GLU C 93 -6.62 -50.06 -10.67
N LEU C 94 -6.30 -48.78 -10.77
CA LEU C 94 -5.11 -48.35 -11.51
C LEU C 94 -3.82 -48.81 -10.83
N GLN C 95 -3.75 -48.72 -9.51
CA GLN C 95 -2.51 -49.08 -8.82
C GLN C 95 -2.18 -50.57 -9.02
N GLN C 96 -3.21 -51.40 -9.12
CA GLN C 96 -3.02 -52.83 -9.41
C GLN C 96 -2.36 -53.11 -10.76
N GLN C 97 -2.54 -52.21 -11.72
CA GLN C 97 -1.99 -52.36 -13.05
C GLN C 97 -0.53 -51.92 -13.13
N VAL C 98 -0.04 -51.19 -12.13
CA VAL C 98 1.33 -50.70 -12.14
C VAL C 98 2.29 -51.82 -11.73
N ASP C 99 3.42 -51.92 -12.42
CA ASP C 99 4.39 -52.95 -12.08
C ASP C 99 4.85 -52.77 -10.65
N PRO C 100 4.69 -53.79 -9.79
CA PRO C 100 5.06 -53.65 -8.38
C PRO C 100 6.51 -53.25 -8.10
N THR C 101 7.47 -53.85 -8.81
CA THR C 101 8.87 -53.55 -8.58
C THR C 101 9.21 -52.12 -8.95
N LYS C 102 8.72 -51.66 -10.09
CA LYS C 102 8.98 -50.28 -10.52
C LYS C 102 8.33 -49.29 -9.57
N LEU C 103 7.14 -49.61 -9.08
CA LEU C 103 6.44 -48.74 -8.14
C LEU C 103 7.23 -48.59 -6.85
N MSE C 104 7.67 -49.71 -6.30
CA MSE C 104 8.48 -49.67 -5.08
C MSE C 104 9.74 -48.87 -5.33
O MSE C 104 10.13 -48.06 -4.50
CB MSE C 104 8.82 -51.08 -4.62
CG MSE C 104 9.70 -51.07 -3.37
SE MSE C 104 10.22 -52.89 -2.89
CE MSE C 104 8.82 -52.95 -1.50
N ASN C 105 10.38 -49.11 -6.48
CA ASN C 105 11.59 -48.37 -6.83
C ASN C 105 11.40 -46.86 -6.89
N ASP C 106 10.22 -46.41 -7.29
CA ASP C 106 9.92 -44.98 -7.30
C ASP C 106 10.03 -44.40 -5.89
N PHE C 107 9.56 -45.14 -4.88
CA PHE C 107 9.65 -44.66 -3.51
C PHE C 107 11.09 -44.72 -2.99
N PHE C 108 11.83 -45.74 -3.39
CA PHE C 108 13.24 -45.85 -3.04
C PHE C 108 14.00 -44.68 -3.66
N ALA C 109 13.69 -44.35 -4.91
CA ALA C 109 14.32 -43.23 -5.60
C ALA C 109 14.02 -41.90 -4.91
N ALA C 110 12.84 -41.78 -4.31
CA ALA C 110 12.46 -40.58 -3.58
C ALA C 110 13.37 -40.40 -2.36
N ILE C 111 13.71 -41.51 -1.70
CA ILE C 111 14.62 -41.46 -0.56
C ILE C 111 15.97 -40.91 -1.01
N GLU C 112 16.48 -41.46 -2.10
CA GLU C 112 17.78 -41.01 -2.60
C GLU C 112 17.76 -39.56 -3.05
N PHE C 113 16.67 -39.14 -3.68
CA PHE C 113 16.51 -37.75 -4.11
C PHE C 113 16.52 -36.79 -2.91
N MSE C 114 15.83 -37.17 -1.84
CA MSE C 114 15.76 -36.32 -0.64
C MSE C 114 17.09 -36.33 0.09
O MSE C 114 17.42 -35.38 0.81
CB MSE C 114 14.59 -36.75 0.25
CG MSE C 114 13.23 -36.39 -0.38
SE MSE C 114 13.08 -34.50 -0.91
CE MSE C 114 13.43 -33.70 0.83
N GLN C 115 17.86 -37.38 -0.08
CA GLN C 115 19.17 -37.49 0.56
C GLN C 115 20.13 -36.43 -0.03
N ARG C 116 19.98 -36.15 -1.31
CA ARG C 116 20.84 -35.19 -2.02
C ARG C 116 20.23 -33.81 -2.24
N TYR C 117 19.01 -33.61 -1.74
CA TYR C 117 18.30 -32.34 -1.93
C TYR C 117 19.07 -31.19 -1.26
N PRO C 118 19.40 -30.13 -2.02
CA PRO C 118 20.25 -29.05 -1.48
C PRO C 118 19.79 -28.41 -0.17
N GLN C 119 18.48 -28.24 -0.01
CA GLN C 119 17.96 -27.63 1.21
C GLN C 119 17.79 -28.63 2.37
N ALA C 120 18.08 -29.90 2.11
CA ALA C 120 17.96 -30.94 3.14
C ALA C 120 19.31 -31.21 3.79
N THR C 121 19.28 -31.84 4.96
CA THR C 121 20.49 -32.16 5.71
C THR C 121 21.21 -33.39 5.20
N GLY C 122 20.50 -34.24 4.48
CA GLY C 122 21.06 -35.52 4.04
C GLY C 122 20.43 -36.69 4.75
N LYS C 123 19.80 -36.44 5.91
CA LYS C 123 19.12 -37.50 6.63
C LYS C 123 17.69 -37.60 6.11
N VAL C 124 17.24 -38.83 5.89
CA VAL C 124 15.90 -39.09 5.39
C VAL C 124 15.21 -40.19 6.18
N GLY C 125 13.97 -39.92 6.57
CA GLY C 125 13.14 -40.90 7.24
C GLY C 125 12.01 -41.27 6.30
N ILE C 126 11.24 -42.29 6.65
CA ILE C 126 10.13 -42.71 5.81
C ILE C 126 8.95 -43.15 6.66
N THR C 127 7.76 -42.87 6.16
CA THR C 127 6.54 -43.30 6.82
C THR C 127 5.51 -43.59 5.74
N GLY C 128 4.59 -44.50 6.01
CA GLY C 128 3.58 -44.87 5.06
C GLY C 128 2.47 -45.67 5.70
N PHE C 129 1.37 -45.77 4.98
CA PHE C 129 0.16 -46.41 5.49
C PHE C 129 -0.29 -47.53 4.56
N CME C 130 -0.67 -48.66 5.15
CA CME C 130 -1.16 -49.82 4.39
CB CME C 130 -2.47 -49.29 3.76
SG CME C 130 -3.63 -50.53 3.24
SD CME C 130 -5.17 -49.40 2.60
CE CME C 130 -5.88 -48.53 3.99
CZ CME C 130 -7.38 -48.76 4.02
OH CME C 130 -7.93 -48.70 5.34
C CME C 130 -0.03 -50.25 3.46
O CME C 130 1.06 -50.62 3.93
N TYR C 131 -0.26 -50.21 2.15
CA TYR C 131 0.80 -50.44 1.16
C TYR C 131 2.07 -49.71 1.57
N GLY C 132 1.91 -48.45 1.97
CA GLY C 132 3.04 -47.61 2.36
C GLY C 132 3.80 -48.07 3.58
N GLY C 133 3.12 -48.77 4.49
CA GLY C 133 3.80 -49.33 5.66
C GLY C 133 4.72 -50.44 5.19
N GLY C 134 4.24 -51.24 4.23
CA GLY C 134 5.05 -52.30 3.63
C GLY C 134 6.30 -51.75 2.98
N VAL C 135 6.14 -50.65 2.24
CA VAL C 135 7.26 -50.00 1.58
C VAL C 135 8.26 -49.47 2.61
N SER C 136 7.73 -48.91 3.71
CA SER C 136 8.58 -48.40 4.78
C SER C 136 9.50 -49.48 5.34
N ASN C 137 8.95 -50.66 5.60
CA ASN C 137 9.74 -51.80 6.08
C ASN C 137 10.77 -52.25 5.04
N ALA C 138 10.34 -52.32 3.77
CA ALA C 138 11.24 -52.69 2.68
C ALA C 138 12.39 -51.67 2.55
N ALA C 139 12.09 -50.40 2.75
CA ALA C 139 13.11 -49.37 2.71
C ALA C 139 14.12 -49.55 3.85
N ALA C 140 13.63 -49.94 5.03
CA ALA C 140 14.51 -50.16 6.18
C ALA C 140 15.48 -51.30 5.87
N VAL C 141 15.01 -52.30 5.14
CA VAL C 141 15.86 -53.40 4.73
C VAL C 141 16.91 -52.93 3.71
N ALA C 142 16.47 -52.13 2.74
CA ALA C 142 17.34 -51.72 1.64
C ALA C 142 18.34 -50.58 1.90
N TYR C 143 18.04 -49.65 2.82
CA TYR C 143 18.90 -48.49 3.07
C TYR C 143 19.48 -48.44 4.47
N PRO C 144 20.72 -48.92 4.64
CA PRO C 144 21.30 -48.89 5.98
C PRO C 144 21.45 -47.51 6.61
N GLU C 145 21.50 -46.46 5.78
CA GLU C 145 21.62 -45.08 6.27
C GLU C 145 20.28 -44.39 6.55
N LEU C 146 19.17 -45.06 6.26
CA LEU C 146 17.85 -44.48 6.50
C LEU C 146 17.78 -44.06 7.97
N ALA C 147 17.37 -42.82 8.22
CA ALA C 147 17.34 -42.29 9.59
C ALA C 147 16.31 -42.95 10.51
N CYS C 148 15.16 -43.29 9.96
CA CYS C 148 14.11 -43.98 10.71
C CYS C 148 13.00 -44.42 9.75
N ALA C 149 12.16 -45.34 10.21
CA ALA C 149 11.04 -45.84 9.41
C ALA C 149 9.83 -46.03 10.32
N VAL C 150 8.67 -45.59 9.84
CA VAL C 150 7.45 -45.66 10.61
C VAL C 150 6.30 -46.26 9.79
N PRO C 151 6.22 -47.60 9.76
CA PRO C 151 5.12 -48.24 9.06
C PRO C 151 3.80 -48.27 9.84
N PHE C 152 2.73 -47.79 9.21
CA PHE C 152 1.37 -47.89 9.77
C PHE C 152 0.68 -49.09 9.13
N TYR C 153 0.27 -50.04 9.96
CA TYR C 153 -0.47 -51.25 9.54
C TYR C 153 -0.11 -51.73 8.14
N GLY C 154 1.16 -52.08 7.98
CA GLY C 154 1.69 -52.56 6.72
C GLY C 154 2.45 -53.87 6.82
N ARG C 155 2.69 -54.48 5.66
CA ARG C 155 3.42 -55.74 5.59
C ARG C 155 4.77 -55.68 6.25
N GLN C 156 5.09 -56.75 6.98
CA GLN C 156 6.34 -56.88 7.72
C GLN C 156 7.50 -57.06 6.74
N ALA C 157 8.71 -56.81 7.22
CA ALA C 157 9.91 -57.07 6.42
C ALA C 157 10.08 -58.58 6.35
N PRO C 158 10.70 -59.09 5.27
CA PRO C 158 10.97 -60.54 5.22
C PRO C 158 11.93 -60.95 6.36
N THR C 159 11.61 -62.03 7.08
CA THR C 159 12.41 -62.43 8.24
C THR C 159 13.89 -62.59 7.96
N ALA C 160 14.24 -63.20 6.83
CA ALA C 160 15.65 -63.41 6.48
C ALA C 160 16.43 -62.12 6.22
N ASP C 161 15.74 -60.99 6.02
CA ASP C 161 16.39 -59.71 5.75
C ASP C 161 16.50 -58.78 6.95
N VAL C 162 15.93 -59.20 8.08
CA VAL C 162 15.89 -58.34 9.26
C VAL C 162 17.27 -57.89 9.76
N ALA C 163 18.28 -58.76 9.66
CA ALA C 163 19.63 -58.42 10.10
C ALA C 163 20.19 -57.20 9.37
N LYS C 164 19.74 -56.95 8.15
CA LYS C 164 20.20 -55.80 7.35
C LYS C 164 19.66 -54.46 7.85
N ILE C 165 18.57 -54.46 8.59
CA ILE C 165 17.93 -53.22 9.04
C ILE C 165 18.78 -52.42 10.03
N GLU C 166 18.94 -51.12 9.76
CA GLU C 166 19.64 -50.22 10.67
C GLU C 166 18.77 -49.06 11.15
N ALA C 167 17.76 -48.68 10.37
CA ALA C 167 16.86 -47.61 10.75
C ALA C 167 15.99 -48.00 11.95
N PRO C 168 15.95 -47.14 12.98
CA PRO C 168 15.05 -47.36 14.11
C PRO C 168 13.62 -47.40 13.61
N LEU C 169 12.88 -48.43 14.03
CA LEU C 169 11.52 -48.69 13.57
C LEU C 169 10.46 -48.37 14.60
N LEU C 170 9.44 -47.62 14.18
CA LEU C 170 8.28 -47.36 15.00
C LEU C 170 7.11 -47.97 14.25
N LEU C 171 6.53 -49.04 14.79
CA LEU C 171 5.46 -49.73 14.10
C LEU C 171 4.10 -49.55 14.79
N HIS C 172 3.10 -49.17 13.99
CA HIS C 172 1.74 -49.00 14.47
C HIS C 172 0.85 -50.10 13.89
N PHE C 173 0.21 -50.87 14.77
CA PHE C 173 -0.69 -51.93 14.33
C PHE C 173 -2.08 -51.72 14.92
N ALA C 174 -3.10 -52.13 14.17
CA ALA C 174 -4.49 -52.05 14.63
C ALA C 174 -4.88 -53.42 15.16
N GLU C 175 -5.50 -53.46 16.34
CA GLU C 175 -5.87 -54.73 16.96
C GLU C 175 -6.69 -55.66 16.06
N LEU C 176 -7.66 -55.10 15.36
CA LEU C 176 -8.56 -55.90 14.52
C LEU C 176 -7.97 -56.31 13.16
N ASP C 177 -6.79 -55.79 12.81
CA ASP C 177 -6.14 -56.06 11.52
C ASP C 177 -5.37 -57.37 11.57
N THR C 178 -6.13 -58.47 11.61
CA THR C 178 -5.56 -59.79 11.79
C THR C 178 -4.58 -60.24 10.71
N ARG C 179 -4.82 -59.87 9.46
CA ARG C 179 -3.92 -60.28 8.36
C ARG C 179 -2.52 -59.75 8.55
N ILE C 180 -2.39 -58.50 8.95
CA ILE C 180 -1.08 -57.90 9.16
C ILE C 180 -0.46 -58.36 10.48
N ASN C 181 -1.26 -58.34 11.53
CA ASN C 181 -0.79 -58.69 12.87
C ASN C 181 -0.31 -60.20 12.94
N GLU C 182 -0.82 -61.07 12.06
CA GLU C 182 -0.37 -62.47 11.99
C GLU C 182 1.15 -62.61 11.83
N GLY C 183 1.72 -61.72 11.02
CA GLY C 183 3.15 -61.77 10.73
C GLY C 183 4.03 -61.03 11.72
N TRP C 184 3.43 -60.28 12.64
CA TRP C 184 4.20 -59.47 13.59
C TRP C 184 5.09 -60.29 14.53
N PRO C 185 4.56 -61.35 15.17
CA PRO C 185 5.43 -62.11 16.07
C PRO C 185 6.75 -62.60 15.45
N ALA C 186 6.73 -63.08 14.22
CA ALA C 186 7.96 -63.53 13.56
C ALA C 186 8.90 -62.34 13.33
N TYR C 187 8.33 -61.20 12.96
CA TYR C 187 9.13 -60.00 12.70
C TYR C 187 9.74 -59.52 14.02
N GLU C 188 8.94 -59.47 15.08
CA GLU C 188 9.44 -59.02 16.37
C GLU C 188 10.55 -59.93 16.88
N ALA C 189 10.37 -61.24 16.76
CA ALA C 189 11.38 -62.19 17.22
C ALA C 189 12.71 -61.97 16.50
N ALA C 190 12.65 -61.69 15.20
CA ALA C 190 13.87 -61.44 14.42
C ALA C 190 14.52 -60.10 14.81
N LEU C 191 13.69 -59.10 15.08
CA LEU C 191 14.21 -57.80 15.52
C LEU C 191 14.96 -57.96 16.84
N LYS C 192 14.35 -58.67 17.79
CA LYS C 192 14.98 -58.91 19.08
C LYS C 192 16.23 -59.76 18.96
N ALA C 193 16.15 -60.83 18.18
CA ALA C 193 17.29 -61.73 17.99
C ALA C 193 18.50 -61.01 17.38
N ASN C 194 18.24 -59.95 16.63
CA ASN C 194 19.30 -59.16 16.00
C ASN C 194 19.55 -57.81 16.66
N ASN C 195 19.08 -57.65 17.89
CA ASN C 195 19.29 -56.42 18.68
C ASN C 195 18.95 -55.13 17.95
N LYS C 196 17.84 -55.13 17.24
CA LYS C 196 17.43 -53.96 16.48
C LYS C 196 16.63 -52.99 17.34
N VAL C 197 16.75 -51.71 17.02
CA VAL C 197 16.05 -50.66 17.74
C VAL C 197 14.65 -50.53 17.16
N TYR C 198 13.63 -50.73 18.00
CA TYR C 198 12.25 -50.59 17.54
C TYR C 198 11.29 -50.37 18.71
N GLU C 199 10.12 -49.83 18.39
CA GLU C 199 9.01 -49.74 19.32
C GLU C 199 7.79 -50.09 18.50
N ALA C 200 6.89 -50.89 19.08
CA ALA C 200 5.68 -51.29 18.36
C ALA C 200 4.50 -51.08 19.27
N TYR C 201 3.40 -50.63 18.68
CA TYR C 201 2.18 -50.37 19.42
C TYR C 201 0.99 -50.98 18.71
N ILE C 202 0.17 -51.66 19.49
CA ILE C 202 -1.05 -52.26 18.99
C ILE C 202 -2.20 -51.41 19.57
N TYR C 203 -2.99 -50.78 18.70
CA TYR C 203 -4.07 -49.88 19.13
C TYR C 203 -5.35 -50.68 19.31
N PRO C 204 -5.90 -50.70 20.54
CA PRO C 204 -7.08 -51.54 20.78
C PRO C 204 -8.37 -51.06 20.13
N GLY C 205 -9.22 -52.02 19.77
CA GLY C 205 -10.54 -51.74 19.24
C GLY C 205 -10.64 -51.03 17.91
N VAL C 206 -9.54 -50.93 17.17
CA VAL C 206 -9.57 -50.28 15.86
C VAL C 206 -9.03 -51.22 14.79
N ASN C 207 -9.29 -50.85 13.54
CA ASN C 207 -8.86 -51.64 12.41
C ASN C 207 -7.88 -50.88 11.54
N HIS C 208 -7.34 -51.58 10.56
CA HIS C 208 -6.46 -51.00 9.56
C HIS C 208 -7.09 -49.73 9.00
N GLY C 209 -6.27 -48.72 8.70
CA GLY C 209 -6.75 -47.44 8.17
C GLY C 209 -7.25 -46.46 9.22
N PHE C 210 -6.97 -46.71 10.50
CA PHE C 210 -7.50 -45.85 11.56
C PHE C 210 -6.99 -44.41 11.53
N HIS C 211 -5.87 -44.17 10.86
CA HIS C 211 -5.34 -42.81 10.73
C HIS C 211 -5.98 -42.06 9.57
N ASN C 212 -6.61 -42.78 8.66
CA ASN C 212 -7.21 -42.15 7.48
C ASN C 212 -8.57 -41.54 7.79
N ASP C 213 -8.55 -40.23 8.00
CA ASP C 213 -9.75 -39.49 8.38
C ASP C 213 -10.77 -39.32 7.24
N SER C 214 -10.45 -39.81 6.05
CA SER C 214 -11.41 -39.75 4.93
C SER C 214 -12.21 -41.07 4.81
N THR C 215 -12.01 -42.02 5.72
CA THR C 215 -12.70 -43.31 5.68
C THR C 215 -13.46 -43.58 6.96
N PRO C 216 -14.44 -44.50 6.92
CA PRO C 216 -15.17 -44.90 8.13
C PRO C 216 -14.33 -45.65 9.18
N ARG C 217 -13.14 -46.13 8.81
CA ARG C 217 -12.25 -46.81 9.76
C ARG C 217 -11.47 -45.83 10.63
N TYR C 218 -11.60 -44.54 10.33
CA TYR C 218 -10.93 -43.51 11.10
C TYR C 218 -11.27 -43.60 12.58
N ASP C 219 -10.25 -43.50 13.43
CA ASP C 219 -10.45 -43.41 14.88
C ASP C 219 -9.56 -42.28 15.38
N LYS C 220 -10.16 -41.18 15.79
CA LYS C 220 -9.41 -40.00 16.20
C LYS C 220 -8.40 -40.26 17.31
N SER C 221 -8.82 -40.96 18.36
CA SER C 221 -7.93 -41.21 19.50
C SER C 221 -6.69 -41.97 19.11
N ALA C 222 -6.87 -43.05 18.36
CA ALA C 222 -5.73 -43.86 17.93
C ALA C 222 -4.88 -43.10 16.92
N ALA C 223 -5.53 -42.39 16.00
CA ALA C 223 -4.83 -41.62 14.99
C ALA C 223 -3.91 -40.58 15.62
N ASP C 224 -4.48 -39.79 16.54
CA ASP C 224 -3.74 -38.71 17.20
C ASP C 224 -2.57 -39.25 18.04
N LEU C 225 -2.82 -40.34 18.77
CA LEU C 225 -1.78 -40.94 19.59
C LEU C 225 -0.64 -41.48 18.71
N ALA C 226 -0.99 -42.21 17.66
CA ALA C 226 0.01 -42.73 16.73
C ALA C 226 0.82 -41.60 16.08
N TRP C 227 0.14 -40.51 15.72
CA TRP C 227 0.84 -39.40 15.10
C TRP C 227 1.78 -38.72 16.09
N GLN C 228 1.36 -38.56 17.33
CA GLN C 228 2.23 -37.95 18.32
C GLN C 228 3.50 -38.78 18.49
N ARG C 229 3.33 -40.09 18.59
CA ARG C 229 4.47 -40.99 18.74
C ARG C 229 5.38 -40.90 17.52
N THR C 230 4.78 -40.76 16.34
CA THR C 230 5.52 -40.59 15.10
C THR C 230 6.37 -39.30 15.10
N LEU C 231 5.79 -38.18 15.53
CA LEU C 231 6.54 -36.93 15.61
C LEU C 231 7.70 -37.01 16.62
N LYS C 232 7.49 -37.69 17.74
CA LYS C 232 8.56 -37.86 18.73
C LYS C 232 9.70 -38.71 18.16
N TRP C 233 9.34 -39.69 17.34
CA TRP C 233 10.32 -40.57 16.70
C TRP C 233 11.15 -39.74 15.71
N PHE C 234 10.46 -38.93 14.89
CA PHE C 234 11.14 -38.06 13.96
C PHE C 234 12.09 -37.10 14.68
N ASP C 235 11.60 -36.50 15.76
CA ASP C 235 12.40 -35.56 16.52
C ASP C 235 13.66 -36.24 17.09
N LYS C 236 13.50 -37.49 17.53
CA LYS C 236 14.59 -38.30 18.12
C LYS C 236 15.66 -38.72 17.08
N TYR C 237 15.20 -39.12 15.89
CA TYR C 237 16.13 -39.68 14.91
C TYR C 237 16.46 -38.89 13.65
N LEU C 238 15.75 -37.80 13.37
CA LEU C 238 16.05 -37.00 12.18
C LEU C 238 16.95 -35.82 12.51
N SER D 1 -7.04 -28.54 6.93
CA SER D 1 -8.12 -28.53 5.93
C SER D 1 -9.45 -28.78 6.58
N ASN D 2 -10.48 -28.24 5.96
CA ASN D 2 -11.77 -28.70 6.30
C ASN D 2 -12.68 -28.51 5.08
N ALA D 3 -12.56 -29.41 4.09
CA ALA D 3 -13.44 -29.39 2.93
C ALA D 3 -14.89 -29.48 3.42
N GLN D 4 -15.79 -28.80 2.71
N GLN D 4 -15.80 -28.80 2.73
CA GLN D 4 -17.20 -28.85 3.04
CA GLN D 4 -17.17 -28.90 3.15
C GLN D 4 -17.67 -30.23 2.69
C GLN D 4 -17.70 -30.24 2.69
N VAL D 5 -17.27 -30.75 1.53
CA VAL D 5 -17.66 -32.09 1.10
C VAL D 5 -16.39 -32.94 0.97
N GLU D 6 -16.31 -33.99 1.76
CA GLU D 6 -15.19 -34.92 1.72
C GLU D 6 -15.06 -35.49 0.31
N PHE D 7 -13.83 -35.65 -0.16
CA PHE D 7 -13.64 -36.24 -1.48
C PHE D 7 -14.21 -37.68 -1.56
N THR D 8 -14.32 -38.35 -0.41
CA THR D 8 -14.86 -39.71 -0.31
C THR D 8 -16.36 -39.78 -0.01
N ASP D 9 -17.05 -38.64 0.04
CA ASP D 9 -18.47 -38.60 0.36
C ASP D 9 -19.24 -39.59 -0.55
N PRO D 10 -19.92 -40.59 0.03
CA PRO D 10 -20.58 -41.58 -0.81
C PRO D 10 -21.72 -41.06 -1.69
N GLU D 11 -22.19 -39.83 -1.46
CA GLU D 11 -23.26 -39.28 -2.27
C GLU D 11 -22.76 -38.63 -3.56
N ILE D 12 -21.45 -38.60 -3.77
CA ILE D 12 -20.92 -38.02 -4.99
C ILE D 12 -19.93 -38.97 -5.65
N PHE D 13 -19.73 -38.80 -6.95
CA PHE D 13 -18.74 -39.57 -7.69
C PHE D 13 -17.89 -38.59 -8.48
N ALA D 14 -16.61 -38.54 -8.13
CA ALA D 14 -15.68 -37.59 -8.74
C ALA D 14 -14.59 -38.26 -9.56
N GLU D 15 -14.26 -37.67 -10.70
CA GLU D 15 -13.16 -38.18 -11.54
C GLU D 15 -12.61 -37.06 -12.41
N TYR D 16 -11.34 -37.16 -12.78
CA TYR D 16 -10.76 -36.23 -13.73
C TYR D 16 -11.05 -36.76 -15.12
N ILE D 17 -11.37 -35.85 -16.03
CA ILE D 17 -11.65 -36.21 -17.42
C ILE D 17 -10.92 -35.24 -18.32
N THR D 18 -11.00 -35.48 -19.61
CA THR D 18 -10.49 -34.56 -20.60
C THR D 18 -11.63 -34.27 -21.55
N TYR D 19 -11.67 -33.06 -22.10
CA TYR D 19 -12.71 -32.70 -23.06
C TYR D 19 -12.09 -31.81 -24.14
N PRO D 20 -12.71 -31.73 -25.33
CA PRO D 20 -12.09 -30.93 -26.40
C PRO D 20 -12.40 -29.43 -26.35
N SER D 21 -11.37 -28.64 -26.64
CA SER D 21 -11.48 -27.18 -26.70
C SER D 21 -10.69 -26.74 -27.93
N PRO D 22 -11.30 -26.88 -29.12
CA PRO D 22 -10.61 -26.61 -30.39
C PRO D 22 -10.11 -25.18 -30.57
N ASN D 23 -10.75 -24.21 -29.92
CA ASN D 23 -10.33 -22.82 -29.99
C ASN D 23 -9.60 -22.39 -28.73
N GLY D 24 -9.29 -23.35 -27.86
CA GLY D 24 -8.58 -23.07 -26.62
C GLY D 24 -7.30 -23.86 -26.61
N HIS D 25 -7.13 -24.70 -25.58
CA HIS D 25 -5.91 -25.48 -25.45
C HIS D 25 -6.01 -26.95 -25.91
N GLY D 26 -6.96 -27.26 -26.79
CA GLY D 26 -7.11 -28.62 -27.32
C GLY D 26 -7.81 -29.58 -26.36
N GLU D 27 -7.10 -30.61 -25.88
CA GLU D 27 -7.71 -31.54 -24.94
C GLU D 27 -7.46 -31.02 -23.52
N VAL D 28 -8.54 -30.58 -22.87
CA VAL D 28 -8.44 -29.95 -21.56
C VAL D 28 -8.90 -30.88 -20.43
N ARG D 29 -8.13 -30.89 -19.36
CA ARG D 29 -8.43 -31.68 -18.17
C ARG D 29 -9.44 -30.93 -17.30
N GLY D 30 -10.37 -31.67 -16.72
CA GLY D 30 -11.36 -31.10 -15.81
C GLY D 30 -11.76 -32.08 -14.72
N TYR D 31 -12.24 -31.54 -13.60
CA TYR D 31 -12.71 -32.33 -12.47
C TYR D 31 -14.23 -32.45 -12.60
N LEU D 32 -14.72 -33.65 -12.86
CA LEU D 32 -16.15 -33.90 -13.07
C LEU D 32 -16.73 -34.58 -11.85
N VAL D 33 -17.79 -34.02 -11.27
CA VAL D 33 -18.42 -34.63 -10.10
C VAL D 33 -19.91 -34.79 -10.34
N LYS D 34 -20.43 -36.00 -10.11
CA LYS D 34 -21.85 -36.33 -10.30
C LYS D 34 -22.48 -36.80 -9.01
N PRO D 35 -23.81 -36.65 -8.89
CA PRO D 35 -24.49 -37.29 -7.78
C PRO D 35 -24.29 -38.80 -7.95
N ALA D 36 -23.98 -39.51 -6.87
CA ALA D 36 -23.69 -40.95 -6.95
C ALA D 36 -24.89 -41.77 -7.37
N LYS D 37 -26.07 -41.35 -6.93
CA LYS D 37 -27.28 -42.06 -7.23
C LYS D 37 -28.11 -41.22 -8.22
N MSE D 38 -28.02 -41.57 -9.50
CA MSE D 38 -28.75 -40.84 -10.54
C MSE D 38 -29.48 -41.83 -11.40
O MSE D 38 -28.86 -42.71 -12.00
CB MSE D 38 -27.80 -39.94 -11.36
CG MSE D 38 -26.97 -40.69 -12.39
SE MSE D 38 -25.22 -39.85 -12.71
CE MSE D 38 -25.69 -37.93 -12.78
N SER D 39 -30.80 -41.72 -11.46
CA SER D 39 -31.58 -42.60 -12.31
C SER D 39 -31.60 -41.99 -13.71
N GLY D 40 -32.22 -40.81 -13.84
CA GLY D 40 -32.36 -40.17 -15.15
C GLY D 40 -31.30 -39.15 -15.45
N LYS D 41 -31.51 -38.40 -16.53
CA LYS D 41 -30.59 -37.35 -16.93
C LYS D 41 -30.61 -36.25 -15.88
N THR D 42 -29.45 -35.61 -15.67
CA THR D 42 -29.28 -34.60 -14.64
C THR D 42 -28.76 -33.29 -15.25
N PRO D 43 -29.21 -32.13 -14.75
CA PRO D 43 -28.69 -30.85 -15.28
C PRO D 43 -27.23 -30.66 -14.89
N ALA D 44 -26.53 -29.79 -15.59
CA ALA D 44 -25.10 -29.58 -15.38
C ALA D 44 -24.74 -28.14 -15.03
N VAL D 45 -23.62 -27.99 -14.34
CA VAL D 45 -23.09 -26.69 -13.96
C VAL D 45 -21.59 -26.67 -14.18
N VAL D 46 -21.12 -25.65 -14.90
CA VAL D 46 -19.70 -25.46 -15.10
C VAL D 46 -19.25 -24.53 -13.98
N VAL D 47 -18.18 -24.93 -13.30
CA VAL D 47 -17.63 -24.16 -12.20
C VAL D 47 -16.28 -23.58 -12.62
N VAL D 48 -16.16 -22.26 -12.61
CA VAL D 48 -14.93 -21.59 -13.07
C VAL D 48 -14.11 -21.08 -11.90
N HIS D 49 -12.83 -21.45 -11.90
CA HIS D 49 -11.93 -21.09 -10.82
C HIS D 49 -11.55 -19.61 -10.79
N GLU D 50 -10.71 -19.27 -9.82
CA GLU D 50 -10.23 -17.90 -9.63
C GLU D 50 -8.98 -17.66 -10.51
N ASN D 51 -8.04 -16.84 -10.05
CA ASN D 51 -6.84 -16.50 -10.82
C ASN D 51 -5.61 -17.37 -10.55
N ARG D 52 -5.83 -18.57 -10.02
CA ARG D 52 -4.71 -19.44 -9.68
C ARG D 52 -4.95 -20.91 -9.96
N GLY D 53 -5.77 -21.18 -10.98
CA GLY D 53 -6.02 -22.54 -11.42
C GLY D 53 -6.98 -23.33 -10.57
N LEU D 54 -7.05 -24.62 -10.88
CA LEU D 54 -7.97 -25.55 -10.23
C LEU D 54 -7.36 -26.02 -8.92
N ASN D 55 -7.61 -25.27 -7.85
CA ASN D 55 -7.05 -25.62 -6.54
C ASN D 55 -8.08 -26.39 -5.69
N PRO D 56 -7.66 -26.91 -4.52
CA PRO D 56 -8.61 -27.71 -3.73
C PRO D 56 -9.94 -27.03 -3.32
N TYR D 57 -9.94 -25.72 -3.13
CA TYR D 57 -11.19 -25.00 -2.85
C TYR D 57 -12.20 -25.17 -3.98
N ILE D 58 -11.77 -24.96 -5.22
CA ILE D 58 -12.69 -25.07 -6.36
C ILE D 58 -13.16 -26.52 -6.55
N GLU D 59 -12.27 -27.49 -6.32
CA GLU D 59 -12.65 -28.89 -6.39
C GLU D 59 -13.73 -29.20 -5.34
N ASP D 60 -13.58 -28.64 -4.14
CA ASP D 60 -14.59 -28.80 -3.10
C ASP D 60 -15.92 -28.17 -3.54
N VAL D 61 -15.87 -26.99 -4.15
CA VAL D 61 -17.10 -26.34 -4.63
C VAL D 61 -17.81 -27.25 -5.64
N ALA D 62 -17.05 -27.89 -6.53
CA ALA D 62 -17.62 -28.78 -7.52
C ALA D 62 -18.35 -29.93 -6.80
N ARG D 63 -17.75 -30.45 -5.73
CA ARG D 63 -18.41 -31.49 -4.95
C ARG D 63 -19.69 -30.97 -4.27
N ARG D 64 -19.67 -29.74 -3.79
CA ARG D 64 -20.88 -29.14 -3.19
C ARG D 64 -22.01 -29.06 -4.23
N VAL D 65 -21.66 -28.75 -5.47
CA VAL D 65 -22.65 -28.67 -6.54
C VAL D 65 -23.26 -30.06 -6.80
N ALA D 66 -22.42 -31.08 -6.82
CA ALA D 66 -22.92 -32.44 -7.00
C ALA D 66 -23.77 -32.89 -5.82
N LYS D 67 -23.42 -32.48 -4.59
CA LYS D 67 -24.23 -32.81 -3.42
C LYS D 67 -25.62 -32.20 -3.55
N ALA D 68 -25.70 -31.05 -4.20
CA ALA D 68 -26.98 -30.37 -4.40
C ALA D 68 -27.82 -31.01 -5.52
N GLY D 69 -27.24 -31.98 -6.23
CA GLY D 69 -27.97 -32.74 -7.26
C GLY D 69 -27.66 -32.44 -8.71
N TYR D 70 -26.52 -31.80 -9.00
CA TYR D 70 -26.16 -31.46 -10.39
C TYR D 70 -24.83 -32.09 -10.80
N ILE D 71 -24.63 -32.28 -12.10
CA ILE D 71 -23.33 -32.71 -12.60
C ILE D 71 -22.46 -31.46 -12.69
N ALA D 72 -21.32 -31.45 -12.01
CA ALA D 72 -20.43 -30.30 -12.01
C ALA D 72 -19.15 -30.60 -12.75
N LEU D 73 -18.72 -29.65 -13.59
CA LEU D 73 -17.46 -29.75 -14.28
C LEU D 73 -16.64 -28.49 -14.00
N ALA D 74 -15.46 -28.68 -13.42
CA ALA D 74 -14.53 -27.60 -13.13
C ALA D 74 -13.26 -27.78 -13.95
N PRO D 75 -13.11 -27.01 -15.06
CA PRO D 75 -11.92 -27.18 -15.89
C PRO D 75 -10.65 -26.68 -15.24
N ASP D 76 -9.51 -27.20 -15.70
CA ASP D 76 -8.21 -26.74 -15.21
C ASP D 76 -7.57 -25.79 -16.23
N GLY D 77 -7.61 -24.51 -15.90
CA GLY D 77 -7.05 -23.47 -16.74
C GLY D 77 -5.55 -23.47 -16.83
N LEU D 78 -4.90 -24.23 -15.95
CA LEU D 78 -3.44 -24.37 -15.99
C LEU D 78 -3.00 -25.66 -16.66
N ASN D 79 -3.92 -26.35 -17.35
CA ASN D 79 -3.57 -27.65 -17.95
C ASN D 79 -2.47 -27.55 -19.01
N SER D 80 -2.36 -26.40 -19.67
CA SER D 80 -1.33 -26.21 -20.70
C SER D 80 0.06 -25.94 -20.13
N VAL D 81 0.15 -25.64 -18.83
CA VAL D 81 1.44 -25.34 -18.19
C VAL D 81 1.69 -26.23 -16.95
N GLY D 82 1.20 -27.47 -17.01
CA GLY D 82 1.45 -28.47 -15.97
C GLY D 82 0.42 -28.66 -14.87
N GLY D 83 -0.67 -27.90 -14.90
CA GLY D 83 -1.71 -28.02 -13.89
C GLY D 83 -1.41 -27.26 -12.62
N TYR D 84 -2.36 -27.28 -11.68
CA TYR D 84 -2.18 -26.58 -10.42
C TYR D 84 -0.84 -27.02 -9.82
N PRO D 85 0.09 -26.07 -9.59
CA PRO D 85 1.42 -26.44 -9.09
C PRO D 85 1.55 -26.75 -7.59
N GLY D 86 0.46 -26.66 -6.83
CA GLY D 86 0.47 -27.02 -5.41
C GLY D 86 0.34 -25.85 -4.46
N ASN D 87 0.61 -24.65 -4.96
CA ASN D 87 0.43 -23.43 -4.15
C ASN D 87 -0.15 -22.31 -4.99
N ASP D 88 -0.90 -21.44 -4.32
CA ASP D 88 -1.60 -20.37 -4.99
C ASP D 88 -0.70 -19.29 -5.61
N ASP D 89 0.43 -19.00 -5.00
CA ASP D 89 1.37 -18.01 -5.56
C ASP D 89 1.88 -18.46 -6.95
N LYS D 90 2.32 -19.70 -7.05
CA LYS D 90 2.81 -20.20 -8.32
C LYS D 90 1.63 -20.32 -9.30
N GLY D 91 0.48 -20.70 -8.79
CA GLY D 91 -0.73 -20.80 -9.62
C GLY D 91 -1.04 -19.46 -10.27
N ARG D 92 -0.98 -18.39 -9.49
CA ARG D 92 -1.22 -17.04 -9.99
C ARG D 92 -0.24 -16.64 -11.08
N GLU D 93 1.03 -16.89 -10.83
CA GLU D 93 2.09 -16.61 -11.78
C GLU D 93 1.87 -17.36 -13.09
N LEU D 94 1.53 -18.64 -13.00
CA LEU D 94 1.32 -19.44 -14.21
C LEU D 94 0.09 -18.98 -14.98
N GLN D 95 -0.99 -18.65 -14.28
CA GLN D 95 -2.23 -18.30 -14.99
C GLN D 95 -2.02 -17.03 -15.81
N GLN D 96 -1.18 -16.13 -15.32
CA GLN D 96 -0.82 -14.90 -16.04
C GLN D 96 -0.15 -15.18 -17.39
N GLN D 97 0.53 -16.32 -17.51
CA GLN D 97 1.24 -16.68 -18.72
C GLN D 97 0.36 -17.35 -19.75
N VAL D 98 -0.83 -17.79 -19.35
CA VAL D 98 -1.75 -18.47 -20.27
C VAL D 98 -2.48 -17.42 -21.12
N ASP D 99 -2.62 -17.70 -22.42
CA ASP D 99 -3.30 -16.77 -23.33
C ASP D 99 -4.73 -16.57 -22.85
N PRO D 100 -5.13 -15.31 -22.61
CA PRO D 100 -6.46 -15.08 -22.05
C PRO D 100 -7.62 -15.58 -22.89
N THR D 101 -7.55 -15.39 -24.20
CA THR D 101 -8.64 -15.82 -25.09
C THR D 101 -8.79 -17.33 -25.10
N LYS D 102 -7.68 -18.05 -25.20
CA LYS D 102 -7.73 -19.51 -25.21
C LYS D 102 -8.24 -20.05 -23.88
N LEU D 103 -7.83 -19.40 -22.78
CA LEU D 103 -8.27 -19.80 -21.45
C LEU D 103 -9.79 -19.66 -21.31
N MSE D 104 -10.32 -18.49 -21.70
N MSE D 104 -10.31 -18.51 -21.70
CA MSE D 104 -11.76 -18.27 -21.67
CA MSE D 104 -11.75 -18.28 -21.66
C MSE D 104 -12.46 -19.29 -22.53
C MSE D 104 -12.46 -19.29 -22.53
O MSE D 104 -13.47 -19.85 -22.13
O MSE D 104 -13.48 -19.85 -22.13
CB MSE D 104 -12.10 -16.85 -22.15
CB MSE D 104 -12.06 -16.87 -22.11
CG MSE D 104 -13.61 -16.60 -22.13
CG MSE D 104 -13.53 -16.57 -22.01
SE MSE D 104 -13.98 -14.84 -22.98
SE MSE D 104 -13.64 -14.62 -21.84
CE MSE D 104 -13.50 -15.29 -24.84
CE MSE D 104 -14.51 -14.51 -20.09
N ASN D 105 -11.93 -19.54 -23.72
CA ASN D 105 -12.51 -20.54 -24.63
C ASN D 105 -12.59 -21.94 -24.05
N ASP D 106 -11.62 -22.31 -23.19
CA ASP D 106 -11.65 -23.59 -22.51
C ASP D 106 -12.91 -23.70 -21.65
N PHE D 107 -13.29 -22.62 -20.97
CA PHE D 107 -14.49 -22.65 -20.16
C PHE D 107 -15.76 -22.67 -21.01
N PHE D 108 -15.73 -21.96 -22.13
CA PHE D 108 -16.86 -21.97 -23.05
C PHE D 108 -17.03 -23.38 -23.61
N ALA D 109 -15.91 -24.03 -23.94
CA ALA D 109 -15.94 -25.40 -24.47
C ALA D 109 -16.50 -26.38 -23.44
N ALA D 110 -16.26 -26.11 -22.15
CA ALA D 110 -16.81 -26.94 -21.09
C ALA D 110 -18.35 -26.86 -21.08
N ILE D 111 -18.88 -25.67 -21.32
CA ILE D 111 -20.33 -25.50 -21.40
C ILE D 111 -20.88 -26.38 -22.52
N GLU D 112 -20.25 -26.31 -23.69
CA GLU D 112 -20.71 -27.06 -24.86
C GLU D 112 -20.60 -28.56 -24.62
N PHE D 113 -19.53 -28.98 -23.96
CA PHE D 113 -19.33 -30.38 -23.64
C PHE D 113 -20.43 -30.88 -22.69
N MSE D 114 -20.77 -30.09 -21.68
N MSE D 114 -20.77 -30.09 -21.68
CA MSE D 114 -21.81 -30.49 -20.73
CA MSE D 114 -21.81 -30.49 -20.73
C MSE D 114 -23.19 -30.47 -21.36
C MSE D 114 -23.19 -30.47 -21.36
O MSE D 114 -24.10 -31.18 -20.92
O MSE D 114 -24.09 -31.17 -20.91
CB MSE D 114 -21.72 -29.64 -19.46
CB MSE D 114 -21.71 -29.63 -19.46
CG MSE D 114 -20.45 -29.94 -18.64
CG MSE D 114 -20.44 -29.93 -18.65
SE MSE D 114 -20.26 -31.87 -18.20
SE MSE D 114 -20.34 -31.84 -18.14
CE MSE D 114 -21.96 -32.12 -17.28
CE MSE D 114 -18.60 -32.59 -18.54
N GLN D 115 -23.36 -29.65 -22.40
CA GLN D 115 -24.65 -29.61 -23.13
C GLN D 115 -24.93 -30.94 -23.82
N ARG D 116 -23.89 -31.57 -24.34
CA ARG D 116 -24.03 -32.82 -25.10
C ARG D 116 -23.66 -34.07 -24.29
N TYR D 117 -23.34 -33.90 -23.00
CA TYR D 117 -22.98 -35.03 -22.15
C TYR D 117 -24.16 -36.01 -22.03
N PRO D 118 -23.94 -37.29 -22.35
CA PRO D 118 -25.06 -38.27 -22.37
C PRO D 118 -25.90 -38.39 -21.09
N GLN D 119 -25.26 -38.31 -19.94
CA GLN D 119 -25.98 -38.40 -18.69
C GLN D 119 -26.63 -37.07 -18.26
N ALA D 120 -26.39 -36.00 -19.01
CA ALA D 120 -26.94 -34.69 -18.68
C ALA D 120 -28.23 -34.42 -19.46
N THR D 121 -29.02 -33.47 -18.99
CA THR D 121 -30.30 -33.12 -19.63
C THR D 121 -30.14 -32.24 -20.86
N GLY D 122 -29.01 -31.57 -20.98
CA GLY D 122 -28.81 -30.61 -22.06
C GLY D 122 -28.78 -29.18 -21.53
N LYS D 123 -29.33 -28.94 -20.35
CA LYS D 123 -29.31 -27.61 -19.75
C LYS D 123 -28.01 -27.45 -18.96
N VAL D 124 -27.38 -26.29 -19.11
CA VAL D 124 -26.12 -26.01 -18.43
C VAL D 124 -26.14 -24.62 -17.81
N GLY D 125 -25.72 -24.55 -16.55
CA GLY D 125 -25.59 -23.29 -15.84
C GLY D 125 -24.10 -23.08 -15.59
N ILE D 126 -23.74 -21.88 -15.14
CA ILE D 126 -22.35 -21.59 -14.86
C ILE D 126 -22.21 -20.70 -13.62
N THR D 127 -21.15 -20.94 -12.86
CA THR D 127 -20.86 -20.13 -11.68
C THR D 127 -19.36 -20.05 -11.58
N GLY D 128 -18.86 -18.96 -11.00
CA GLY D 128 -17.44 -18.76 -10.83
C GLY D 128 -17.14 -17.63 -9.89
N PHE D 129 -15.88 -17.60 -9.45
CA PHE D 129 -15.44 -16.66 -8.44
C PHE D 129 -14.25 -15.83 -8.94
N CME D 130 -14.29 -14.52 -8.66
CA CME D 130 -13.24 -13.56 -9.10
CB CME D 130 -11.90 -13.83 -8.40
SG CME D 130 -12.04 -13.77 -6.63
SD CME D 130 -10.54 -12.61 -6.08
CE CME D 130 -9.67 -13.81 -5.12
CZ CME D 130 -10.53 -14.28 -3.97
OH CME D 130 -10.12 -15.58 -3.50
C CME D 130 -13.13 -13.62 -10.61
O CME D 130 -14.09 -13.32 -11.32
N TYR D 131 -11.96 -14.06 -11.12
CA TYR D 131 -11.80 -14.36 -12.55
C TYR D 131 -13.00 -15.12 -13.10
N GLY D 132 -13.43 -16.13 -12.34
CA GLY D 132 -14.56 -16.96 -12.74
C GLY D 132 -15.90 -16.27 -12.83
N GLY D 133 -16.09 -15.22 -12.03
CA GLY D 133 -17.32 -14.43 -12.10
C GLY D 133 -17.35 -13.66 -13.40
N GLY D 134 -16.19 -13.14 -13.80
CA GLY D 134 -16.03 -12.47 -15.10
C GLY D 134 -16.34 -13.42 -16.26
N VAL D 135 -15.86 -14.65 -16.18
CA VAL D 135 -16.14 -15.67 -17.21
C VAL D 135 -17.63 -16.02 -17.24
N SER D 136 -18.25 -16.09 -16.06
CA SER D 136 -19.69 -16.34 -15.98
C SER D 136 -20.52 -15.29 -16.73
N ASN D 137 -20.20 -14.01 -16.52
CA ASN D 137 -20.88 -12.94 -17.23
C ASN D 137 -20.61 -13.03 -18.74
N ALA D 138 -19.38 -13.29 -19.12
CA ALA D 138 -19.02 -13.43 -20.54
C ALA D 138 -19.77 -14.59 -21.18
N ALA D 139 -19.94 -15.67 -20.42
CA ALA D 139 -20.69 -16.81 -20.93
C ALA D 139 -22.17 -16.45 -21.14
N ALA D 140 -22.72 -15.62 -20.25
CA ALA D 140 -24.10 -15.18 -20.38
C ALA D 140 -24.28 -14.38 -21.65
N VAL D 141 -23.26 -13.59 -22.00
CA VAL D 141 -23.29 -12.81 -23.24
C VAL D 141 -23.22 -13.74 -24.45
N ALA D 142 -22.34 -14.73 -24.39
CA ALA D 142 -22.06 -15.60 -25.53
C ALA D 142 -23.05 -16.75 -25.81
N TYR D 143 -23.71 -17.28 -24.78
CA TYR D 143 -24.61 -18.44 -24.96
C TYR D 143 -26.07 -18.12 -24.63
N PRO D 144 -26.87 -17.80 -25.66
CA PRO D 144 -28.27 -17.46 -25.36
C PRO D 144 -29.07 -18.59 -24.71
N GLU D 145 -28.64 -19.83 -24.90
CA GLU D 145 -29.33 -20.98 -24.32
C GLU D 145 -28.81 -21.37 -22.91
N LEU D 146 -27.82 -20.65 -22.39
CA LEU D 146 -27.29 -20.92 -21.04
C LEU D 146 -28.45 -20.83 -20.04
N ALA D 147 -28.60 -21.84 -19.20
CA ALA D 147 -29.73 -21.89 -18.28
C ALA D 147 -29.73 -20.82 -17.19
N CYS D 148 -28.53 -20.49 -16.70
CA CYS D 148 -28.37 -19.46 -15.68
C CYS D 148 -26.89 -19.18 -15.47
N ALA D 149 -26.59 -18.05 -14.87
CA ALA D 149 -25.21 -17.66 -14.57
C ALA D 149 -25.15 -16.99 -13.20
N VAL D 150 -24.14 -17.37 -12.42
CA VAL D 150 -23.99 -16.89 -11.07
C VAL D 150 -22.56 -16.41 -10.82
N PRO D 151 -22.27 -15.14 -11.19
CA PRO D 151 -20.96 -14.59 -10.91
C PRO D 151 -20.77 -14.13 -9.47
N PHE D 152 -19.69 -14.59 -8.85
CA PHE D 152 -19.29 -14.10 -7.53
C PHE D 152 -18.17 -13.07 -7.72
N TYR D 153 -18.43 -11.86 -7.25
CA TYR D 153 -17.47 -10.74 -7.27
C TYR D 153 -16.51 -10.78 -8.45
N GLY D 154 -17.09 -10.68 -9.64
CA GLY D 154 -16.35 -10.72 -10.90
C GLY D 154 -16.71 -9.58 -11.85
N ARG D 155 -15.85 -9.41 -12.85
CA ARG D 155 -16.03 -8.36 -13.85
C ARG D 155 -17.37 -8.40 -14.52
N GLN D 156 -17.95 -7.22 -14.69
CA GLN D 156 -19.27 -7.08 -15.27
C GLN D 156 -19.20 -7.39 -16.76
N ALA D 157 -20.33 -7.69 -17.37
CA ALA D 157 -20.40 -7.89 -18.81
C ALA D 157 -20.23 -6.51 -19.45
N PRO D 158 -19.68 -6.45 -20.66
CA PRO D 158 -19.59 -5.17 -21.35
C PRO D 158 -20.98 -4.59 -21.60
N THR D 159 -21.16 -3.31 -21.30
CA THR D 159 -22.49 -2.68 -21.41
C THR D 159 -23.14 -2.86 -22.78
N ALA D 160 -22.38 -2.71 -23.86
CA ALA D 160 -22.93 -2.83 -25.21
C ALA D 160 -23.40 -4.25 -25.56
N ASP D 161 -23.01 -5.25 -24.78
CA ASP D 161 -23.41 -6.64 -25.04
C ASP D 161 -24.56 -7.14 -24.19
N VAL D 162 -25.04 -6.31 -23.26
CA VAL D 162 -26.05 -6.73 -22.30
C VAL D 162 -27.36 -7.20 -22.98
N ALA D 163 -27.74 -6.57 -24.07
CA ALA D 163 -28.96 -6.97 -24.79
C ALA D 163 -28.94 -8.43 -25.24
N LYS D 164 -27.75 -8.97 -25.47
CA LYS D 164 -27.59 -10.37 -25.91
C LYS D 164 -27.87 -11.40 -24.81
N ILE D 165 -27.78 -10.99 -23.55
CA ILE D 165 -27.93 -11.92 -22.42
C ILE D 165 -29.35 -12.48 -22.28
N GLU D 166 -29.44 -13.80 -22.19
CA GLU D 166 -30.73 -14.47 -21.96
C GLU D 166 -30.74 -15.28 -20.67
N ALA D 167 -29.59 -15.75 -20.21
CA ALA D 167 -29.50 -16.50 -18.96
C ALA D 167 -29.85 -15.61 -17.75
N PRO D 168 -30.77 -16.08 -16.89
CA PRO D 168 -31.06 -15.38 -15.64
C PRO D 168 -29.79 -15.27 -14.79
N LEU D 169 -29.51 -14.06 -14.32
CA LEU D 169 -28.29 -13.76 -13.59
C LEU D 169 -28.49 -13.57 -12.10
N LEU D 170 -27.68 -14.24 -11.31
CA LEU D 170 -27.65 -14.04 -9.87
C LEU D 170 -26.27 -13.52 -9.56
N LEU D 171 -26.16 -12.26 -9.15
CA LEU D 171 -24.86 -11.66 -8.89
C LEU D 171 -24.61 -11.42 -7.42
N HIS D 172 -23.43 -11.88 -6.96
CA HIS D 172 -23.01 -11.67 -5.59
C HIS D 172 -21.84 -10.68 -5.54
N PHE D 173 -22.01 -9.60 -4.81
CA PHE D 173 -20.96 -8.58 -4.67
C PHE D 173 -20.61 -8.38 -3.21
N ALA D 174 -19.34 -8.07 -2.95
CA ALA D 174 -18.88 -7.79 -1.60
C ALA D 174 -18.85 -6.26 -1.44
N GLU D 175 -19.37 -5.75 -0.33
CA GLU D 175 -19.42 -4.29 -0.10
C GLU D 175 -18.07 -3.59 -0.25
N LEU D 176 -17.03 -4.19 0.31
CA LEU D 176 -15.71 -3.58 0.29
C LEU D 176 -14.95 -3.68 -1.03
N ASP D 177 -15.47 -4.48 -1.97
CA ASP D 177 -14.82 -4.74 -3.26
C ASP D 177 -15.11 -3.60 -4.25
N THR D 178 -14.54 -2.45 -3.97
CA THR D 178 -14.82 -1.24 -4.74
C THR D 178 -14.50 -1.30 -6.23
N ARG D 179 -13.43 -2.00 -6.61
CA ARG D 179 -13.05 -2.07 -8.03
C ARG D 179 -14.12 -2.74 -8.87
N ILE D 180 -14.71 -3.81 -8.36
CA ILE D 180 -15.78 -4.49 -9.09
C ILE D 180 -17.08 -3.71 -8.97
N ASN D 181 -17.39 -3.25 -7.78
CA ASN D 181 -18.64 -2.53 -7.54
C ASN D 181 -18.79 -1.25 -8.35
N GLU D 182 -17.67 -0.61 -8.67
N GLU D 182 -17.67 -0.61 -8.69
CA GLU D 182 -17.65 0.62 -9.45
CA GLU D 182 -17.66 0.61 -9.49
C GLU D 182 -18.36 0.43 -10.82
C GLU D 182 -18.40 0.42 -10.81
N GLY D 183 -18.28 -0.77 -11.40
CA GLY D 183 -18.94 -1.05 -12.67
C GLY D 183 -20.37 -1.58 -12.57
N TRP D 184 -20.83 -1.90 -11.37
CA TRP D 184 -22.17 -2.47 -11.20
C TRP D 184 -23.32 -1.55 -11.63
N PRO D 185 -23.33 -0.27 -11.21
CA PRO D 185 -24.43 0.60 -11.62
C PRO D 185 -24.67 0.67 -13.14
N ALA D 186 -23.61 0.73 -13.95
CA ALA D 186 -23.80 0.72 -15.41
C ALA D 186 -24.37 -0.61 -15.88
N TYR D 187 -23.90 -1.71 -15.30
CA TYR D 187 -24.38 -3.05 -15.68
C TYR D 187 -25.85 -3.21 -15.29
N GLU D 188 -26.19 -2.78 -14.07
CA GLU D 188 -27.57 -2.87 -13.61
C GLU D 188 -28.50 -2.02 -14.47
N ALA D 189 -28.09 -0.80 -14.82
CA ALA D 189 -28.91 0.07 -15.64
C ALA D 189 -29.19 -0.56 -17.01
N ALA D 190 -28.20 -1.22 -17.59
CA ALA D 190 -28.37 -1.90 -18.88
C ALA D 190 -29.27 -3.11 -18.76
N LEU D 191 -29.15 -3.85 -17.65
CA LEU D 191 -29.99 -5.02 -17.42
C LEU D 191 -31.45 -4.58 -17.32
N LYS D 192 -31.71 -3.52 -16.56
CA LYS D 192 -33.06 -2.99 -16.43
C LYS D 192 -33.59 -2.41 -17.73
N ALA D 193 -32.77 -1.62 -18.43
CA ALA D 193 -33.18 -1.02 -19.70
C ALA D 193 -33.57 -2.09 -20.74
N ASN D 194 -32.98 -3.27 -20.62
CA ASN D 194 -33.25 -4.37 -21.56
C ASN D 194 -34.14 -5.47 -20.99
N ASN D 195 -34.83 -5.17 -19.89
CA ASN D 195 -35.76 -6.09 -19.24
C ASN D 195 -35.20 -7.48 -18.97
N LYS D 196 -33.96 -7.53 -18.49
CA LYS D 196 -33.31 -8.81 -18.22
C LYS D 196 -33.65 -9.32 -16.83
N VAL D 197 -33.68 -10.64 -16.69
CA VAL D 197 -33.98 -11.29 -15.43
C VAL D 197 -32.69 -11.38 -14.63
N TYR D 198 -32.68 -10.77 -13.45
CA TYR D 198 -31.51 -10.83 -12.59
C TYR D 198 -31.87 -10.52 -11.14
N GLU D 199 -30.99 -10.95 -10.24
CA GLU D 199 -31.07 -10.57 -8.83
C GLU D 199 -29.64 -10.31 -8.43
N ALA D 200 -29.41 -9.24 -7.68
CA ALA D 200 -28.07 -8.90 -7.25
C ALA D 200 -28.09 -8.62 -5.76
N TYR D 201 -27.04 -9.06 -5.08
CA TYR D 201 -26.92 -8.87 -3.64
C TYR D 201 -25.56 -8.35 -3.30
N ILE D 202 -25.54 -7.34 -2.42
CA ILE D 202 -24.30 -6.78 -1.92
C ILE D 202 -24.20 -7.18 -0.47
N TYR D 203 -23.15 -7.94 -0.14
CA TYR D 203 -22.97 -8.47 1.21
C TYR D 203 -22.20 -7.46 2.06
N PRO D 204 -22.82 -6.97 3.16
CA PRO D 204 -22.15 -5.91 3.93
C PRO D 204 -20.94 -6.37 4.72
N GLY D 205 -19.97 -5.47 4.86
CA GLY D 205 -18.80 -5.69 5.70
C GLY D 205 -17.81 -6.75 5.27
N VAL D 206 -17.94 -7.27 4.05
CA VAL D 206 -17.01 -8.28 3.56
C VAL D 206 -16.37 -7.81 2.26
N ASN D 207 -15.30 -8.50 1.89
CA ASN D 207 -14.56 -8.18 0.70
C ASN D 207 -14.62 -9.30 -0.32
N HIS D 208 -14.06 -9.06 -1.50
CA HIS D 208 -13.95 -10.07 -2.55
C HIS D 208 -13.30 -11.31 -1.92
N GLY D 209 -13.71 -12.48 -2.39
CA GLY D 209 -13.20 -13.77 -1.91
C GLY D 209 -13.87 -14.28 -0.64
N PHE D 210 -15.00 -13.69 -0.26
CA PHE D 210 -15.64 -14.09 1.00
C PHE D 210 -16.15 -15.53 1.04
N HIS D 211 -16.37 -16.14 -0.13
CA HIS D 211 -16.81 -17.53 -0.19
C HIS D 211 -15.64 -18.49 -0.09
N ASN D 212 -14.42 -18.01 -0.33
CA ASN D 212 -13.23 -18.87 -0.31
C ASN D 212 -12.74 -19.12 1.12
N ASP D 213 -13.14 -20.28 1.63
CA ASP D 213 -12.82 -20.69 2.99
C ASP D 213 -11.34 -21.04 3.22
N SER D 214 -10.51 -21.03 2.17
CA SER D 214 -9.09 -21.27 2.34
C SER D 214 -8.29 -19.97 2.49
N THR D 215 -8.98 -18.81 2.54
CA THR D 215 -8.29 -17.52 2.63
C THR D 215 -8.81 -16.71 3.83
N PRO D 216 -8.04 -15.70 4.26
CA PRO D 216 -8.46 -14.85 5.38
C PRO D 216 -9.66 -13.96 5.08
N ARG D 217 -10.03 -13.81 3.81
CA ARG D 217 -11.20 -13.01 3.44
C ARG D 217 -12.51 -13.78 3.61
N TYR D 218 -12.41 -15.05 3.96
CA TYR D 218 -13.58 -15.87 4.16
C TYR D 218 -14.51 -15.26 5.19
N ASP D 219 -15.80 -15.24 4.89
CA ASP D 219 -16.83 -14.87 5.86
C ASP D 219 -17.92 -15.92 5.78
N LYS D 220 -18.03 -16.76 6.81
CA LYS D 220 -19.00 -17.85 6.82
C LYS D 220 -20.44 -17.41 6.58
N SER D 221 -20.88 -16.37 7.28
CA SER D 221 -22.25 -15.91 7.17
C SER D 221 -22.61 -15.47 5.75
N ALA D 222 -21.75 -14.67 5.14
CA ALA D 222 -22.00 -14.24 3.76
C ALA D 222 -21.88 -15.42 2.80
N ALA D 223 -20.87 -16.26 3.01
CA ALA D 223 -20.62 -17.40 2.12
C ALA D 223 -21.83 -18.33 2.09
N ASP D 224 -22.33 -18.69 3.26
CA ASP D 224 -23.46 -19.59 3.39
C ASP D 224 -24.73 -19.01 2.79
N LEU D 225 -24.98 -17.73 3.05
CA LEU D 225 -26.15 -17.04 2.49
C LEU D 225 -26.08 -16.99 0.96
N ALA D 226 -24.93 -16.58 0.42
CA ALA D 226 -24.74 -16.56 -1.03
C ALA D 226 -24.92 -17.93 -1.66
N TRP D 227 -24.43 -18.96 -0.98
CA TRP D 227 -24.56 -20.30 -1.51
C TRP D 227 -26.02 -20.78 -1.51
N GLN D 228 -26.76 -20.47 -0.43
CA GLN D 228 -28.16 -20.85 -0.36
C GLN D 228 -28.90 -20.21 -1.52
N ARG D 229 -28.65 -18.92 -1.76
CA ARG D 229 -29.29 -18.22 -2.87
C ARG D 229 -28.92 -18.86 -4.22
N THR D 230 -27.67 -19.27 -4.34
CA THR D 230 -27.19 -19.92 -5.55
C THR D 230 -27.93 -21.23 -5.80
N LEU D 231 -28.10 -22.05 -4.76
CA LEU D 231 -28.82 -23.32 -4.92
C LEU D 231 -30.29 -23.10 -5.30
N LYS D 232 -30.93 -22.09 -4.74
CA LYS D 232 -32.31 -21.77 -5.11
C LYS D 232 -32.40 -21.34 -6.57
N TRP D 233 -31.37 -20.64 -7.04
CA TRP D 233 -31.33 -20.17 -8.43
C TRP D 233 -31.19 -21.38 -9.34
N PHE D 234 -30.27 -22.27 -9.00
CA PHE D 234 -30.09 -23.51 -9.77
C PHE D 234 -31.37 -24.33 -9.81
N ASP D 235 -32.03 -24.46 -8.67
N ASP D 235 -32.03 -24.48 -8.66
CA ASP D 235 -33.27 -25.22 -8.58
CA ASP D 235 -33.28 -25.26 -8.61
C ASP D 235 -34.36 -24.62 -9.47
C ASP D 235 -34.37 -24.62 -9.47
N LYS D 236 -34.40 -23.30 -9.51
CA LYS D 236 -35.39 -22.60 -10.30
C LYS D 236 -35.15 -22.67 -11.81
N TYR D 237 -33.89 -22.57 -12.23
CA TYR D 237 -33.59 -22.47 -13.65
C TYR D 237 -32.93 -23.67 -14.35
N LEU D 238 -32.46 -24.66 -13.60
CA LEU D 238 -31.84 -25.83 -14.22
C LEU D 238 -32.84 -26.97 -14.38
N SER E 1 -11.56 21.59 -4.31
CA SER E 1 -12.52 21.91 -5.43
C SER E 1 -11.90 22.65 -6.67
N ASN E 2 -10.57 22.60 -6.80
CA ASN E 2 -9.86 23.24 -7.92
C ASN E 2 -8.45 22.65 -8.29
N ALA E 3 -7.81 23.27 -9.27
CA ALA E 3 -6.51 22.83 -9.77
C ALA E 3 -5.31 23.19 -8.88
N GLN E 4 -4.37 22.28 -8.77
CA GLN E 4 -3.16 22.52 -8.01
C GLN E 4 -2.32 23.50 -8.79
N VAL E 5 -2.24 23.34 -10.12
CA VAL E 5 -1.53 24.30 -10.96
C VAL E 5 -2.48 24.92 -11.97
N GLU E 6 -2.65 26.24 -11.88
CA GLU E 6 -3.53 26.97 -12.78
C GLU E 6 -3.09 26.76 -14.21
N PHE E 7 -4.05 26.61 -15.12
CA PHE E 7 -3.69 26.41 -16.53
C PHE E 7 -2.91 27.62 -17.09
N THR E 8 -3.06 28.78 -16.45
CA THR E 8 -2.37 30.02 -16.83
C THR E 8 -1.05 30.28 -16.08
N ASP E 9 -0.63 29.35 -15.23
CA ASP E 9 0.57 29.54 -14.41
C ASP E 9 1.77 29.93 -15.32
N PRO E 10 2.38 31.09 -15.07
CA PRO E 10 3.43 31.56 -15.98
C PRO E 10 4.71 30.72 -15.98
N GLU E 11 4.84 29.82 -15.02
CA GLU E 11 6.01 28.95 -14.98
C GLU E 11 5.87 27.72 -15.87
N ILE E 12 4.72 27.53 -16.50
CA ILE E 12 4.53 26.38 -17.40
C ILE E 12 4.02 26.81 -18.75
N PHE E 13 4.26 25.98 -19.76
CA PHE E 13 3.72 26.22 -21.10
C PHE E 13 3.03 24.95 -21.57
N ALA E 14 1.72 25.02 -21.75
CA ALA E 14 0.92 23.85 -22.11
C ALA E 14 0.33 23.96 -23.50
N GLU E 15 0.33 22.85 -24.24
CA GLU E 15 -0.31 22.81 -25.56
C GLU E 15 -0.67 21.39 -25.92
N TYR E 16 -1.68 21.23 -26.77
CA TYR E 16 -2.07 19.90 -27.24
C TYR E 16 -1.23 19.64 -28.45
N ILE E 17 -0.77 18.40 -28.60
CA ILE E 17 0.01 17.99 -29.74
C ILE E 17 -0.52 16.66 -30.24
N THR E 18 0.04 16.18 -31.35
CA THR E 18 -0.24 14.84 -31.82
C THR E 18 1.12 14.17 -31.98
N TYR E 19 1.19 12.87 -31.76
CA TYR E 19 2.43 12.12 -31.94
C TYR E 19 2.10 10.76 -32.58
N PRO E 20 3.06 10.12 -33.25
CA PRO E 20 2.74 8.86 -33.90
C PRO E 20 2.76 7.62 -33.00
N SER E 21 1.79 6.73 -33.24
CA SER E 21 1.66 5.46 -32.53
C SER E 21 1.30 4.43 -33.58
N PRO E 22 2.31 3.96 -34.33
CA PRO E 22 2.08 3.05 -35.45
C PRO E 22 1.44 1.70 -35.08
N ASN E 23 1.62 1.25 -33.85
CA ASN E 23 1.03 0.00 -33.39
C ASN E 23 -0.17 0.25 -32.48
N GLY E 24 -0.59 1.51 -32.39
CA GLY E 24 -1.72 1.88 -31.59
C GLY E 24 -2.76 2.55 -32.47
N HIS E 25 -3.13 3.78 -32.14
CA HIS E 25 -4.18 4.47 -32.89
C HIS E 25 -3.69 5.48 -33.93
N GLY E 26 -2.45 5.32 -34.39
CA GLY E 26 -1.90 6.23 -35.41
C GLY E 26 -1.44 7.56 -34.85
N GLU E 27 -2.09 8.65 -35.24
CA GLU E 27 -1.70 9.96 -34.76
C GLU E 27 -2.51 10.26 -33.51
N VAL E 28 -1.84 10.24 -32.36
CA VAL E 28 -2.52 10.36 -31.07
C VAL E 28 -2.35 11.76 -30.50
N ARG E 29 -3.45 12.30 -29.99
CA ARG E 29 -3.44 13.58 -29.33
C ARG E 29 -2.95 13.44 -27.88
N GLY E 30 -2.16 14.42 -27.43
CA GLY E 30 -1.67 14.46 -26.06
C GLY E 30 -1.51 15.88 -25.55
N TYR E 31 -1.56 16.02 -24.24
CA TYR E 31 -1.39 17.29 -23.57
C TYR E 31 0.08 17.38 -23.14
N LEU E 32 0.83 18.29 -23.75
CA LEU E 32 2.25 18.46 -23.49
C LEU E 32 2.48 19.69 -22.67
N VAL E 33 3.11 19.56 -21.50
CA VAL E 33 3.41 20.71 -20.66
C VAL E 33 4.89 20.80 -20.37
N LYS E 34 5.49 21.99 -20.58
CA LYS E 34 6.92 22.22 -20.36
C LYS E 34 7.15 23.32 -19.35
N PRO E 35 8.32 23.30 -18.67
CA PRO E 35 8.68 24.45 -17.87
C PRO E 35 8.80 25.64 -18.81
N ALA E 36 8.27 26.80 -18.42
CA ALA E 36 8.26 27.97 -19.32
C ALA E 36 9.66 28.49 -19.63
N LYS E 37 10.53 28.44 -18.64
CA LYS E 37 11.89 28.90 -18.81
C LYS E 37 12.84 27.73 -18.83
N MSE E 38 13.25 27.33 -20.03
N MSE E 38 13.24 27.30 -20.02
CA MSE E 38 14.15 26.21 -20.20
CA MSE E 38 14.17 26.17 -20.16
C MSE E 38 15.27 26.63 -21.10
C MSE E 38 15.27 26.58 -21.10
O MSE E 38 15.06 27.05 -22.23
O MSE E 38 15.02 26.91 -22.25
CB MSE E 38 13.39 24.99 -20.74
CB MSE E 38 13.50 24.89 -20.66
CG MSE E 38 13.12 25.06 -22.25
CG MSE E 38 12.97 24.04 -19.50
SE MSE E 38 11.45 24.14 -22.71
SE MSE E 38 14.03 24.29 -17.85
CE MSE E 38 11.60 22.47 -21.66
CE MSE E 38 13.74 22.59 -16.90
N SER E 39 16.49 26.55 -20.59
CA SER E 39 17.66 26.92 -21.37
C SER E 39 18.08 25.70 -22.18
N GLY E 40 18.50 24.65 -21.50
CA GLY E 40 18.99 23.44 -22.16
C GLY E 40 17.92 22.35 -22.30
N LYS E 41 18.37 21.16 -22.69
CA LYS E 41 17.48 20.02 -22.79
C LYS E 41 16.98 19.65 -21.40
N THR E 42 15.74 19.16 -21.36
CA THR E 42 15.06 18.84 -20.11
C THR E 42 14.59 17.38 -20.11
N PRO E 43 14.66 16.70 -18.97
CA PRO E 43 14.10 15.33 -18.92
C PRO E 43 12.57 15.29 -19.07
N ALA E 44 12.02 14.14 -19.42
CA ALA E 44 10.59 13.99 -19.69
C ALA E 44 9.90 12.93 -18.84
N VAL E 45 8.59 13.10 -18.68
CA VAL E 45 7.77 12.16 -17.95
C VAL E 45 6.48 11.95 -18.70
N VAL E 46 6.13 10.69 -18.94
CA VAL E 46 4.85 10.34 -19.53
C VAL E 46 3.88 10.12 -18.38
N VAL E 47 2.71 10.75 -18.46
CA VAL E 47 1.69 10.63 -17.43
C VAL E 47 0.51 9.88 -17.98
N VAL E 48 0.17 8.75 -17.36
CA VAL E 48 -0.90 7.89 -17.86
C VAL E 48 -2.14 8.03 -17.01
N HIS E 49 -3.26 8.31 -17.67
CA HIS E 49 -4.53 8.50 -17.00
C HIS E 49 -5.14 7.22 -16.42
N GLU E 50 -6.32 7.38 -15.83
CA GLU E 50 -7.05 6.29 -15.17
C GLU E 50 -7.93 5.58 -16.21
N ASN E 51 -9.09 5.07 -15.79
CA ASN E 51 -9.99 4.32 -16.68
C ASN E 51 -11.10 5.16 -17.35
N ARG E 52 -10.92 6.47 -17.42
CA ARG E 52 -11.90 7.33 -18.03
C ARG E 52 -11.34 8.47 -18.88
N GLY E 53 -10.19 8.22 -19.50
CA GLY E 53 -9.59 9.18 -20.42
C GLY E 53 -8.86 10.34 -19.78
N LEU E 54 -8.51 11.29 -20.63
CA LEU E 54 -7.73 12.44 -20.24
C LEU E 54 -8.66 13.52 -19.69
N ASN E 55 -8.94 13.45 -18.38
CA ASN E 55 -9.86 14.39 -17.72
C ASN E 55 -9.07 15.53 -17.05
N PRO E 56 -9.77 16.54 -16.50
CA PRO E 56 -9.03 17.69 -15.96
C PRO E 56 -8.05 17.38 -14.82
N TYR E 57 -8.33 16.33 -14.03
CA TYR E 57 -7.41 15.91 -12.97
C TYR E 57 -6.05 15.51 -13.55
N ILE E 58 -6.06 14.67 -14.56
CA ILE E 58 -4.80 14.25 -15.17
C ILE E 58 -4.06 15.41 -15.85
N GLU E 59 -4.80 16.31 -16.50
CA GLU E 59 -4.16 17.49 -17.13
C GLU E 59 -3.48 18.33 -16.04
N ASP E 60 -4.12 18.45 -14.89
CA ASP E 60 -3.51 19.18 -13.78
C ASP E 60 -2.23 18.47 -13.32
N VAL E 61 -2.26 17.15 -13.22
CA VAL E 61 -1.07 16.38 -12.80
C VAL E 61 0.08 16.65 -13.77
N ALA E 62 -0.22 16.66 -15.06
CA ALA E 62 0.81 16.99 -16.05
C ALA E 62 1.41 18.37 -15.76
N ARG E 63 0.58 19.34 -15.44
CA ARG E 63 1.10 20.69 -15.09
C ARG E 63 1.94 20.64 -13.83
N ARG E 64 1.56 19.81 -12.85
CA ARG E 64 2.36 19.67 -11.62
C ARG E 64 3.74 19.10 -11.95
N VAL E 65 3.80 18.21 -12.92
CA VAL E 65 5.11 17.64 -13.35
C VAL E 65 5.99 18.73 -13.99
N ALA E 66 5.38 19.56 -14.84
CA ALA E 66 6.11 20.67 -15.46
C ALA E 66 6.56 21.72 -14.44
N LYS E 67 5.74 22.00 -13.44
CA LYS E 67 6.13 22.90 -12.35
C LYS E 67 7.36 22.38 -11.60
N ALA E 68 7.47 21.06 -11.51
CA ALA E 68 8.60 20.46 -10.84
C ALA E 68 9.88 20.46 -11.72
N GLY E 69 9.76 20.89 -12.98
CA GLY E 69 10.92 21.03 -13.87
C GLY E 69 11.08 20.02 -15.00
N TYR E 70 10.05 19.27 -15.34
CA TYR E 70 10.15 18.23 -16.39
C TYR E 70 9.16 18.48 -17.52
N ILE E 71 9.46 17.95 -18.70
CA ILE E 71 8.50 18.00 -19.79
C ILE E 71 7.53 16.85 -19.58
N ALA E 72 6.23 17.15 -19.48
CA ALA E 72 5.22 16.13 -19.24
C ALA E 72 4.33 15.94 -20.45
N LEU E 73 4.07 14.68 -20.79
CA LEU E 73 3.17 14.33 -21.88
C LEU E 73 2.13 13.38 -21.37
N ALA E 74 0.86 13.79 -21.46
CA ALA E 74 -0.27 12.99 -21.04
C ALA E 74 -1.11 12.65 -22.25
N PRO E 75 -0.94 11.43 -22.82
CA PRO E 75 -1.74 11.08 -23.98
C PRO E 75 -3.24 10.94 -23.70
N ASP E 76 -4.04 11.12 -24.74
CA ASP E 76 -5.49 10.93 -24.64
C ASP E 76 -5.88 9.56 -25.20
N GLY E 77 -6.18 8.66 -24.30
CA GLY E 77 -6.58 7.30 -24.64
C GLY E 77 -7.94 7.21 -25.29
N LEU E 78 -8.74 8.27 -25.23
CA LEU E 78 -10.04 8.32 -25.88
C LEU E 78 -10.00 9.04 -27.20
N ASN E 79 -8.80 9.32 -27.71
CA ASN E 79 -8.70 10.06 -28.94
C ASN E 79 -9.38 9.38 -30.14
N SER E 80 -9.45 8.05 -30.14
CA SER E 80 -10.05 7.30 -31.26
C SER E 80 -11.57 7.25 -31.19
N VAL E 81 -12.15 7.68 -30.08
CA VAL E 81 -13.61 7.70 -29.94
C VAL E 81 -14.14 9.08 -29.51
N GLY E 82 -13.50 10.15 -29.99
CA GLY E 82 -13.99 11.51 -29.75
C GLY E 82 -13.46 12.28 -28.56
N GLY E 83 -12.52 11.70 -27.81
CA GLY E 83 -11.89 12.42 -26.70
C GLY E 83 -12.74 12.45 -25.44
N TYR E 84 -12.21 13.02 -24.37
CA TYR E 84 -12.93 13.04 -23.09
C TYR E 84 -14.31 13.67 -23.31
N PRO E 85 -15.40 12.98 -22.94
CA PRO E 85 -16.72 13.44 -23.29
C PRO E 85 -17.31 14.48 -22.32
N GLY E 86 -16.60 14.84 -21.27
CA GLY E 86 -17.04 15.87 -20.34
C GLY E 86 -17.49 15.37 -18.98
N ASN E 87 -17.73 14.06 -18.89
CA ASN E 87 -18.01 13.43 -17.60
C ASN E 87 -17.31 12.06 -17.50
N ASP E 88 -16.95 11.70 -16.28
CA ASP E 88 -16.25 10.46 -16.02
C ASP E 88 -17.06 9.20 -16.33
N ASP E 89 -18.38 9.21 -16.13
CA ASP E 89 -19.21 8.02 -16.42
C ASP E 89 -19.14 7.64 -17.89
N LYS E 90 -19.32 8.63 -18.76
CA LYS E 90 -19.22 8.38 -20.20
C LYS E 90 -17.77 8.03 -20.58
N GLY E 91 -16.82 8.70 -19.93
CA GLY E 91 -15.41 8.41 -20.17
C GLY E 91 -15.11 6.93 -19.90
N ARG E 92 -15.64 6.41 -18.81
CA ARG E 92 -15.40 5.01 -18.41
C ARG E 92 -16.00 4.02 -19.44
N GLU E 93 -17.23 4.33 -19.90
CA GLU E 93 -17.90 3.54 -20.94
C GLU E 93 -17.10 3.56 -22.24
N LEU E 94 -16.61 4.73 -22.64
CA LEU E 94 -15.86 4.84 -23.89
C LEU E 94 -14.51 4.12 -23.84
N GLN E 95 -13.79 4.24 -22.72
CA GLN E 95 -12.49 3.62 -22.63
C GLN E 95 -12.60 2.07 -22.79
N GLN E 96 -13.68 1.50 -22.29
N GLN E 96 -13.68 1.48 -22.30
CA GLN E 96 -13.93 0.06 -22.44
CA GLN E 96 -13.89 0.04 -22.45
C GLN E 96 -14.04 -0.38 -23.89
C GLN E 96 -14.04 -0.39 -23.91
N GLN E 97 -14.44 0.54 -24.77
CA GLN E 97 -14.63 0.23 -26.19
C GLN E 97 -13.33 0.34 -26.97
N VAL E 98 -12.28 0.89 -26.38
CA VAL E 98 -11.01 1.02 -27.04
C VAL E 98 -10.22 -0.30 -26.92
N ASP E 99 -9.60 -0.72 -28.01
CA ASP E 99 -8.82 -1.98 -28.00
C ASP E 99 -7.71 -1.85 -26.96
N PRO E 100 -7.64 -2.77 -26.00
CA PRO E 100 -6.66 -2.65 -24.94
C PRO E 100 -5.19 -2.62 -25.38
N THR E 101 -4.82 -3.47 -26.33
CA THR E 101 -3.43 -3.53 -26.79
C THR E 101 -3.03 -2.23 -27.48
N LYS E 102 -3.90 -1.71 -28.34
CA LYS E 102 -3.60 -0.47 -29.04
C LYS E 102 -3.50 0.69 -28.07
N LEU E 103 -4.37 0.70 -27.07
CA LEU E 103 -4.36 1.75 -26.06
C LEU E 103 -3.03 1.76 -25.30
N MSE E 104 -2.61 0.58 -24.83
N MSE E 104 -2.61 0.58 -24.83
CA MSE E 104 -1.34 0.46 -24.12
CA MSE E 104 -1.36 0.45 -24.12
C MSE E 104 -0.21 0.90 -25.02
C MSE E 104 -0.21 0.89 -25.02
O MSE E 104 0.68 1.64 -24.60
O MSE E 104 0.67 1.63 -24.58
CB MSE E 104 -1.10 -0.98 -23.65
CB MSE E 104 -1.15 -0.99 -23.61
CG MSE E 104 0.27 -1.14 -22.96
CG MSE E 104 0.15 -1.08 -22.81
SE MSE E 104 0.65 -3.06 -22.59
SE MSE E 104 0.25 -2.49 -21.40
CE MSE E 104 0.89 -3.65 -24.45
CE MSE E 104 -1.25 -2.07 -20.19
N ASN E 105 -0.25 0.47 -26.28
CA ASN E 105 0.77 0.88 -27.25
C ASN E 105 0.87 2.40 -27.47
N ASP E 106 -0.25 3.12 -27.35
CA ASP E 106 -0.24 4.57 -27.44
C ASP E 106 0.63 5.16 -26.34
N PHE E 107 0.56 4.59 -25.12
CA PHE E 107 1.40 5.10 -24.02
C PHE E 107 2.86 4.71 -24.18
N PHE E 108 3.11 3.53 -24.74
CA PHE E 108 4.47 3.11 -25.06
C PHE E 108 5.06 4.02 -26.13
N ALA E 109 4.26 4.35 -27.14
CA ALA E 109 4.70 5.23 -28.21
C ALA E 109 5.02 6.63 -27.67
N ALA E 110 4.31 7.06 -26.63
CA ALA E 110 4.57 8.35 -26.01
C ALA E 110 5.95 8.36 -25.36
N ILE E 111 6.35 7.23 -24.76
CA ILE E 111 7.68 7.12 -24.17
C ILE E 111 8.76 7.27 -25.26
N GLU E 112 8.58 6.56 -26.36
CA GLU E 112 9.52 6.63 -27.47
C GLU E 112 9.58 8.04 -28.06
N PHE E 113 8.43 8.70 -28.17
CA PHE E 113 8.35 10.05 -28.71
C PHE E 113 9.12 11.01 -27.80
N MSE E 114 8.94 10.86 -26.48
CA MSE E 114 9.60 11.78 -25.53
C MSE E 114 11.08 11.48 -25.44
O MSE E 114 11.90 12.38 -25.18
CB MSE E 114 8.93 11.72 -24.18
CG MSE E 114 7.52 12.36 -24.20
SE MSE E 114 7.55 14.22 -24.85
CE MSE E 114 8.76 14.98 -23.62
N GLN E 115 11.46 10.25 -25.74
CA GLN E 115 12.87 9.89 -25.81
C GLN E 115 13.60 10.66 -26.93
N ARG E 116 12.94 10.88 -28.06
CA ARG E 116 13.54 11.53 -29.22
C ARG E 116 13.17 13.01 -29.37
N TYR E 117 12.39 13.55 -28.45
CA TYR E 117 11.93 14.92 -28.51
C TYR E 117 13.11 15.88 -28.45
N PRO E 118 13.27 16.77 -29.46
CA PRO E 118 14.46 17.63 -29.54
C PRO E 118 14.78 18.44 -28.28
N GLN E 119 13.76 18.95 -27.59
N GLN E 119 13.76 18.95 -27.59
CA GLN E 119 14.00 19.75 -26.39
CA GLN E 119 13.99 19.75 -26.39
C GLN E 119 14.20 18.89 -25.13
C GLN E 119 14.19 18.90 -25.13
N ALA E 120 14.06 17.58 -25.26
CA ALA E 120 14.26 16.67 -24.15
C ALA E 120 15.68 16.08 -24.15
N THR E 121 16.11 15.54 -23.01
CA THR E 121 17.45 14.99 -22.84
C THR E 121 17.58 13.60 -23.41
N GLY E 122 16.47 12.90 -23.55
CA GLY E 122 16.51 11.53 -23.95
C GLY E 122 16.11 10.59 -22.82
N LYS E 123 16.17 11.06 -21.58
CA LYS E 123 15.70 10.25 -20.46
C LYS E 123 14.19 10.47 -20.25
N VAL E 124 13.46 9.38 -20.05
CA VAL E 124 12.03 9.43 -19.88
C VAL E 124 11.61 8.57 -18.70
N GLY E 125 10.78 9.15 -17.85
CA GLY E 125 10.19 8.45 -16.74
C GLY E 125 8.71 8.29 -17.02
N ILE E 126 8.03 7.48 -16.22
CA ILE E 126 6.58 7.30 -16.39
C ILE E 126 5.87 7.20 -15.05
N THR E 127 4.65 7.73 -14.99
CA THR E 127 3.85 7.63 -13.79
C THR E 127 2.41 7.55 -14.23
N GLY E 128 1.59 6.91 -13.42
CA GLY E 128 0.18 6.75 -13.76
C GLY E 128 -0.61 6.23 -12.59
N PHE E 129 -1.94 6.34 -12.72
CA PHE E 129 -2.85 6.03 -11.65
C PHE E 129 -3.90 5.01 -12.07
N CME E 130 -4.16 4.02 -11.21
N CME E 130 -4.16 4.02 -11.21
CA CME E 130 -5.12 2.93 -11.47
CA CME E 130 -5.13 2.94 -11.47
CB CME E 130 -6.57 3.48 -11.57
CB CME E 130 -6.56 3.49 -11.57
SG CME E 130 -7.09 4.33 -10.12
SG CME E 130 -7.08 4.33 -10.12
SD CME E 130 -9.05 4.54 -10.56
SD CME E 130 -7.98 2.77 -9.27
CE CME E 130 -9.79 4.90 -8.99
CE CME E 130 -8.97 2.19 -10.63
CZ CME E 130 -10.50 6.29 -8.92
CZ CME E 130 -10.05 3.19 -10.99
OH CME E 130 -9.68 7.40 -9.33
OH CME E 130 -11.01 3.29 -9.93
C CME E 130 -4.69 2.24 -12.72
C CME E 130 -4.69 2.25 -12.71
O CME E 130 -3.59 1.65 -12.75
O CME E 130 -3.62 1.65 -12.73
N TYR E 131 -5.51 2.33 -13.78
CA TYR E 131 -5.13 1.83 -15.10
C TYR E 131 -3.69 2.25 -15.44
N GLY E 132 -3.39 3.52 -15.18
CA GLY E 132 -2.09 4.07 -15.47
C GLY E 132 -0.93 3.51 -14.67
N GLY E 133 -1.21 3.04 -13.45
CA GLY E 133 -0.17 2.39 -12.64
C GLY E 133 0.20 1.06 -13.29
N GLY E 134 -0.81 0.35 -13.77
CA GLY E 134 -0.60 -0.91 -14.52
C GLY E 134 0.26 -0.68 -15.75
N VAL E 135 -0.04 0.38 -16.50
CA VAL E 135 0.74 0.72 -17.70
C VAL E 135 2.19 1.07 -17.31
N SER E 136 2.37 1.79 -16.19
CA SER E 136 3.70 2.12 -15.71
C SER E 136 4.56 0.88 -15.45
N ASN E 137 3.99 -0.13 -14.79
CA ASN E 137 4.73 -1.37 -14.54
C ASN E 137 5.02 -2.10 -15.85
N ALA E 138 4.04 -2.14 -16.75
CA ALA E 138 4.23 -2.77 -18.04
C ALA E 138 5.34 -2.07 -18.83
N ALA E 139 5.41 -0.75 -18.72
CA ALA E 139 6.46 0.01 -19.39
C ALA E 139 7.83 -0.32 -18.80
N ALA E 140 7.90 -0.53 -17.48
CA ALA E 140 9.15 -0.90 -16.84
C ALA E 140 9.64 -2.25 -17.37
N VAL E 141 8.70 -3.16 -17.64
CA VAL E 141 9.04 -4.45 -18.22
C VAL E 141 9.54 -4.30 -19.64
N ALA E 142 8.86 -3.48 -20.43
CA ALA E 142 9.15 -3.34 -21.84
C ALA E 142 10.35 -2.47 -22.24
N TYR E 143 10.70 -1.45 -21.44
CA TYR E 143 11.78 -0.50 -21.82
C TYR E 143 12.96 -0.49 -20.87
N PRO E 144 14.04 -1.23 -21.21
CA PRO E 144 15.18 -1.27 -20.28
C PRO E 144 15.86 0.08 -20.05
N GLU E 145 15.69 1.02 -20.96
CA GLU E 145 16.27 2.35 -20.81
C GLU E 145 15.39 3.34 -20.04
N LEU E 146 14.19 2.93 -19.66
CA LEU E 146 13.27 3.81 -18.95
C LEU E 146 13.98 4.33 -17.71
N ALA E 147 13.96 5.64 -17.48
CA ALA E 147 14.69 6.21 -16.35
C ALA E 147 14.10 5.88 -14.97
N CYS E 148 12.78 5.83 -14.87
CA CYS E 148 12.11 5.47 -13.64
C CYS E 148 10.61 5.25 -13.90
N ALA E 149 9.94 4.55 -12.99
CA ALA E 149 8.51 4.28 -13.12
C ALA E 149 7.86 4.40 -11.76
N VAL E 150 6.71 5.06 -11.73
CA VAL E 150 6.02 5.34 -10.49
C VAL E 150 4.54 4.98 -10.60
N PRO E 151 4.20 3.71 -10.35
CA PRO E 151 2.80 3.31 -10.40
C PRO E 151 2.04 3.62 -9.13
N PHE E 152 0.90 4.27 -9.29
CA PHE E 152 -0.03 4.52 -8.19
C PHE E 152 -1.16 3.48 -8.26
N TYR E 153 -1.27 2.68 -7.21
CA TYR E 153 -2.32 1.65 -7.05
C TYR E 153 -2.78 1.02 -8.34
N GLY E 154 -1.83 0.38 -8.99
CA GLY E 154 -2.05 -0.25 -10.26
C GLY E 154 -1.54 -1.69 -10.30
N ARG E 155 -2.01 -2.39 -11.31
CA ARG E 155 -1.65 -3.80 -11.54
C ARG E 155 -0.14 -4.04 -11.55
N GLN E 156 0.28 -5.08 -10.84
CA GLN E 156 1.69 -5.43 -10.73
C GLN E 156 2.19 -5.90 -12.10
N ALA E 157 3.50 -5.88 -12.28
CA ALA E 157 4.11 -6.48 -13.46
C ALA E 157 3.96 -8.00 -13.34
N PRO E 158 3.86 -8.70 -14.47
CA PRO E 158 3.83 -10.16 -14.38
C PRO E 158 5.11 -10.71 -13.75
N THR E 159 4.97 -11.64 -12.80
CA THR E 159 6.14 -12.16 -12.09
C THR E 159 7.23 -12.71 -12.98
N ALA E 160 6.87 -13.46 -14.01
CA ALA E 160 7.89 -14.02 -14.91
C ALA E 160 8.68 -12.98 -15.74
N ASP E 161 8.21 -11.73 -15.77
CA ASP E 161 8.88 -10.67 -16.54
C ASP E 161 9.72 -9.71 -15.68
N VAL E 162 9.71 -9.93 -14.36
CA VAL E 162 10.38 -9.00 -13.46
C VAL E 162 11.89 -8.86 -13.73
N ALA E 163 12.54 -9.94 -14.14
CA ALA E 163 13.97 -9.88 -14.42
C ALA E 163 14.31 -8.85 -15.50
N LYS E 164 13.38 -8.58 -16.39
CA LYS E 164 13.60 -7.62 -17.48
C LYS E 164 13.61 -6.17 -17.03
N ILE E 165 13.03 -5.88 -15.87
CA ILE E 165 12.91 -4.49 -15.38
C ILE E 165 14.24 -3.85 -15.01
N GLU E 166 14.49 -2.64 -15.53
CA GLU E 166 15.71 -1.89 -15.19
C GLU E 166 15.39 -0.55 -14.56
N ALA E 167 14.22 0.01 -14.86
CA ALA E 167 13.83 1.28 -14.27
C ALA E 167 13.59 1.17 -12.78
N PRO E 168 14.19 2.07 -11.99
CA PRO E 168 13.94 2.11 -10.57
C PRO E 168 12.45 2.38 -10.36
N LEU E 169 11.84 1.58 -9.49
CA LEU E 169 10.41 1.64 -9.25
C LEU E 169 10.04 2.25 -7.92
N LEU E 170 9.11 3.18 -7.95
CA LEU E 170 8.52 3.75 -6.73
C LEU E 170 7.06 3.38 -6.78
N LEU E 171 6.63 2.51 -5.87
CA LEU E 171 5.25 2.05 -5.88
C LEU E 171 4.46 2.59 -4.72
N HIS E 172 3.28 3.14 -5.03
CA HIS E 172 2.35 3.63 -4.04
C HIS E 172 1.11 2.73 -3.98
N PHE E 173 0.84 2.18 -2.81
CA PHE E 173 -0.32 1.32 -2.61
C PHE E 173 -1.23 1.88 -1.53
N ALA E 174 -2.53 1.66 -1.69
CA ALA E 174 -3.50 2.07 -0.68
C ALA E 174 -3.82 0.85 0.18
N GLU E 175 -3.81 1.01 1.51
CA GLU E 175 -4.10 -0.10 2.42
C GLU E 175 -5.40 -0.85 2.12
N LEU E 176 -6.47 -0.12 1.84
CA LEU E 176 -7.77 -0.75 1.60
C LEU E 176 -7.95 -1.39 0.21
N ASP E 177 -6.98 -1.20 -0.68
CA ASP E 177 -7.06 -1.67 -2.08
C ASP E 177 -6.59 -3.11 -2.17
N THR E 178 -7.40 -3.99 -1.61
CA THR E 178 -7.04 -5.39 -1.50
C THR E 178 -6.77 -6.12 -2.80
N ARG E 179 -7.49 -5.83 -3.88
CA ARG E 179 -7.28 -6.52 -5.14
C ARG E 179 -5.90 -6.30 -5.67
N ILE E 180 -5.39 -5.07 -5.58
CA ILE E 180 -4.06 -4.77 -6.05
C ILE E 180 -3.04 -5.30 -5.06
N ASN E 181 -3.26 -5.06 -3.78
CA ASN E 181 -2.30 -5.47 -2.75
C ASN E 181 -2.06 -6.98 -2.68
N GLU E 182 -3.06 -7.77 -3.06
CA GLU E 182 -2.94 -9.23 -3.09
C GLU E 182 -1.73 -9.69 -3.90
N GLY E 183 -1.47 -8.99 -4.99
CA GLY E 183 -0.37 -9.35 -5.89
C GLY E 183 0.99 -8.78 -5.51
N TRP E 184 1.03 -7.86 -4.54
CA TRP E 184 2.27 -7.21 -4.18
C TRP E 184 3.35 -8.14 -3.62
N PRO E 185 2.99 -9.05 -2.71
CA PRO E 185 4.06 -9.90 -2.15
C PRO E 185 4.82 -10.71 -3.22
N ALA E 186 4.12 -11.23 -4.22
CA ALA E 186 4.80 -11.98 -5.28
C ALA E 186 5.68 -11.06 -6.10
N TYR E 187 5.22 -9.85 -6.35
CA TYR E 187 5.99 -8.86 -7.11
C TYR E 187 7.24 -8.46 -6.32
N GLU E 188 7.06 -8.18 -5.03
CA GLU E 188 8.18 -7.77 -4.20
C GLU E 188 9.23 -8.88 -4.10
N ALA E 189 8.79 -10.12 -3.94
CA ALA E 189 9.71 -11.26 -3.84
C ALA E 189 10.54 -11.39 -5.12
N ALA E 190 9.92 -11.19 -6.27
CA ALA E 190 10.62 -11.27 -7.54
C ALA E 190 11.59 -10.09 -7.71
N LEU E 191 11.20 -8.90 -7.23
CA LEU E 191 12.09 -7.74 -7.31
C LEU E 191 13.34 -7.98 -6.47
N LYS E 192 13.15 -8.48 -5.25
CA LYS E 192 14.28 -8.76 -4.37
C LYS E 192 15.15 -9.90 -4.91
N ALA E 193 14.52 -10.99 -5.39
CA ALA E 193 15.26 -12.13 -5.93
C ALA E 193 16.12 -11.73 -7.12
N ASN E 194 15.72 -10.68 -7.83
CA ASN E 194 16.46 -10.20 -9.00
C ASN E 194 17.27 -8.91 -8.75
N ASN E 195 17.48 -8.58 -7.48
CA ASN E 195 18.22 -7.39 -7.09
C ASN E 195 17.80 -6.10 -7.77
N LYS E 196 16.50 -5.88 -7.88
CA LYS E 196 15.99 -4.69 -8.52
C LYS E 196 15.88 -3.53 -7.55
N VAL E 197 16.03 -2.32 -8.09
CA VAL E 197 15.95 -1.10 -7.31
C VAL E 197 14.49 -0.68 -7.21
N TYR E 198 13.97 -0.58 -5.99
CA TYR E 198 12.58 -0.16 -5.79
C TYR E 198 12.34 0.31 -4.38
N GLU E 199 11.27 1.08 -4.21
CA GLU E 199 10.78 1.49 -2.91
C GLU E 199 9.29 1.39 -3.02
N ALA E 200 8.64 0.86 -1.98
CA ALA E 200 7.20 0.72 -2.00
C ALA E 200 6.64 1.26 -0.70
N TYR E 201 5.48 1.93 -0.81
CA TYR E 201 4.81 2.49 0.36
C TYR E 201 3.33 2.12 0.35
N ILE E 202 2.85 1.69 1.51
CA ILE E 202 1.45 1.38 1.70
C ILE E 202 0.85 2.47 2.60
N TYR E 203 -0.12 3.21 2.07
CA TYR E 203 -0.69 4.34 2.78
C TYR E 203 -1.86 3.87 3.62
N PRO E 204 -1.79 4.05 4.95
CA PRO E 204 -2.84 3.51 5.80
C PRO E 204 -4.19 4.23 5.70
N GLY E 205 -5.26 3.46 5.89
CA GLY E 205 -6.61 4.02 5.98
C GLY E 205 -7.19 4.63 4.73
N VAL E 206 -6.55 4.44 3.58
CA VAL E 206 -7.05 5.01 2.35
C VAL E 206 -7.24 3.91 1.30
N ASN E 207 -7.96 4.23 0.25
CA ASN E 207 -8.26 3.30 -0.82
C ASN E 207 -7.65 3.77 -2.13
N HIS E 208 -7.75 2.92 -3.14
CA HIS E 208 -7.33 3.26 -4.50
C HIS E 208 -7.98 4.62 -4.88
N GLY E 209 -7.24 5.42 -5.64
CA GLY E 209 -7.70 6.75 -6.06
C GLY E 209 -7.47 7.86 -5.06
N PHE E 210 -6.66 7.60 -4.02
CA PHE E 210 -6.46 8.63 -2.98
C PHE E 210 -5.78 9.90 -3.45
N HIS E 211 -5.07 9.85 -4.57
CA HIS E 211 -4.42 11.03 -5.11
C HIS E 211 -5.39 11.88 -5.96
N ASN E 212 -6.50 11.30 -6.38
CA ASN E 212 -7.44 12.00 -7.24
C ASN E 212 -8.36 12.92 -6.45
N ASP E 213 -8.00 14.20 -6.48
CA ASP E 213 -8.70 15.22 -5.73
C ASP E 213 -10.08 15.57 -6.24
N SER E 214 -10.51 14.96 -7.34
CA SER E 214 -11.84 15.21 -7.87
C SER E 214 -12.85 14.13 -7.43
N THR E 215 -12.42 13.20 -6.58
CA THR E 215 -13.27 12.06 -6.16
C THR E 215 -13.34 11.97 -4.63
N PRO E 216 -14.36 11.29 -4.10
CA PRO E 216 -14.50 11.11 -2.65
C PRO E 216 -13.43 10.23 -2.01
N ARG E 217 -12.66 9.50 -2.80
CA ARG E 217 -11.57 8.70 -2.27
C ARG E 217 -10.32 9.53 -1.99
N TYR E 218 -10.33 10.79 -2.40
CA TYR E 218 -9.21 11.67 -2.17
C TYR E 218 -8.81 11.73 -0.71
N ASP E 219 -7.52 11.64 -0.45
CA ASP E 219 -6.99 11.86 0.90
C ASP E 219 -5.77 12.79 0.77
N LYS E 220 -5.92 14.04 1.20
CA LYS E 220 -4.86 15.04 1.01
C LYS E 220 -3.51 14.63 1.58
N SER E 221 -3.50 14.12 2.80
CA SER E 221 -2.26 13.75 3.46
C SER E 221 -1.50 12.66 2.68
N ALA E 222 -2.21 11.61 2.27
CA ALA E 222 -1.57 10.54 1.53
C ALA E 222 -1.17 11.02 0.14
N ALA E 223 -2.04 11.80 -0.50
CA ALA E 223 -1.77 12.33 -1.82
C ALA E 223 -0.51 13.19 -1.87
N ASP E 224 -0.43 14.15 -0.95
CA ASP E 224 0.73 15.02 -0.85
C ASP E 224 2.01 14.26 -0.55
N LEU E 225 1.94 13.32 0.39
CA LEU E 225 3.13 12.56 0.76
C LEU E 225 3.61 11.71 -0.43
N ALA E 226 2.69 11.01 -1.09
CA ALA E 226 3.04 10.23 -2.28
C ALA E 226 3.62 11.11 -3.40
N TRP E 227 3.09 12.30 -3.57
CA TRP E 227 3.62 13.20 -4.58
C TRP E 227 5.01 13.72 -4.22
N GLN E 228 5.25 14.07 -2.96
CA GLN E 228 6.56 14.57 -2.49
C GLN E 228 7.62 13.43 -2.73
N ARG E 229 7.26 12.19 -2.43
CA ARG E 229 8.14 11.05 -2.73
C ARG E 229 8.39 10.87 -4.22
N THR E 230 7.37 11.09 -5.01
CA THR E 230 7.46 10.99 -6.48
C THR E 230 8.43 12.04 -7.03
N LEU E 231 8.33 13.28 -6.56
CA LEU E 231 9.25 14.33 -7.00
C LEU E 231 10.70 14.04 -6.63
N LYS E 232 10.92 13.48 -5.45
CA LYS E 232 12.28 13.12 -5.06
C LYS E 232 12.83 12.00 -5.95
N TRP E 233 11.97 11.09 -6.34
CA TRP E 233 12.35 9.97 -7.21
C TRP E 233 12.74 10.52 -8.58
N PHE E 234 11.91 11.40 -9.12
CA PHE E 234 12.21 12.06 -10.39
C PHE E 234 13.54 12.82 -10.34
N ASP E 235 13.76 13.56 -9.27
CA ASP E 235 14.98 14.33 -9.10
C ASP E 235 16.20 13.42 -9.05
N LYS E 236 16.04 12.27 -8.42
CA LYS E 236 17.13 11.33 -8.30
C LYS E 236 17.45 10.60 -9.61
N TYR E 237 16.44 10.23 -10.38
CA TYR E 237 16.66 9.39 -11.54
C TYR E 237 16.50 9.98 -12.91
N LEU E 238 15.96 11.19 -13.02
CA LEU E 238 15.77 11.78 -14.34
C LEU E 238 16.85 12.73 -14.79
N SER F 1 1.57 17.37 35.34
CA SER F 1 2.95 17.08 35.81
C SER F 1 3.95 17.44 34.73
N ASN F 2 5.07 18.04 35.13
CA ASN F 2 6.16 18.40 34.21
C ASN F 2 7.33 17.41 34.32
N ALA F 3 7.09 16.27 34.97
CA ALA F 3 8.12 15.24 35.11
C ALA F 3 8.56 14.73 33.75
N GLN F 4 9.82 14.30 33.66
CA GLN F 4 10.28 13.58 32.49
C GLN F 4 9.47 12.28 32.35
N VAL F 5 9.25 11.90 31.11
CA VAL F 5 8.46 10.73 30.79
C VAL F 5 9.37 9.71 30.10
N GLU F 6 9.45 8.52 30.68
CA GLU F 6 10.24 7.43 30.09
C GLU F 6 9.75 7.12 28.69
N PHE F 7 10.66 6.85 27.77
CA PHE F 7 10.24 6.51 26.40
C PHE F 7 9.37 5.25 26.37
N THR F 8 9.51 4.41 27.39
CA THR F 8 8.76 3.16 27.50
C THR F 8 7.47 3.27 28.31
N ASP F 9 7.12 4.47 28.77
CA ASP F 9 5.96 4.67 29.63
C ASP F 9 4.74 4.01 28.97
N PRO F 10 4.10 3.05 29.65
CA PRO F 10 2.97 2.36 29.01
C PRO F 10 1.74 3.21 28.72
N GLU F 11 1.68 4.42 29.26
CA GLU F 11 0.53 5.31 29.03
C GLU F 11 0.67 6.12 27.73
N ILE F 12 1.80 5.98 27.04
CA ILE F 12 1.99 6.69 25.77
C ILE F 12 2.43 5.72 24.68
N PHE F 13 2.19 6.10 23.43
CA PHE F 13 2.63 5.33 22.28
C PHE F 13 3.37 6.28 21.35
N ALA F 14 4.67 6.08 21.20
CA ALA F 14 5.51 6.96 20.40
C ALA F 14 6.04 6.27 19.15
N GLU F 15 6.08 7.00 18.04
CA GLU F 15 6.68 6.49 16.82
C GLU F 15 7.13 7.63 15.94
N TYR F 16 8.15 7.38 15.11
CA TYR F 16 8.56 8.39 14.13
C TYR F 16 7.69 8.19 12.90
N ILE F 17 7.28 9.30 12.30
CA ILE F 17 6.49 9.27 11.08
C ILE F 17 7.07 10.25 10.09
N THR F 18 6.55 10.24 8.88
CA THR F 18 6.89 11.28 7.93
C THR F 18 5.56 11.91 7.52
N TYR F 19 5.58 13.20 7.19
CA TYR F 19 4.36 13.89 6.75
C TYR F 19 4.75 14.86 5.62
N PRO F 20 3.80 15.26 4.77
CA PRO F 20 4.17 16.11 3.64
C PRO F 20 4.24 17.58 3.98
N SER F 21 5.23 18.27 3.41
CA SER F 21 5.41 19.70 3.55
C SER F 21 5.78 20.21 2.15
N PRO F 22 4.76 20.40 1.28
CA PRO F 22 5.01 20.79 -0.12
C PRO F 22 5.70 22.14 -0.32
N ASN F 23 5.56 23.06 0.64
CA ASN F 23 6.23 24.35 0.56
C ASN F 23 7.43 24.43 1.48
N GLY F 24 7.81 23.29 2.04
CA GLY F 24 8.95 23.23 2.93
C GLY F 24 9.95 22.24 2.37
N HIS F 25 10.27 21.21 3.14
CA HIS F 25 11.27 20.24 2.72
C HIS F 25 10.71 18.94 2.14
N GLY F 26 9.47 18.97 1.66
CA GLY F 26 8.88 17.86 0.96
C GLY F 26 8.24 16.84 1.87
N GLU F 27 9.08 15.98 2.38
CA GLU F 27 8.70 14.89 3.25
C GLU F 27 9.46 15.18 4.53
N VAL F 28 8.73 15.33 5.62
CA VAL F 28 9.36 15.64 6.86
C VAL F 28 9.13 14.59 7.96
N ARG F 29 10.21 14.23 8.64
CA ARG F 29 10.18 13.29 9.73
C ARG F 29 9.75 14.00 11.01
N GLY F 30 8.94 13.33 11.80
CA GLY F 30 8.45 13.86 13.06
C GLY F 30 8.24 12.77 14.09
N TYR F 31 8.32 13.16 15.36
CA TYR F 31 8.09 12.27 16.49
C TYR F 31 6.64 12.45 16.90
N LEU F 32 5.82 11.42 16.66
CA LEU F 32 4.39 11.44 17.01
C LEU F 32 4.12 10.63 18.27
N VAL F 33 3.51 11.24 19.29
CA VAL F 33 3.24 10.54 20.55
C VAL F 33 1.76 10.68 20.88
N LYS F 34 1.09 9.56 21.14
CA LYS F 34 -0.32 9.52 21.48
C LYS F 34 -0.54 8.94 22.86
N PRO F 35 -1.65 9.31 23.51
CA PRO F 35 -2.06 8.56 24.72
C PRO F 35 -2.30 7.09 24.31
N ALA F 36 -1.82 6.14 25.10
CA ALA F 36 -1.92 4.73 24.74
C ALA F 36 -3.37 4.22 24.74
N LYS F 37 -4.17 4.74 25.66
CA LYS F 37 -5.57 4.35 25.76
C LYS F 37 -6.45 5.48 25.27
N MSE F 38 -6.90 5.38 24.02
CA MSE F 38 -7.75 6.39 23.43
C MSE F 38 -8.95 5.72 22.82
O MSE F 38 -8.81 4.89 21.93
CB MSE F 38 -6.95 7.23 22.42
CG MSE F 38 -6.73 6.56 21.06
SE MSE F 38 -5.05 7.13 20.20
CE MSE F 38 -5.06 9.07 20.52
N SER F 39 -10.13 6.07 23.31
CA SER F 39 -11.36 5.50 22.78
C SER F 39 -11.76 6.33 21.57
N GLY F 40 -12.11 7.60 21.80
CA GLY F 40 -12.54 8.49 20.73
C GLY F 40 -11.43 9.35 20.16
N LYS F 41 -11.82 10.30 19.32
CA LYS F 41 -10.87 11.22 18.70
C LYS F 41 -10.25 12.09 19.79
N THR F 42 -8.99 12.47 19.59
CA THR F 42 -8.23 13.22 20.59
C THR F 42 -7.68 14.52 19.97
N PRO F 43 -7.63 15.62 20.73
CA PRO F 43 -7.07 16.87 20.19
C PRO F 43 -5.55 16.74 20.01
N ALA F 44 -4.97 17.60 19.18
CA ALA F 44 -3.56 17.53 18.86
C ALA F 44 -2.80 18.81 19.23
N VAL F 45 -1.50 18.64 19.46
CA VAL F 45 -0.62 19.72 19.71
C VAL F 45 0.66 19.52 18.90
N VAL F 46 1.06 20.56 18.17
CA VAL F 46 2.33 20.57 17.48
C VAL F 46 3.35 21.17 18.45
N VAL F 47 4.48 20.50 18.61
CA VAL F 47 5.54 20.95 19.52
C VAL F 47 6.76 21.35 18.69
N VAL F 48 7.15 22.61 18.79
CA VAL F 48 8.26 23.15 17.99
C VAL F 48 9.51 23.30 18.80
N HIS F 49 10.61 22.72 18.28
CA HIS F 49 11.87 22.72 19.00
C HIS F 49 12.54 24.08 19.06
N GLU F 50 13.73 24.09 19.68
CA GLU F 50 14.54 25.30 19.81
C GLU F 50 15.42 25.50 18.54
N ASN F 51 16.62 26.05 18.71
CA ASN F 51 17.54 26.32 17.59
C ASN F 51 18.54 25.22 17.29
N ARG F 52 18.27 23.99 17.75
CA ARG F 52 19.21 22.90 17.48
C ARG F 52 18.57 21.57 17.14
N GLY F 53 17.42 21.64 16.49
CA GLY F 53 16.74 20.44 16.02
C GLY F 53 15.99 19.66 17.08
N LEU F 54 15.52 18.50 16.66
CA LEU F 54 14.72 17.64 17.49
C LEU F 54 15.62 16.82 18.41
N ASN F 55 15.96 17.39 19.56
CA ASN F 55 16.84 16.71 20.50
C ASN F 55 16.05 15.96 21.59
N PRO F 56 16.73 15.24 22.51
CA PRO F 56 15.95 14.42 23.44
C PRO F 56 15.03 15.19 24.39
N TYR F 57 15.36 16.44 24.69
CA TYR F 57 14.51 17.27 25.55
C TYR F 57 13.16 17.51 24.90
N ILE F 58 13.17 17.89 23.61
CA ILE F 58 11.89 18.13 22.90
C ILE F 58 11.08 16.84 22.73
N GLU F 59 11.76 15.72 22.48
CA GLU F 59 11.07 14.43 22.40
C GLU F 59 10.40 14.11 23.74
N ASP F 60 11.08 14.42 24.84
CA ASP F 60 10.48 14.21 26.15
C ASP F 60 9.25 15.12 26.34
N VAL F 61 9.35 16.37 25.90
CA VAL F 61 8.21 17.29 26.01
C VAL F 61 7.00 16.75 25.25
N ALA F 62 7.25 16.16 24.08
CA ALA F 62 6.19 15.57 23.30
C ALA F 62 5.52 14.47 24.12
N ARG F 63 6.31 13.65 24.79
CA ARG F 63 5.77 12.60 25.64
C ARG F 63 4.96 13.18 26.81
N ARG F 64 5.41 14.30 27.38
CA ARG F 64 4.67 14.96 28.46
C ARG F 64 3.32 15.45 27.96
N VAL F 65 3.27 15.94 26.72
CA VAL F 65 2.00 16.36 26.11
C VAL F 65 1.05 15.17 25.95
N ALA F 66 1.57 14.03 25.50
CA ALA F 66 0.75 12.82 25.36
C ALA F 66 0.29 12.28 26.72
N LYS F 67 1.15 12.37 27.75
CA LYS F 67 0.74 11.97 29.09
C LYS F 67 -0.43 12.84 29.59
N ALA F 68 -0.48 14.10 29.17
CA ALA F 68 -1.54 15.01 29.55
C ALA F 68 -2.84 14.75 28.77
N GLY F 69 -2.79 13.87 27.76
CA GLY F 69 -3.98 13.44 27.03
C GLY F 69 -4.12 13.93 25.60
N TYR F 70 -3.06 14.42 24.98
CA TYR F 70 -3.16 14.95 23.61
C TYR F 70 -2.24 14.21 22.65
N ILE F 71 -2.57 14.23 21.36
CA ILE F 71 -1.68 13.69 20.36
C ILE F 71 -0.63 14.78 20.08
N ALA F 72 0.64 14.46 20.25
CA ALA F 72 1.69 15.42 20.05
C ALA F 72 2.53 15.06 18.83
N LEU F 73 2.86 16.07 18.03
CA LEU F 73 3.74 15.90 16.89
C LEU F 73 4.86 16.93 16.98
N ALA F 74 6.09 16.43 17.04
CA ALA F 74 7.29 17.29 17.10
C ALA F 74 8.13 17.05 15.84
N PRO F 75 8.02 17.96 14.86
CA PRO F 75 8.79 17.75 13.64
C PRO F 75 10.29 17.89 13.83
N ASP F 76 11.05 17.29 12.91
CA ASP F 76 12.51 17.44 12.91
C ASP F 76 12.96 18.45 11.86
N GLY F 77 13.28 19.63 12.31
CA GLY F 77 13.71 20.72 11.43
C GLY F 77 15.07 20.51 10.80
N LEU F 78 15.81 19.51 11.28
CA LEU F 78 17.08 19.13 10.66
C LEU F 78 16.97 17.93 9.73
N ASN F 79 15.73 17.55 9.38
CA ASN F 79 15.57 16.38 8.53
C ASN F 79 16.23 16.49 7.15
N SER F 80 16.34 17.71 6.62
CA SER F 80 16.93 17.90 5.29
C SER F 80 18.47 17.82 5.30
N VAL F 81 19.06 17.86 6.49
CA VAL F 81 20.51 17.83 6.62
C VAL F 81 20.97 16.70 7.53
N GLY F 82 20.23 15.59 7.53
CA GLY F 82 20.62 14.36 8.27
C GLY F 82 20.01 14.13 9.63
N GLY F 83 19.17 15.04 10.10
CA GLY F 83 18.54 14.87 11.42
C GLY F 83 19.42 15.35 12.57
N TYR F 84 18.89 15.32 13.78
CA TYR F 84 19.66 15.73 14.97
C TYR F 84 20.97 14.96 14.97
N PRO F 85 22.11 15.67 14.95
CA PRO F 85 23.41 15.01 14.82
C PRO F 85 23.98 14.39 16.08
N GLY F 86 23.27 14.49 17.20
CA GLY F 86 23.70 13.87 18.46
C GLY F 86 24.19 14.84 19.50
N ASN F 87 24.55 16.05 19.08
CA ASN F 87 24.96 17.10 20.01
C ASN F 87 24.39 18.45 19.62
N ASP F 88 24.12 19.27 20.63
CA ASP F 88 23.51 20.57 20.43
C ASP F 88 24.34 21.57 19.61
N ASP F 89 25.67 21.55 19.77
CA ASP F 89 26.52 22.47 19.00
C ASP F 89 26.37 22.24 17.50
N LYS F 90 26.46 20.98 17.09
CA LYS F 90 26.34 20.67 15.69
C LYS F 90 24.91 20.93 15.24
N GLY F 91 23.95 20.67 16.12
CA GLY F 91 22.55 20.93 15.83
C GLY F 91 22.32 22.41 15.52
N ARG F 92 22.90 23.28 16.33
N ARG F 92 22.89 23.29 16.35
CA ARG F 92 22.79 24.71 16.13
CA ARG F 92 22.76 24.72 16.11
C ARG F 92 23.37 25.15 14.80
C ARG F 92 23.34 25.11 14.77
N GLU F 93 24.55 24.63 14.49
CA GLU F 93 25.24 24.93 13.25
C GLU F 93 24.42 24.50 12.06
N LEU F 94 23.86 23.29 12.12
CA LEU F 94 23.06 22.77 11.01
C LEU F 94 21.76 23.54 10.83
N GLN F 95 21.11 23.91 11.92
CA GLN F 95 19.82 24.60 11.79
C GLN F 95 19.96 25.96 11.13
N GLN F 96 21.08 26.65 11.39
CA GLN F 96 21.32 27.94 10.77
C GLN F 96 21.52 27.82 9.23
N GLN F 97 21.90 26.63 8.71
CA GLN F 97 22.05 26.42 7.28
C GLN F 97 20.71 26.15 6.57
N VAL F 98 19.68 25.78 7.31
CA VAL F 98 18.40 25.42 6.72
C VAL F 98 17.67 26.69 6.33
N ASP F 99 17.04 26.68 5.15
CA ASP F 99 16.29 27.84 4.68
C ASP F 99 15.18 28.18 5.68
N PRO F 100 15.18 29.41 6.20
CA PRO F 100 14.22 29.76 7.23
C PRO F 100 12.76 29.62 6.86
N THR F 101 12.41 30.03 5.64
CA THR F 101 11.03 29.96 5.19
C THR F 101 10.55 28.53 5.05
N LYS F 102 11.38 27.66 4.48
CA LYS F 102 11.02 26.26 4.32
C LYS F 102 10.90 25.58 5.67
N LEU F 103 11.79 25.95 6.60
CA LEU F 103 11.76 25.37 7.94
C LEU F 103 10.43 25.73 8.66
N MSE F 104 10.07 27.00 8.62
N MSE F 104 10.04 27.00 8.62
CA MSE F 104 8.83 27.46 9.23
CA MSE F 104 8.78 27.40 9.28
C MSE F 104 7.67 26.75 8.60
C MSE F 104 7.63 26.73 8.58
O MSE F 104 6.77 26.29 9.29
O MSE F 104 6.69 26.28 9.22
CB MSE F 104 8.67 28.97 9.09
CB MSE F 104 8.60 28.92 9.33
CG MSE F 104 7.35 29.47 9.70
CG MSE F 104 7.75 29.31 10.57
SE MSE F 104 7.11 31.40 9.26
SE MSE F 104 7.51 31.28 10.66
CE MSE F 104 6.80 31.23 7.33
CE MSE F 104 8.62 31.76 12.21
N ASN F 105 7.69 26.64 7.26
CA ASN F 105 6.62 25.93 6.53
C ASN F 105 6.46 24.48 6.93
N ASP F 106 7.56 23.82 7.29
CA ASP F 106 7.48 22.45 7.81
C ASP F 106 6.63 22.36 9.08
N PHE F 107 6.78 23.33 9.99
CA PHE F 107 5.94 23.38 11.19
C PHE F 107 4.49 23.72 10.89
N PHE F 108 4.27 24.63 9.95
CA PHE F 108 2.92 24.97 9.51
C PHE F 108 2.26 23.72 8.92
N ALA F 109 3.02 22.96 8.13
CA ALA F 109 2.51 21.75 7.49
C ALA F 109 2.13 20.71 8.53
N ALA F 110 2.84 20.71 9.66
CA ALA F 110 2.54 19.78 10.74
C ALA F 110 1.18 20.13 11.36
N ILE F 111 0.87 21.42 11.46
CA ILE F 111 -0.46 21.82 11.95
C ILE F 111 -1.55 21.28 11.02
N GLU F 112 -1.37 21.49 9.73
CA GLU F 112 -2.35 21.04 8.75
C GLU F 112 -2.51 19.51 8.75
N PHE F 113 -1.39 18.80 8.88
CA PHE F 113 -1.39 17.36 8.97
C PHE F 113 -2.17 16.88 10.20
N MSE F 114 -1.96 17.53 11.33
CA MSE F 114 -2.66 17.12 12.58
C MSE F 114 -4.15 17.49 12.52
O MSE F 114 -4.98 16.85 13.20
CB MSE F 114 -1.94 17.68 13.78
CG MSE F 114 -0.58 17.03 14.02
SE MSE F 114 -0.65 15.05 14.11
CE MSE F 114 -1.94 14.91 15.57
N GLN F 115 -4.50 18.50 11.73
CA GLN F 115 -5.90 18.89 11.56
C GLN F 115 -6.70 17.78 10.91
N ARG F 116 -6.05 17.06 9.98
CA ARG F 116 -6.71 16.02 9.20
C ARG F 116 -6.43 14.61 9.67
N TYR F 117 -5.64 14.46 10.73
CA TYR F 117 -5.25 13.16 11.24
C TYR F 117 -6.50 12.38 11.70
N PRO F 118 -6.72 11.14 11.20
CA PRO F 118 -7.97 10.39 11.47
C PRO F 118 -8.30 10.17 12.94
N GLN F 119 -7.30 9.96 13.77
CA GLN F 119 -7.54 9.76 15.19
C GLN F 119 -7.66 11.07 15.98
N ALA F 120 -7.47 12.21 15.31
CA ALA F 120 -7.57 13.52 15.97
C ALA F 120 -8.96 14.12 15.80
N THR F 121 -9.29 15.09 16.64
CA THR F 121 -10.61 15.75 16.59
C THR F 121 -10.69 16.81 15.51
N GLY F 122 -9.55 17.28 15.01
CA GLY F 122 -9.52 18.37 14.04
C GLY F 122 -9.00 19.66 14.66
N LYS F 123 -9.02 19.75 15.99
CA LYS F 123 -8.48 20.93 16.66
C LYS F 123 -7.00 20.72 16.90
N VAL F 124 -6.21 21.76 16.63
CA VAL F 124 -4.77 21.70 16.83
C VAL F 124 -4.28 22.94 17.58
N GLY F 125 -3.44 22.70 18.59
CA GLY F 125 -2.79 23.75 19.32
C GLY F 125 -1.31 23.68 19.00
N ILE F 126 -0.56 24.70 19.42
CA ILE F 126 0.87 24.71 19.18
C ILE F 126 1.63 25.29 20.35
N THR F 127 2.81 24.74 20.62
CA THR F 127 3.68 25.28 21.67
C THR F 127 5.12 25.07 21.21
N GLY F 128 6.00 25.92 21.68
CA GLY F 128 7.39 25.84 21.30
C GLY F 128 8.25 26.69 22.20
N PHE F 129 9.55 26.45 22.11
CA PHE F 129 10.51 27.09 22.95
C PHE F 129 11.57 27.82 22.13
N CME F 130 11.93 29.04 22.53
CA CME F 130 12.95 29.86 21.86
CB CME F 130 14.36 29.26 21.98
SG CME F 130 14.91 28.99 23.64
SD CME F 130 16.85 28.54 23.27
CE CME F 130 17.64 28.71 24.85
CZ CME F 130 18.26 27.42 25.48
OH CME F 130 17.37 26.29 25.56
C CME F 130 12.49 30.01 20.42
O CME F 130 11.44 30.63 20.16
N TYR F 131 13.28 29.51 19.48
CA TYR F 131 12.89 29.48 18.07
C TYR F 131 11.42 29.08 17.94
N GLY F 132 11.06 28.04 18.69
CA GLY F 132 9.72 27.49 18.63
C GLY F 132 8.63 28.40 19.16
N GLY F 133 8.98 29.29 20.07
CA GLY F 133 8.01 30.29 20.57
C GLY F 133 7.69 31.27 19.45
N GLY F 134 8.72 31.63 18.68
CA GLY F 134 8.57 32.49 17.50
C GLY F 134 7.64 31.87 16.46
N VAL F 135 7.84 30.59 16.20
CA VAL F 135 6.99 29.86 15.27
C VAL F 135 5.55 29.79 15.79
N SER F 136 5.38 29.61 17.10
CA SER F 136 4.04 29.56 17.71
C SER F 136 3.26 30.84 17.46
N ASN F 137 3.91 31.99 17.64
CA ASN F 137 3.29 33.28 17.36
C ASN F 137 2.98 33.44 15.87
N ALA F 138 3.93 33.05 15.02
CA ALA F 138 3.72 33.12 13.58
C ALA F 138 2.56 32.24 13.14
N ALA F 139 2.41 31.08 13.78
CA ALA F 139 1.29 30.19 13.49
C ALA F 139 -0.04 30.83 13.90
N ALA F 140 -0.05 31.56 15.03
CA ALA F 140 -1.27 32.23 15.48
C ALA F 140 -1.70 33.26 14.46
N VAL F 141 -0.74 33.94 13.86
CA VAL F 141 -1.03 34.90 12.80
C VAL F 141 -1.58 34.21 11.55
N ALA F 142 -0.95 33.09 11.16
CA ALA F 142 -1.30 32.42 9.90
C ALA F 142 -2.55 31.52 9.90
N TYR F 143 -2.94 30.97 11.05
CA TYR F 143 -4.09 30.03 11.10
C TYR F 143 -5.22 30.50 12.00
N PRO F 144 -6.26 31.11 11.41
CA PRO F 144 -7.33 31.64 12.25
C PRO F 144 -8.09 30.55 13.04
N GLU F 145 -8.03 29.31 12.58
CA GLU F 145 -8.69 28.19 13.26
C GLU F 145 -7.81 27.48 14.32
N LEU F 146 -6.58 27.92 14.50
CA LEU F 146 -5.66 27.31 15.49
C LEU F 146 -6.33 27.39 16.84
N ALA F 147 -6.40 26.28 17.56
CA ALA F 147 -7.11 26.25 18.83
C ALA F 147 -6.48 27.08 19.94
N CYS F 148 -5.15 27.12 19.97
CA CYS F 148 -4.40 27.89 20.96
C CYS F 148 -2.93 27.89 20.62
N ALA F 149 -2.18 28.84 21.19
CA ALA F 149 -0.75 28.92 20.97
C ALA F 149 -0.06 29.31 22.27
N VAL F 150 1.05 28.62 22.56
CA VAL F 150 1.77 28.82 23.81
C VAL F 150 3.29 29.00 23.53
N PRO F 151 3.70 30.24 23.22
CA PRO F 151 5.11 30.50 23.01
C PRO F 151 5.90 30.67 24.31
N PHE F 152 6.98 29.91 24.43
CA PHE F 152 7.93 30.07 25.53
C PHE F 152 9.08 30.91 25.01
N TYR F 153 9.30 32.06 25.66
CA TYR F 153 10.43 32.95 25.39
C TYR F 153 10.88 33.00 23.95
N GLY F 154 9.95 33.41 23.09
CA GLY F 154 10.17 33.47 21.65
C GLY F 154 9.78 34.79 21.04
N ARG F 155 10.22 34.98 19.82
CA ARG F 155 9.94 36.19 19.05
C ARG F 155 8.45 36.51 18.95
N GLN F 156 8.11 37.78 19.15
CA GLN F 156 6.75 38.25 19.12
C GLN F 156 6.20 38.20 17.68
N ALA F 157 4.87 38.27 17.55
CA ALA F 157 4.27 38.38 16.23
C ALA F 157 4.51 39.78 15.72
N PRO F 158 4.55 39.96 14.38
CA PRO F 158 4.69 41.32 13.84
C PRO F 158 3.45 42.17 14.21
N THR F 159 3.67 43.38 14.69
CA THR F 159 2.58 44.22 15.16
C THR F 159 1.44 44.42 14.17
N ALA F 160 1.78 44.66 12.89
CA ALA F 160 0.75 44.88 11.88
C ALA F 160 -0.11 43.62 11.59
N ASP F 161 0.31 42.46 12.05
CA ASP F 161 -0.42 41.21 11.81
C ASP F 161 -1.27 40.75 13.01
N VAL F 162 -1.18 41.46 14.12
CA VAL F 162 -1.87 41.05 15.35
C VAL F 162 -3.39 40.94 15.19
N ALA F 163 -4.00 41.82 14.40
CA ALA F 163 -5.45 41.78 14.18
C ALA F 163 -5.93 40.45 13.58
N LYS F 164 -5.05 39.75 12.86
CA LYS F 164 -5.38 38.46 12.26
C LYS F 164 -5.46 37.30 13.26
N ILE F 165 -4.81 37.44 14.42
CA ILE F 165 -4.76 36.36 15.41
C ILE F 165 -6.12 36.03 16.02
N GLU F 166 -6.46 34.75 16.02
CA GLU F 166 -7.69 34.28 16.66
C GLU F 166 -7.41 33.27 17.80
N ALA F 167 -6.30 32.55 17.73
CA ALA F 167 -5.95 31.57 18.76
C ALA F 167 -5.62 32.26 20.08
N PRO F 168 -6.24 31.80 21.19
CA PRO F 168 -5.90 32.28 22.52
C PRO F 168 -4.42 32.03 22.79
N LEU F 169 -3.73 33.06 23.27
CA LEU F 169 -2.28 33.01 23.48
C LEU F 169 -1.90 32.97 24.94
N LEU F 170 -1.03 32.03 25.29
CA LEU F 170 -0.45 31.98 26.62
C LEU F 170 1.05 32.18 26.42
N LEU F 171 1.56 33.32 26.86
CA LEU F 171 2.97 33.65 26.65
C LEU F 171 3.79 33.56 27.94
N HIS F 172 4.89 32.82 27.87
CA HIS F 172 5.82 32.71 29.00
C HIS F 172 7.12 33.48 28.67
N PHE F 173 7.50 34.42 29.52
CA PHE F 173 8.71 35.19 29.34
C PHE F 173 9.63 35.06 30.54
N ALA F 174 10.93 35.08 30.31
CA ALA F 174 11.92 35.05 31.37
C ALA F 174 12.36 36.47 31.64
N GLU F 175 12.43 36.84 32.92
CA GLU F 175 12.80 38.22 33.27
C GLU F 175 14.13 38.68 32.65
N LEU F 176 15.13 37.82 32.68
CA LEU F 176 16.46 38.19 32.22
C LEU F 176 16.63 38.16 30.69
N ASP F 177 15.64 37.66 29.97
CA ASP F 177 15.69 37.53 28.51
C ASP F 177 15.34 38.85 27.81
N THR F 178 16.24 39.82 27.93
CA THR F 178 15.97 41.18 27.47
C THR F 178 15.72 41.33 25.99
N ARG F 179 16.40 40.55 25.15
CA ARG F 179 16.18 40.65 23.71
C ARG F 179 14.75 40.35 23.32
N ILE F 180 14.16 39.32 23.91
CA ILE F 180 12.77 38.99 23.60
C ILE F 180 11.81 39.96 24.31
N ASN F 181 12.07 40.23 25.57
CA ASN F 181 11.20 41.12 26.35
C ASN F 181 11.07 42.53 25.80
N GLU F 182 12.11 43.00 25.12
CA GLU F 182 12.11 44.33 24.52
C GLU F 182 10.93 44.53 23.55
N GLY F 183 10.52 43.46 22.86
CA GLY F 183 9.39 43.54 21.92
C GLY F 183 8.02 43.26 22.52
N TRP F 184 7.98 42.82 23.76
CA TRP F 184 6.69 42.47 24.37
C TRP F 184 5.71 43.63 24.52
N PRO F 185 6.16 44.81 25.01
CA PRO F 185 5.19 45.89 25.18
C PRO F 185 4.43 46.26 23.91
N ALA F 186 5.11 46.29 22.76
CA ALA F 186 4.41 46.60 21.51
C ALA F 186 3.40 45.50 21.16
N TYR F 187 3.78 44.26 21.41
CA TYR F 187 2.90 43.12 21.11
C TYR F 187 1.69 43.15 22.03
N GLU F 188 1.93 43.37 23.31
CA GLU F 188 0.82 43.46 24.26
C GLU F 188 -0.15 44.59 23.91
N ALA F 189 0.37 45.76 23.57
CA ALA F 189 -0.47 46.90 23.24
C ALA F 189 -1.37 46.58 22.04
N ALA F 190 -0.83 45.89 21.05
CA ALA F 190 -1.61 45.50 19.87
C ALA F 190 -2.67 44.42 20.20
N LEU F 191 -2.33 43.50 21.10
CA LEU F 191 -3.27 42.49 21.54
C LEU F 191 -4.45 43.14 22.24
N LYS F 192 -4.17 44.06 23.16
CA LYS F 192 -5.21 44.76 23.85
C LYS F 192 -6.05 45.63 22.92
N ALA F 193 -5.38 46.38 22.04
CA ALA F 193 -6.09 47.28 21.12
C ALA F 193 -7.06 46.51 20.22
N ASN F 194 -6.76 45.25 19.97
CA ASN F 194 -7.59 44.40 19.12
C ASN F 194 -8.43 43.38 19.88
N ASN F 195 -8.57 43.57 21.18
CA ASN F 195 -9.38 42.71 22.05
C ASN F 195 -9.08 41.24 21.92
N LYS F 196 -7.81 40.90 21.87
CA LYS F 196 -7.41 39.49 21.72
C LYS F 196 -7.34 38.81 23.05
N VAL F 197 -7.59 37.51 23.05
CA VAL F 197 -7.56 36.69 24.25
C VAL F 197 -6.12 36.23 24.48
N TYR F 198 -5.55 36.62 25.62
CA TYR F 198 -4.19 36.21 25.95
C TYR F 198 -3.94 36.30 27.45
N GLU F 199 -2.93 35.59 27.91
CA GLU F 199 -2.38 35.74 29.26
C GLU F 199 -0.88 35.67 29.10
N ALA F 200 -0.17 36.53 29.81
CA ALA F 200 1.28 36.56 29.71
C ALA F 200 1.87 36.57 31.10
N TYR F 201 2.96 35.85 31.27
CA TYR F 201 3.65 35.74 32.56
C TYR F 201 5.13 35.96 32.39
N ILE F 202 5.69 36.78 33.28
CA ILE F 202 7.12 37.03 33.32
C ILE F 202 7.66 36.35 34.57
N TYR F 203 8.55 35.39 34.39
CA TYR F 203 9.08 34.59 35.50
C TYR F 203 10.32 35.30 36.05
N PRO F 204 10.29 35.71 37.34
CA PRO F 204 11.42 36.45 37.89
C PRO F 204 12.70 35.65 38.08
N GLY F 205 13.83 36.34 37.92
CA GLY F 205 15.13 35.77 38.23
C GLY F 205 15.62 34.64 37.34
N VAL F 206 14.97 34.40 36.21
CA VAL F 206 15.38 33.32 35.30
C VAL F 206 15.60 33.88 33.92
N ASN F 207 16.26 33.08 33.08
CA ASN F 207 16.57 33.47 31.73
C ASN F 207 15.89 32.56 30.72
N HIS F 208 16.02 32.90 29.45
CA HIS F 208 15.50 32.08 28.36
C HIS F 208 16.03 30.65 28.57
N GLY F 209 15.20 29.69 28.19
CA GLY F 209 15.54 28.27 28.32
C GLY F 209 15.26 27.67 29.66
N PHE F 210 14.51 28.37 30.52
CA PHE F 210 14.32 27.88 31.89
C PHE F 210 13.56 26.56 32.00
N HIS F 211 12.82 26.20 30.95
CA HIS F 211 12.08 24.95 30.94
C HIS F 211 12.96 23.79 30.49
N ASN F 212 14.10 24.08 29.88
CA ASN F 212 14.97 23.04 29.34
C ASN F 212 15.86 22.45 30.43
N ASP F 213 15.44 21.30 30.92
CA ASP F 213 16.10 20.63 32.03
C ASP F 213 17.44 19.98 31.64
N SER F 214 17.83 20.06 30.37
CA SER F 214 19.14 19.55 29.94
C SER F 214 20.23 20.64 29.91
N THR F 215 19.90 21.85 30.35
CA THR F 215 20.82 22.99 30.29
C THR F 215 20.97 23.65 31.65
N PRO F 216 22.06 24.41 31.86
CA PRO F 216 22.26 25.16 33.13
C PRO F 216 21.24 26.29 33.37
N ARG F 217 20.49 26.69 32.34
N ARG F 217 20.52 26.68 32.32
CA ARG F 217 19.47 27.74 32.51
CA ARG F 217 19.50 27.72 32.43
C ARG F 217 18.17 27.18 33.09
C ARG F 217 18.20 27.18 33.04
N TYR F 218 18.11 25.86 33.24
CA TYR F 218 16.93 25.24 33.82
C TYR F 218 16.59 25.81 35.18
N ASP F 219 15.32 26.10 35.40
CA ASP F 219 14.85 26.48 36.74
C ASP F 219 13.58 25.67 37.01
N LYS F 220 13.66 24.72 37.94
CA LYS F 220 12.54 23.82 38.21
C LYS F 220 11.23 24.54 38.58
N SER F 221 11.31 25.52 39.48
N SER F 221 11.33 25.51 39.49
CA SER F 221 10.12 26.23 39.93
CA SER F 221 10.19 26.27 39.96
C SER F 221 9.41 26.95 38.80
C SER F 221 9.44 26.92 38.80
N ALA F 222 10.16 27.69 37.98
CA ALA F 222 9.55 28.39 36.87
C ALA F 222 9.04 27.39 35.82
N ALA F 223 9.83 26.36 35.54
CA ALA F 223 9.47 25.36 34.53
C ALA F 223 8.15 24.70 34.88
N ASP F 224 8.05 24.21 36.12
CA ASP F 224 6.85 23.49 36.58
C ASP F 224 5.63 24.39 36.56
N LEU F 225 5.78 25.63 37.02
CA LEU F 225 4.66 26.58 37.03
C LEU F 225 4.21 26.89 35.60
N ALA F 226 5.15 27.18 34.71
CA ALA F 226 4.80 27.45 33.32
C ALA F 226 4.11 26.24 32.68
N TRP F 227 4.59 25.04 33.00
CA TRP F 227 3.97 23.84 32.42
C TRP F 227 2.53 23.63 32.94
N GLN F 228 2.31 23.88 34.22
CA GLN F 228 0.98 23.73 34.80
C GLN F 228 0.03 24.68 34.10
N ARG F 229 0.46 25.92 33.92
CA ARG F 229 -0.35 26.92 33.22
C ARG F 229 -0.64 26.49 31.78
N THR F 230 0.35 25.89 31.15
CA THR F 230 0.22 25.40 29.77
C THR F 230 -0.83 24.29 29.68
N LEU F 231 -0.79 23.33 30.61
CA LEU F 231 -1.77 22.25 30.60
C LEU F 231 -3.20 22.77 30.84
N LYS F 232 -3.34 23.77 31.70
CA LYS F 232 -4.66 24.36 31.95
C LYS F 232 -5.18 25.05 30.69
N TRP F 233 -4.28 25.68 29.95
CA TRP F 233 -4.64 26.36 28.71
C TRP F 233 -5.11 25.33 27.70
N PHE F 234 -4.34 24.26 27.55
CA PHE F 234 -4.74 23.17 26.62
C PHE F 234 -6.08 22.59 27.00
N ASP F 235 -6.29 22.34 28.29
CA ASP F 235 -7.52 21.77 28.77
C ASP F 235 -8.70 22.70 28.44
N LYS F 236 -8.48 24.00 28.55
CA LYS F 236 -9.52 24.98 28.29
C LYS F 236 -9.85 25.12 26.81
N TYR F 237 -8.83 25.13 25.96
CA TYR F 237 -9.05 25.45 24.54
C TYR F 237 -8.95 24.36 23.52
N LEU F 238 -8.50 23.16 23.91
CA LEU F 238 -8.43 22.06 22.96
C LEU F 238 -9.64 21.14 23.07
C1 GOL G . 16.83 12.69 34.53
O1 GOL G . 17.49 12.66 33.26
C2 GOL G . 16.13 11.37 34.82
O2 GOL G . 17.11 10.44 35.29
C3 GOL G . 15.39 10.80 33.60
O3 GOL G . 15.48 9.37 33.51
C1 GOL H . 32.51 -8.56 9.23
O1 GOL H . 32.14 -9.38 8.11
C2 GOL H . 33.39 -7.39 8.80
O2 GOL H . 32.64 -6.48 7.98
C3 GOL H . 34.59 -7.85 8.00
O3 GOL H . 35.34 -8.84 8.72
C1 GOL I . 44.97 2.80 11.88
O1 GOL I . 45.33 2.02 10.73
C2 GOL I . 45.05 4.29 11.57
O2 GOL I . 46.03 4.54 10.54
C3 GOL I . 45.44 5.05 12.83
O3 GOL I . 45.68 6.41 12.46
P PO4 J . -39.14 24.10 -25.62
O1 PO4 J . -37.66 24.37 -25.48
O2 PO4 J . -39.93 25.32 -25.22
O3 PO4 J . -39.46 23.71 -27.05
O4 PO4 J . -39.54 22.97 -24.71
C1 GOL K . -27.14 33.94 -37.08
O1 GOL K . -27.06 34.62 -38.33
C2 GOL K . -28.47 33.25 -37.00
O2 GOL K . -29.47 34.11 -36.47
C3 GOL K . -28.34 32.01 -36.14
O3 GOL K . -28.08 30.93 -37.02
C1 GOL L . -16.18 -22.18 -28.36
O1 GOL L . -15.38 -21.01 -28.53
C2 GOL L . -15.24 -23.38 -28.39
O2 GOL L . -15.95 -24.52 -27.88
C3 GOL L . -14.00 -23.08 -27.53
O3 GOL L . -12.91 -23.99 -27.77
C1 GOL M . 6.12 28.68 -28.45
O1 GOL M . 5.60 29.71 -29.28
C2 GOL M . 6.65 29.31 -27.17
O2 GOL M . 6.98 28.28 -26.23
C3 GOL M . 5.60 30.27 -26.60
O3 GOL M . 5.78 30.44 -25.19
C1 GOL N . 5.56 2.23 -30.11
O1 GOL N . 4.48 2.41 -31.02
C2 GOL N . 5.90 0.75 -30.25
O2 GOL N . 7.33 0.54 -30.20
C3 GOL N . 5.14 -0.02 -29.17
O3 GOL N . 3.96 -0.55 -29.75
C1 PGE O . -5.68 11.81 6.52
O1 PGE O . -6.71 10.79 6.43
C2 PGE O . -4.68 11.40 7.60
O2 PGE O . -3.32 11.21 7.18
C3 PGE O . -2.49 10.69 8.23
C4 PGE O . -2.51 9.18 8.34
O4 PGE O . 0.86 8.22 10.82
C6 PGE O . 1.02 8.73 9.49
C5 PGE O . -0.21 8.48 8.59
O3 PGE O . -1.46 8.75 9.24
C1 GOL P . 16.80 10.77 9.68
O1 GOL P . 17.10 12.16 9.82
C2 GOL P . 17.77 9.97 10.54
O2 GOL P . 18.01 10.72 11.72
C3 GOL P . 17.18 8.60 10.85
O3 GOL P . 18.14 7.58 10.59
C1 GOL Q . -0.11 20.42 3.47
O1 GOL Q . -1.47 20.49 3.92
C2 GOL Q . 0.40 19.04 3.88
O2 GOL Q . -0.45 18.06 3.24
C3 GOL Q . 0.35 18.99 5.41
O3 GOL Q . 0.97 17.84 6.00
C1 GOL R . 2.48 26.33 3.28
O1 GOL R . 3.25 27.15 4.15
C2 GOL R . 1.50 25.52 4.12
O2 GOL R . 0.81 26.40 5.00
C3 GOL R . 2.27 24.48 4.92
O3 GOL R . 2.32 23.28 4.15
C1 PEG S . -5.35 28.54 6.27
O1 PEG S . -5.95 28.13 7.52
C2 PEG S . -4.22 29.54 6.52
O2 PEG S . -3.20 29.38 5.52
C3 PEG S . -1.92 29.82 5.99
C4 PEG S . -0.89 29.72 4.88
O4 PEG S . 0.34 29.23 5.41
#